data_6QTP
#
_entry.id   6QTP
#
_cell.length_a   86.341
_cell.length_b   123.653
_cell.length_c   94.099
_cell.angle_alpha   90.00
_cell.angle_beta   117.10
_cell.angle_gamma   90.00
#
_symmetry.space_group_name_H-M   'P 1 21 1'
#
loop_
_entity.id
_entity.type
_entity.pdbx_description
1 polymer 'DNA gyrase subunit B,DNA gyrase subunit B'
2 polymer 'DNA gyrase subunit A'
3 polymer "DNA (5'-D(*GP*AP*GP*CP*GP*TP*AP*CP*AP*GP*CP*TP*GP*TP*AP*CP*GP*CP*TP*T)-3')"
4 non-polymer 'MANGANESE (II) ION'
5 non-polymer 'SODIUM ION'
6 non-polymer GLYCEROL
7 non-polymer 'SULFATE ION'
8 non-polymer (3~{R})-3-[[4-(3,4-dihydro-2~{H}-pyrano[2,3-c]pyridin-6-ylmethylamino)piperidin-1-yl]methyl]-1,4,7-triazatricyclo[6.3.1.0^{4,12}]dodeca-6,8(12),9-triene-5,11-dione
9 water water
#
loop_
_entity_poly.entity_id
_entity_poly.type
_entity_poly.pdbx_seq_one_letter_code
_entity_poly.pdbx_strand_id
1 'polypeptide(L)'
;MDVASLPGKLADCSSKSPEECEIFLVEGDSAGGSTKSGRDSRTQAILPLRGKILNVEKARLDRILNNNEIRQMITAFGTG
IGGDFDLAKARYHKIVIMTDADVDGAHIRTLLLTFFYRFMRPLIEAGYVYIAQPPTGYKGLGEMNADQLWETTMNPEHRA
LLQVKLEDAIEADQTFEMLMGDVVENRRQFIEDNAVYANLDF
;
B,D
2 'polypeptide(L)'
;AELPQSRINERNITSEMRESFLDYAMSVIVARALPDVRDGLKPVHRRILYGLNEQGMTPDKSYKKSARIVGDVMGKYHPH
GDSSIYEAMVRMAQDFSYRYPLVDGQGNFGSMDGDGAAAMRYTEARMTKITLELLRDINKDTIDFIDNYDGNEREPSVLP
ARFPNLLANGASGIAVGMATNIPPHNLTELINGVLSLSKNPDISIAELMEDIEGPDFPTAGLILGKSGIRRAYETGRGSI
QMRSRAVIEERGGGRQRIVVTEIPFQVNKARMIEKIAELVRDKKIDGITDLRDETSLRTGVRVVIDVRKDANASVILNNL
YKQTPLQTSFGVNMIALVNGRPKLINLKEALVHYLEHQKTVVRRRTQYNLRKAKDRAHILEGLRIALDHIDEIISTIRES
DTDKVAMESLQQRFKLSEKQAQAILDMRLRRLTGLERDKIEAEYNELLNYISELETILADEEVLLQLVRDELTEIRDRFG
DDRRTEIQLG
;
A,C
3 'polydeoxyribonucleotide' (DG)(DA)(DG)(DC)(DG)(DT)(DA)(DC)(DA)(DG)(DC)(DT)(DG)(DT)(DA)(DC)(DG)(DC)(DT)(DT) E,F
#
loop_
_chem_comp.id
_chem_comp.type
_chem_comp.name
_chem_comp.formula
DA DNA linking 2'-DEOXYADENOSINE-5'-MONOPHOSPHATE 'C10 H14 N5 O6 P'
DC DNA linking 2'-DEOXYCYTIDINE-5'-MONOPHOSPHATE 'C9 H14 N3 O7 P'
DG DNA linking 2'-DEOXYGUANOSINE-5'-MONOPHOSPHATE 'C10 H14 N5 O7 P'
DT DNA linking THYMIDINE-5'-MONOPHOSPHATE 'C10 H15 N2 O8 P'
GOL non-polymer GLYCEROL 'C3 H8 O3'
JHN non-polymer (3~{R})-3-[[4-(3,4-dihydro-2~{H}-pyrano[2,3-c]pyridin-6-ylmethylamino)piperidin-1-yl]methyl]-1,4,7-triazatricyclo[6.3.1.0^{4,12}]dodeca-6,8(12),9-triene-5,11-dione 'C24 H28 N6 O3'
MN non-polymer 'MANGANESE (II) ION' 'Mn 2'
NA non-polymer 'SODIUM ION' 'Na 1'
SO4 non-polymer 'SULFATE ION' 'O4 S -2'
#
# COMPACT_ATOMS: atom_id res chain seq x y z
N GLY A 8 26.46 -10.70 8.83
CA GLY A 8 25.02 -10.57 8.49
C GLY A 8 24.80 -9.63 7.30
N LYS A 9 25.19 -8.36 7.48
CA LYS A 9 25.02 -7.33 6.46
C LYS A 9 25.92 -6.14 6.78
N LEU A 10 27.17 -6.41 7.17
CA LEU A 10 28.13 -5.36 7.50
C LEU A 10 28.93 -4.97 6.26
N ALA A 11 28.96 -3.66 5.97
CA ALA A 11 29.80 -3.10 4.92
C ALA A 11 31.00 -2.40 5.55
N ASP A 12 32.16 -3.08 5.60
N ASP A 12 32.09 -3.18 5.65
CA ASP A 12 33.32 -2.60 6.33
CA ASP A 12 33.34 -2.75 6.25
C ASP A 12 34.02 -1.47 5.57
C ASP A 12 34.07 -1.84 5.26
N CYS A 13 34.79 -0.63 6.29
N CYS A 13 34.94 -0.97 5.80
CA CYS A 13 35.73 0.30 5.68
CA CYS A 13 35.71 0.00 5.03
C CYS A 13 36.98 -0.46 5.25
C CYS A 13 37.02 -0.65 4.56
N SER A 14 37.58 0.01 4.15
N SER A 14 37.77 0.06 3.70
CA SER A 14 38.71 -0.63 3.49
CA SER A 14 39.00 -0.49 3.15
C SER A 14 39.97 -0.57 4.37
C SER A 14 40.13 -0.47 4.19
N SER A 15 40.19 0.59 5.00
CA SER A 15 41.30 0.79 5.94
C SER A 15 41.19 -0.18 7.11
N LYS A 16 42.33 -0.44 7.75
CA LYS A 16 42.41 -1.38 8.86
C LYS A 16 43.04 -0.68 10.07
N SER A 17 43.15 0.65 9.99
CA SER A 17 43.68 1.45 11.09
C SER A 17 42.52 2.02 11.91
N PRO A 18 42.18 1.41 13.07
CA PRO A 18 40.99 1.77 13.84
C PRO A 18 40.94 3.23 14.32
N GLU A 19 42.11 3.85 14.41
CA GLU A 19 42.24 5.20 14.95
C GLU A 19 41.49 6.19 14.05
N GLU A 20 41.30 5.82 12.79
CA GLU A 20 40.70 6.69 11.79
C GLU A 20 39.40 6.11 11.23
N CYS A 21 39.10 4.86 11.60
N CYS A 21 39.11 4.85 11.57
CA CYS A 21 37.94 4.15 11.09
CA CYS A 21 37.93 4.15 11.07
C CYS A 21 36.73 4.37 12.00
C CYS A 21 36.74 4.41 11.98
N GLU A 22 35.53 4.32 11.41
CA GLU A 22 34.29 4.51 12.13
C GLU A 22 33.21 3.60 11.54
N ILE A 23 32.35 3.08 12.43
CA ILE A 23 31.23 2.24 12.03
C ILE A 23 29.92 2.95 12.38
N PHE A 24 29.00 2.98 11.42
CA PHE A 24 27.70 3.61 11.59
C PHE A 24 26.65 2.52 11.77
N LEU A 25 25.96 2.55 12.93
CA LEU A 25 24.89 1.61 13.21
C LEU A 25 23.57 2.23 12.75
N VAL A 26 22.90 1.55 11.82
CA VAL A 26 21.65 2.06 11.27
C VAL A 26 20.53 1.06 11.57
N GLU A 27 19.29 1.51 11.32
N GLU A 27 19.29 1.49 11.34
CA GLU A 27 18.08 0.87 11.79
CA GLU A 27 18.10 0.80 11.83
C GLU A 27 17.71 -0.31 10.89
C GLU A 27 17.69 -0.33 10.88
N GLY A 28 18.02 -0.19 9.59
CA GLY A 28 17.70 -1.24 8.62
C GLY A 28 18.40 -1.01 7.28
N ASP A 29 17.95 -1.77 6.27
CA ASP A 29 18.52 -1.75 4.93
C ASP A 29 18.06 -0.50 4.18
N SER A 30 16.91 0.05 4.61
CA SER A 30 16.36 1.27 4.04
C SER A 30 17.30 2.43 4.30
N ALA A 31 17.76 2.56 5.55
CA ALA A 31 18.73 3.56 5.94
C ALA A 31 20.11 3.13 5.47
N GLY A 32 20.38 1.82 5.58
CA GLY A 32 21.68 1.25 5.27
C GLY A 32 22.08 1.44 3.80
N GLY A 33 21.10 1.31 2.90
CA GLY A 33 21.32 1.47 1.47
C GLY A 33 21.85 2.86 1.11
N SER A 34 21.13 3.89 1.58
CA SER A 34 21.49 5.28 1.36
C SER A 34 22.88 5.56 1.95
N THR A 35 23.14 4.93 3.10
CA THR A 35 24.33 5.20 3.89
C THR A 35 25.56 4.65 3.17
N LYS A 36 25.39 3.51 2.49
CA LYS A 36 26.48 2.83 1.79
C LYS A 36 26.88 3.62 0.54
N SER A 37 25.89 4.23 -0.11
CA SER A 37 26.11 5.05 -1.29
C SER A 37 26.92 6.30 -0.90
N GLY A 38 26.51 6.94 0.20
CA GLY A 38 26.97 8.27 0.57
C GLY A 38 28.29 8.27 1.35
N ARG A 39 28.63 7.12 1.93
CA ARG A 39 29.76 7.03 2.87
C ARG A 39 31.09 7.17 2.13
N ASP A 40 32.14 7.45 2.91
CA ASP A 40 33.52 7.31 2.47
C ASP A 40 33.99 5.91 2.82
N SER A 41 34.02 5.03 1.80
CA SER A 41 34.19 3.60 1.96
C SER A 41 35.60 3.27 2.43
N ARG A 42 36.43 4.30 2.64
CA ARG A 42 37.80 4.14 3.06
C ARG A 42 37.90 4.09 4.58
N THR A 43 36.98 4.78 5.27
CA THR A 43 37.12 4.97 6.71
C THR A 43 35.79 4.76 7.44
N GLN A 44 34.73 4.46 6.68
CA GLN A 44 33.38 4.39 7.26
C GLN A 44 32.72 3.06 6.95
N ALA A 45 32.38 2.32 8.02
CA ALA A 45 31.68 1.07 7.93
C ALA A 45 30.22 1.27 8.32
N ILE A 46 29.35 0.35 7.88
CA ILE A 46 27.93 0.46 8.15
C ILE A 46 27.40 -0.90 8.60
N LEU A 47 26.75 -0.91 9.77
CA LEU A 47 26.10 -2.09 10.29
C LEU A 47 24.62 -1.77 10.47
N PRO A 48 23.75 -2.20 9.52
CA PRO A 48 22.31 -2.14 9.71
C PRO A 48 21.82 -3.30 10.57
N LEU A 49 21.12 -2.96 11.66
CA LEU A 49 20.44 -3.93 12.51
C LEU A 49 19.09 -4.27 11.88
N ARG A 50 18.25 -5.01 12.61
N ARG A 50 18.26 -5.03 12.61
CA ARG A 50 16.95 -5.42 12.11
CA ARG A 50 16.95 -5.45 12.13
C ARG A 50 15.86 -4.92 13.04
C ARG A 50 15.85 -4.90 13.02
N GLY A 51 15.96 -3.64 13.42
CA GLY A 51 14.92 -2.97 14.20
C GLY A 51 15.17 -2.99 15.70
N LYS A 52 14.07 -2.96 16.48
CA LYS A 52 14.13 -2.91 17.94
C LYS A 52 15.04 -4.01 18.44
N ILE A 53 16.13 -3.62 19.09
CA ILE A 53 17.11 -4.57 19.60
C ILE A 53 16.71 -4.97 21.02
N LEU A 54 17.20 -6.14 21.44
CA LEU A 54 16.90 -6.75 22.74
C LEU A 54 17.30 -5.81 23.87
N ASN A 55 16.47 -5.77 24.92
CA ASN A 55 16.74 -4.98 26.11
C ASN A 55 17.58 -5.81 27.08
N VAL A 56 18.86 -5.45 27.20
CA VAL A 56 19.85 -6.27 27.90
C VAL A 56 19.69 -6.13 29.41
N GLU A 57 18.85 -5.19 29.84
CA GLU A 57 18.62 -4.97 31.27
C GLU A 57 17.60 -5.98 31.78
N LYS A 58 16.60 -6.30 30.93
CA LYS A 58 15.52 -7.20 31.31
C LYS A 58 15.86 -8.62 30.90
N ALA A 59 16.60 -8.77 29.80
CA ALA A 59 16.85 -10.06 29.19
C ALA A 59 17.97 -10.79 29.93
N ARG A 60 17.86 -12.13 29.93
CA ARG A 60 18.81 -13.03 30.56
C ARG A 60 19.98 -13.26 29.60
N LEU A 61 21.15 -13.58 30.18
CA LEU A 61 22.42 -13.61 29.46
C LEU A 61 22.38 -14.64 28.33
N ASP A 62 21.63 -15.73 28.54
CA ASP A 62 21.48 -16.80 27.57
C ASP A 62 20.94 -16.25 26.25
N ARG A 63 19.92 -15.41 26.35
CA ARG A 63 19.22 -14.82 25.22
C ARG A 63 20.06 -13.71 24.60
N ILE A 64 20.72 -12.92 25.45
CA ILE A 64 21.54 -11.80 25.00
C ILE A 64 22.64 -12.31 24.06
N LEU A 65 23.30 -13.40 24.46
CA LEU A 65 24.42 -13.97 23.72
C LEU A 65 23.92 -14.73 22.49
N ASN A 66 22.62 -15.06 22.49
CA ASN A 66 22.01 -15.81 21.40
C ASN A 66 21.54 -14.86 20.30
N ASN A 67 21.36 -13.58 20.66
CA ASN A 67 20.77 -12.58 19.78
C ASN A 67 21.70 -12.29 18.60
N ASN A 68 21.10 -12.14 17.41
CA ASN A 68 21.82 -12.04 16.15
C ASN A 68 22.48 -10.67 15.99
N GLU A 69 21.70 -9.59 16.24
CA GLU A 69 22.22 -8.24 16.03
C GLU A 69 23.28 -7.94 17.07
N ILE A 70 23.09 -8.47 18.28
CA ILE A 70 24.07 -8.38 19.35
C ILE A 70 25.37 -9.06 18.92
N ARG A 71 25.25 -10.25 18.32
CA ARG A 71 26.40 -11.04 17.88
C ARG A 71 27.15 -10.32 16.77
N GLN A 72 26.41 -9.68 15.87
CA GLN A 72 26.96 -8.99 14.72
C GLN A 72 27.74 -7.75 15.17
N MET A 73 27.23 -7.09 16.22
CA MET A 73 27.85 -5.89 16.77
C MET A 73 29.14 -6.25 17.48
N ILE A 74 29.10 -7.36 18.24
CA ILE A 74 30.25 -7.88 18.97
C ILE A 74 31.35 -8.25 17.97
N THR A 75 30.97 -8.87 16.86
CA THR A 75 31.91 -9.31 15.84
C THR A 75 32.54 -8.11 15.14
N ALA A 76 31.71 -7.10 14.86
CA ALA A 76 32.15 -5.93 14.13
C ALA A 76 33.16 -5.12 14.94
N PHE A 77 32.91 -4.99 16.26
CA PHE A 77 33.76 -4.19 17.12
C PHE A 77 35.06 -4.94 17.40
N GLY A 78 34.93 -6.25 17.68
CA GLY A 78 36.07 -7.14 17.89
C GLY A 78 36.69 -6.95 19.27
N THR A 79 35.85 -6.56 20.25
CA THR A 79 36.33 -6.21 21.58
C THR A 79 35.96 -7.29 22.59
N GLY A 80 34.84 -7.96 22.35
CA GLY A 80 34.27 -8.90 23.33
C GLY A 80 33.48 -8.16 24.40
N ILE A 81 32.86 -8.92 25.31
CA ILE A 81 31.97 -8.35 26.31
C ILE A 81 32.47 -8.67 27.71
N GLY A 82 32.32 -7.71 28.63
CA GLY A 82 32.59 -7.90 30.05
C GLY A 82 34.05 -7.64 30.40
N GLY A 83 34.62 -8.56 31.20
CA GLY A 83 36.03 -8.53 31.54
C GLY A 83 36.90 -8.97 30.36
N ASP A 84 36.30 -9.81 29.50
CA ASP A 84 36.95 -10.30 28.30
C ASP A 84 37.06 -9.19 27.27
N PHE A 85 36.28 -8.12 27.48
CA PHE A 85 36.31 -6.92 26.65
C PHE A 85 37.72 -6.31 26.69
N ASP A 86 38.21 -5.95 25.50
CA ASP A 86 39.51 -5.30 25.35
C ASP A 86 39.32 -4.06 24.48
N LEU A 87 39.78 -2.91 24.98
CA LEU A 87 39.65 -1.64 24.28
C LEU A 87 40.63 -1.58 23.11
N ALA A 88 41.79 -2.23 23.28
CA ALA A 88 42.87 -2.16 22.32
C ALA A 88 42.56 -2.98 21.06
N LYS A 89 41.49 -3.79 21.14
CA LYS A 89 41.13 -4.69 20.06
C LYS A 89 39.92 -4.15 19.29
N ALA A 90 39.64 -2.84 19.46
CA ALA A 90 38.54 -2.19 18.79
C ALA A 90 38.87 -2.01 17.31
N ARG A 91 37.93 -2.41 16.44
CA ARG A 91 38.12 -2.35 15.00
C ARG A 91 37.90 -0.92 14.51
N TYR A 92 37.19 -0.11 15.33
CA TYR A 92 36.89 1.27 15.01
C TYR A 92 36.91 2.09 16.29
N HIS A 93 37.41 3.33 16.18
CA HIS A 93 37.51 4.24 17.31
C HIS A 93 36.37 5.25 17.28
N LYS A 94 35.38 5.00 16.40
CA LYS A 94 34.13 5.73 16.38
C LYS A 94 32.99 4.76 16.05
N ILE A 95 32.18 4.46 17.07
CA ILE A 95 30.95 3.70 16.91
C ILE A 95 29.80 4.70 16.96
N VAL A 96 29.15 4.88 15.81
CA VAL A 96 28.16 5.94 15.66
C VAL A 96 26.76 5.31 15.68
N ILE A 97 25.95 5.72 16.65
CA ILE A 97 24.53 5.41 16.67
C ILE A 97 23.82 6.44 15.79
N MET A 98 23.32 5.98 14.64
CA MET A 98 22.55 6.82 13.74
C MET A 98 21.11 6.30 13.68
N THR A 99 20.31 6.71 14.66
N THR A 99 20.30 6.74 14.65
CA THR A 99 18.90 6.34 14.66
CA THR A 99 18.90 6.35 14.71
C THR A 99 18.14 7.36 13.84
C THR A 99 18.05 7.32 13.91
N ASP A 100 17.01 6.91 13.28
N ASP A 100 16.93 6.82 13.39
CA ASP A 100 16.09 7.93 12.82
CA ASP A 100 15.90 7.70 12.88
C ASP A 100 16.17 9.06 13.83
C ASP A 100 15.47 8.62 14.01
N ALA A 101 15.04 9.75 13.96
N ALA A 101 15.78 9.89 13.78
CA ALA A 101 15.00 11.17 14.27
CA ALA A 101 14.81 10.96 13.64
C ALA A 101 13.59 11.46 14.74
C ALA A 101 13.55 10.80 14.51
N ASP A 102 13.00 10.43 15.35
N ASP A 102 12.75 9.76 14.26
CA ASP A 102 11.63 10.47 15.84
CA ASP A 102 11.45 9.61 14.89
C ASP A 102 11.60 9.73 17.17
C ASP A 102 11.61 9.12 16.33
N VAL A 103 10.55 8.93 17.37
N VAL A 103 10.48 8.84 16.99
CA VAL A 103 10.31 8.33 18.67
CA VAL A 103 10.48 8.47 18.40
C VAL A 103 10.77 6.88 18.69
C VAL A 103 10.93 7.01 18.57
N ASP A 104 10.65 6.18 17.55
CA ASP A 104 11.03 4.77 17.52
C ASP A 104 12.55 4.66 17.41
N GLY A 105 13.17 5.66 16.78
CA GLY A 105 14.62 5.78 16.72
C GLY A 105 15.21 6.05 18.10
N ALA A 106 14.62 7.02 18.81
CA ALA A 106 15.05 7.38 20.16
C ALA A 106 15.03 6.15 21.06
N HIS A 107 14.04 5.28 20.85
CA HIS A 107 13.91 4.05 21.62
C HIS A 107 15.07 3.10 21.29
N ILE A 108 15.37 2.95 20.00
CA ILE A 108 16.44 2.08 19.57
C ILE A 108 17.77 2.62 20.11
N ARG A 109 17.85 3.95 20.25
CA ARG A 109 19.03 4.62 20.79
C ARG A 109 19.25 4.19 22.23
N THR A 110 18.16 4.17 23.02
CA THR A 110 18.25 3.83 24.44
C THR A 110 18.55 2.35 24.63
N LEU A 111 18.14 1.52 23.67
CA LEU A 111 18.39 0.09 23.76
C LEU A 111 19.85 -0.21 23.46
N LEU A 112 20.46 0.57 22.57
CA LEU A 112 21.84 0.37 22.14
C LEU A 112 22.80 0.87 23.22
N LEU A 113 22.45 2.00 23.86
CA LEU A 113 23.24 2.56 24.95
C LEU A 113 23.14 1.69 26.20
N THR A 114 22.01 1.00 26.35
CA THR A 114 21.85 0.05 27.44
C THR A 114 22.80 -1.13 27.23
N PHE A 115 22.94 -1.56 25.98
CA PHE A 115 23.81 -2.68 25.66
C PHE A 115 25.28 -2.27 25.83
N PHE A 116 25.61 -1.06 25.36
CA PHE A 116 26.96 -0.53 25.46
C PHE A 116 27.37 -0.35 26.92
N TYR A 117 26.45 0.17 27.75
CA TYR A 117 26.79 0.45 29.13
C TYR A 117 27.04 -0.85 29.91
N ARG A 118 26.19 -1.86 29.66
CA ARG A 118 26.19 -3.07 30.47
C ARG A 118 27.29 -4.04 30.04
N PHE A 119 27.63 -4.03 28.75
CA PHE A 119 28.51 -5.07 28.22
C PHE A 119 29.80 -4.49 27.65
N MET A 120 29.81 -3.19 27.33
CA MET A 120 30.97 -2.57 26.71
C MET A 120 31.21 -1.18 27.29
N ARG A 121 31.23 -1.11 28.62
CA ARG A 121 31.33 0.16 29.34
C ARG A 121 32.62 0.89 28.97
N PRO A 122 33.81 0.25 28.95
CA PRO A 122 35.06 0.95 28.64
C PRO A 122 35.09 1.56 27.24
N LEU A 123 34.19 1.09 26.36
CA LEU A 123 34.05 1.66 25.03
C LEU A 123 33.50 3.08 25.13
N ILE A 124 32.51 3.27 26.02
CA ILE A 124 31.96 4.58 26.32
C ILE A 124 33.04 5.43 26.98
N GLU A 125 33.71 4.86 27.99
CA GLU A 125 34.69 5.56 28.81
C GLU A 125 35.77 6.18 27.92
N ALA A 126 36.22 5.42 26.92
CA ALA A 126 37.29 5.82 26.01
C ALA A 126 36.81 6.93 25.08
N GLY A 127 35.49 6.99 24.86
CA GLY A 127 34.89 8.05 24.05
C GLY A 127 34.79 7.66 22.59
N TYR A 128 34.53 6.37 22.32
CA TYR A 128 34.41 5.88 20.95
C TYR A 128 32.95 5.87 20.53
N VAL A 129 32.03 6.06 21.50
CA VAL A 129 30.61 5.97 21.22
C VAL A 129 30.09 7.38 20.92
N TYR A 130 29.40 7.51 19.77
CA TYR A 130 28.88 8.79 19.31
C TYR A 130 27.41 8.64 18.93
N ILE A 131 26.72 9.80 18.84
CA ILE A 131 25.35 9.87 18.36
C ILE A 131 25.32 10.82 17.17
N ALA A 132 24.91 10.31 16.01
CA ALA A 132 24.73 11.12 14.81
C ALA A 132 23.37 11.81 14.87
N GLN A 133 23.30 13.00 14.25
CA GLN A 133 22.08 13.80 14.26
C GLN A 133 21.60 14.03 12.82
N PRO A 134 20.54 13.33 12.37
CA PRO A 134 19.94 13.58 11.05
C PRO A 134 19.23 14.93 11.05
N PRO A 135 19.29 15.69 9.93
CA PRO A 135 18.75 17.05 9.88
C PRO A 135 17.22 17.08 10.09
N TYR A 138 12.88 17.75 9.96
N TYR A 138 12.93 17.69 9.78
CA TYR A 138 12.76 16.74 8.87
CA TYR A 138 12.93 16.68 8.69
C TYR A 138 12.51 15.37 9.46
C TYR A 138 12.76 15.29 9.29
N LYS A 139 11.89 14.49 8.66
CA LYS A 139 11.55 13.14 9.10
C LYS A 139 12.75 12.19 8.98
N GLY A 140 12.47 10.91 8.72
CA GLY A 140 13.46 9.85 8.81
C GLY A 140 14.64 10.03 7.86
N LEU A 141 15.74 9.34 8.15
CA LEU A 141 16.91 9.42 7.27
C LEU A 141 16.92 8.25 6.28
N GLY A 142 15.90 7.39 6.36
CA GLY A 142 15.69 6.32 5.40
C GLY A 142 15.06 6.84 4.10
N GLU A 143 14.72 8.13 4.09
CA GLU A 143 14.05 8.78 2.98
C GLU A 143 14.99 9.79 2.31
N MET A 144 16.28 9.71 2.68
CA MET A 144 17.27 10.67 2.23
C MET A 144 18.11 10.09 1.09
N ASN A 145 18.56 10.99 0.19
CA ASN A 145 19.47 10.63 -0.89
C ASN A 145 20.88 10.51 -0.32
N ALA A 146 21.77 9.87 -1.10
CA ALA A 146 23.12 9.55 -0.66
C ALA A 146 23.92 10.83 -0.43
N ASP A 147 23.81 11.77 -1.38
CA ASP A 147 24.53 13.02 -1.31
C ASP A 147 24.05 13.84 -0.11
N GLN A 148 22.74 13.79 0.14
CA GLN A 148 22.10 14.56 1.19
C GLN A 148 22.58 14.06 2.56
N LEU A 149 22.64 12.74 2.70
CA LEU A 149 22.97 12.08 3.96
C LEU A 149 24.45 12.26 4.29
N TRP A 150 25.29 12.26 3.26
CA TRP A 150 26.73 12.39 3.42
C TRP A 150 27.08 13.79 3.93
N GLU A 151 26.54 14.81 3.26
CA GLU A 151 26.84 16.20 3.55
C GLU A 151 26.40 16.55 4.98
N THR A 152 25.22 16.05 5.37
CA THR A 152 24.57 16.52 6.59
C THR A 152 25.07 15.75 7.83
N THR A 153 25.36 14.46 7.67
CA THR A 153 25.50 13.61 8.84
C THR A 153 26.87 12.91 8.87
N MET A 154 27.40 12.55 7.70
CA MET A 154 28.52 11.61 7.64
C MET A 154 29.83 12.32 7.26
N ASN A 155 29.72 13.50 6.65
CA ASN A 155 30.88 14.27 6.21
C ASN A 155 31.59 14.86 7.43
N PRO A 156 32.83 14.41 7.74
CA PRO A 156 33.55 14.90 8.92
C PRO A 156 33.86 16.40 8.85
N GLU A 157 33.67 16.98 7.65
CA GLU A 157 33.91 18.39 7.42
C GLU A 157 32.71 19.23 7.88
N HIS A 158 31.53 18.61 7.92
CA HIS A 158 30.28 19.34 8.08
C HIS A 158 29.37 18.72 9.13
N ARG A 159 29.70 17.49 9.57
CA ARG A 159 28.83 16.74 10.46
C ARG A 159 28.90 17.29 11.89
N ALA A 160 27.95 16.85 12.72
CA ALA A 160 27.96 17.17 14.14
C ALA A 160 27.63 15.91 14.93
N LEU A 161 28.70 15.16 15.30
CA LEU A 161 28.59 13.97 16.12
C LEU A 161 28.68 14.35 17.60
N LEU A 162 27.79 13.76 18.41
CA LEU A 162 27.78 14.00 19.84
C LEU A 162 28.46 12.83 20.55
N GLN A 163 29.57 13.13 21.23
CA GLN A 163 30.34 12.12 21.95
C GLN A 163 29.65 11.80 23.27
N VAL A 164 29.41 10.51 23.50
CA VAL A 164 28.79 10.06 24.74
C VAL A 164 29.85 10.04 25.84
N LYS A 165 29.53 10.70 26.96
CA LYS A 165 30.45 10.82 28.07
C LYS A 165 29.79 10.29 29.34
N LEU A 166 30.53 9.47 30.09
CA LEU A 166 30.08 8.94 31.36
C LEU A 166 30.64 9.81 32.48
N GLU A 167 29.73 10.44 33.23
CA GLU A 167 30.11 11.35 34.31
C GLU A 167 30.07 10.61 35.64
N ASP A 168 28.85 10.24 36.07
CA ASP A 168 28.64 9.59 37.35
C ASP A 168 28.19 8.14 37.12
N ALA A 169 29.05 7.20 37.50
CA ALA A 169 28.83 5.78 37.32
C ALA A 169 27.64 5.32 38.16
N ILE A 170 27.55 5.82 39.40
CA ILE A 170 26.51 5.46 40.34
C ILE A 170 25.16 5.90 39.78
N GLU A 171 25.11 7.16 39.31
CA GLU A 171 23.91 7.79 38.81
C GLU A 171 23.47 7.11 37.50
N ALA A 172 24.46 6.64 36.72
CA ALA A 172 24.20 5.99 35.44
C ALA A 172 23.69 4.56 35.64
N ASP A 173 24.16 3.90 36.72
CA ASP A 173 23.71 2.56 37.05
C ASP A 173 22.24 2.60 37.45
N GLN A 174 21.84 3.68 38.13
CA GLN A 174 20.50 3.88 38.63
C GLN A 174 19.57 4.22 37.47
N THR A 175 20.10 4.97 36.50
CA THR A 175 19.32 5.45 35.37
C THR A 175 18.89 4.27 34.51
N PHE A 176 19.82 3.34 34.26
CA PHE A 176 19.56 2.18 33.43
C PHE A 176 18.59 1.22 34.12
N GLU A 177 18.80 1.02 35.43
CA GLU A 177 17.96 0.14 36.24
C GLU A 177 16.52 0.64 36.26
N MET A 178 16.36 1.97 36.31
CA MET A 178 15.06 2.60 36.46
C MET A 178 14.31 2.61 35.13
N LEU A 179 14.99 3.05 34.06
CA LEU A 179 14.34 3.21 32.76
C LEU A 179 14.13 1.86 32.10
N MET A 180 15.18 1.03 32.09
CA MET A 180 15.23 -0.14 31.23
C MET A 180 15.02 -1.43 32.03
N GLY A 181 14.96 -1.31 33.36
CA GLY A 181 14.85 -2.46 34.24
C GLY A 181 13.45 -3.09 34.22
N ASP A 182 13.29 -4.20 34.95
CA ASP A 182 12.12 -5.04 34.86
C ASP A 182 10.99 -4.54 35.76
N VAL A 183 11.30 -3.57 36.62
CA VAL A 183 10.32 -3.05 37.57
C VAL A 183 9.64 -1.84 36.94
N VAL A 184 8.33 -1.98 36.69
CA VAL A 184 7.56 -1.02 35.91
C VAL A 184 7.38 0.26 36.72
N GLU A 185 7.13 0.09 38.03
CA GLU A 185 6.72 1.19 38.89
C GLU A 185 7.71 2.35 38.80
N ASN A 186 9.02 2.04 38.92
CA ASN A 186 10.06 3.04 38.97
C ASN A 186 10.10 3.81 37.65
N ARG A 187 9.75 3.13 36.56
CA ARG A 187 9.72 3.72 35.22
C ARG A 187 8.45 4.57 35.06
N ARG A 188 7.32 4.06 35.55
CA ARG A 188 6.08 4.84 35.59
C ARG A 188 6.30 6.14 36.37
N GLN A 189 7.04 6.04 37.48
CA GLN A 189 7.28 7.15 38.39
C GLN A 189 8.09 8.22 37.66
N PHE A 190 9.15 7.79 36.96
CA PHE A 190 10.04 8.69 36.22
C PHE A 190 9.23 9.48 35.19
N ILE A 191 8.32 8.80 34.50
CA ILE A 191 7.49 9.42 33.48
C ILE A 191 6.58 10.46 34.14
N GLU A 192 5.97 10.08 35.27
CA GLU A 192 5.03 10.93 35.97
C GLU A 192 5.72 12.22 36.43
N ASP A 193 6.98 12.09 36.86
CA ASP A 193 7.72 13.19 37.47
C ASP A 193 8.25 14.16 36.42
N ASN A 194 8.56 13.64 35.22
CA ASN A 194 9.36 14.40 34.26
C ASN A 194 8.56 14.80 33.02
N ALA A 195 7.44 14.11 32.75
CA ALA A 195 6.64 14.35 31.57
C ALA A 195 5.97 15.72 31.63
N VAL A 196 6.20 16.53 30.58
CA VAL A 196 5.52 17.80 30.40
C VAL A 196 4.69 17.71 29.12
N TYR A 197 3.36 17.66 29.28
CA TYR A 197 2.45 17.39 28.18
C TYR A 197 2.18 18.67 27.39
N ALA A 198 2.04 19.80 28.10
CA ALA A 198 1.86 21.12 27.52
C ALA A 198 0.76 21.10 26.45
N GLU B 10 30.23 17.08 23.45
CA GLU B 10 30.02 16.00 24.47
C GLU B 10 28.54 15.87 24.78
N ARG B 11 28.14 14.68 25.26
CA ARG B 11 26.76 14.36 25.56
C ARG B 11 26.71 13.38 26.72
N ASN B 12 26.20 13.85 27.87
CA ASN B 12 26.08 13.07 29.09
C ASN B 12 25.16 11.87 28.84
N ILE B 13 25.59 10.69 29.29
CA ILE B 13 24.89 9.45 28.98
C ILE B 13 23.58 9.37 29.77
N THR B 14 23.55 9.92 30.99
CA THR B 14 22.33 9.92 31.79
C THR B 14 21.28 10.85 31.18
N SER B 15 21.74 12.00 30.67
CA SER B 15 20.87 13.00 30.08
C SER B 15 20.24 12.47 28.81
N GLU B 16 21.03 11.76 28.01
CA GLU B 16 20.59 11.22 26.73
C GLU B 16 19.58 10.11 26.97
N MET B 17 19.86 9.26 27.96
CA MET B 17 19.00 8.12 28.24
C MET B 17 17.64 8.60 28.73
N ARG B 18 17.64 9.59 29.63
CA ARG B 18 16.41 10.11 30.23
C ARG B 18 15.55 10.81 29.19
N GLU B 19 16.18 11.61 28.32
CA GLU B 19 15.45 12.42 27.36
C GLU B 19 14.94 11.58 26.20
N SER B 20 15.79 10.68 25.68
CA SER B 20 15.42 9.84 24.56
C SER B 20 14.36 8.81 24.97
N PHE B 21 14.41 8.37 26.23
CA PHE B 21 13.44 7.40 26.72
C PHE B 21 12.12 8.09 27.04
N LEU B 22 12.19 9.33 27.54
CA LEU B 22 11.00 10.07 27.89
C LEU B 22 10.23 10.44 26.63
N ASP B 23 10.97 10.67 25.54
CA ASP B 23 10.39 10.98 24.24
C ASP B 23 9.54 9.82 23.76
N TYR B 24 10.10 8.61 23.84
CA TYR B 24 9.43 7.41 23.35
C TYR B 24 8.23 7.12 24.23
N ALA B 25 8.47 7.12 25.56
CA ALA B 25 7.46 6.76 26.53
C ALA B 25 6.22 7.64 26.34
N MET B 26 6.44 8.95 26.29
CA MET B 26 5.34 9.90 26.20
C MET B 26 4.57 9.70 24.90
N SER B 27 5.32 9.49 23.81
CA SER B 27 4.74 9.31 22.48
C SER B 27 3.83 8.08 22.45
N VAL B 28 4.30 6.97 23.04
CA VAL B 28 3.61 5.70 23.03
C VAL B 28 2.31 5.85 23.81
N ILE B 29 2.38 6.62 24.90
CA ILE B 29 1.30 6.85 25.84
C ILE B 29 0.21 7.71 25.19
N VAL B 30 0.61 8.83 24.57
CA VAL B 30 -0.34 9.83 24.11
C VAL B 30 -0.62 9.68 22.62
N ALA B 31 0.15 8.85 21.91
CA ALA B 31 0.00 8.75 20.47
C ALA B 31 0.33 7.35 19.95
N ARG B 32 -0.19 6.31 20.62
CA ARG B 32 -0.06 4.96 20.12
C ARG B 32 -0.96 3.98 20.88
N ALA B 33 -0.64 3.79 22.16
CA ALA B 33 -1.06 2.62 22.92
C ALA B 33 -2.37 2.87 23.66
N LEU B 34 -2.70 4.14 23.92
CA LEU B 34 -3.86 4.45 24.76
C LEU B 34 -4.94 5.15 23.94
N PRO B 35 -6.22 4.80 24.18
CA PRO B 35 -7.33 5.46 23.52
C PRO B 35 -7.71 6.76 24.21
N ASP B 36 -8.27 7.68 23.43
CA ASP B 36 -8.87 8.90 23.95
C ASP B 36 -10.19 8.53 24.63
N VAL B 37 -10.52 9.25 25.70
CA VAL B 37 -11.72 8.98 26.49
C VAL B 37 -12.95 9.46 25.72
N ARG B 38 -12.77 10.45 24.85
CA ARG B 38 -13.87 11.11 24.16
C ARG B 38 -14.48 10.20 23.10
N ASP B 39 -13.63 9.59 22.25
CA ASP B 39 -14.12 8.81 21.13
C ASP B 39 -13.64 7.36 21.24
N GLY B 40 -12.77 7.12 22.23
CA GLY B 40 -12.30 5.77 22.53
C GLY B 40 -11.35 5.20 21.48
N LEU B 41 -10.77 6.08 20.66
CA LEU B 41 -9.90 5.62 19.58
C LEU B 41 -8.43 5.90 19.87
N LYS B 42 -7.61 4.89 19.54
CA LYS B 42 -6.18 5.07 19.43
C LYS B 42 -5.92 5.78 18.10
N PRO B 43 -4.79 6.50 17.93
CA PRO B 43 -4.49 7.17 16.66
C PRO B 43 -4.68 6.38 15.35
N VAL B 44 -4.28 5.10 15.34
CA VAL B 44 -4.32 4.32 14.11
C VAL B 44 -5.76 4.05 13.70
N HIS B 45 -6.63 3.79 14.71
CA HIS B 45 -8.04 3.56 14.47
C HIS B 45 -8.69 4.82 13.92
N ARG B 46 -8.35 5.97 14.51
CA ARG B 46 -8.97 7.23 14.15
C ARG B 46 -8.57 7.62 12.73
N ARG B 47 -7.35 7.22 12.33
CA ARG B 47 -6.76 7.52 11.03
C ARG B 47 -7.37 6.62 9.96
N ILE B 48 -7.64 5.36 10.30
CA ILE B 48 -8.33 4.44 9.39
C ILE B 48 -9.74 4.97 9.07
N LEU B 49 -10.47 5.39 10.11
CA LEU B 49 -11.88 5.73 9.94
C LEU B 49 -12.01 7.06 9.20
N TYR B 50 -11.09 7.99 9.48
CA TYR B 50 -11.10 9.29 8.83
C TYR B 50 -10.75 9.15 7.36
N GLY B 51 -9.84 8.23 7.05
CA GLY B 51 -9.47 7.90 5.69
C GLY B 51 -10.66 7.38 4.89
N LEU B 52 -11.44 6.49 5.50
CA LEU B 52 -12.61 5.90 4.85
C LEU B 52 -13.62 6.99 4.54
N ASN B 53 -13.71 7.99 5.42
CA ASN B 53 -14.71 9.03 5.33
C ASN B 53 -14.34 10.04 4.25
N GLU B 54 -13.05 10.37 4.18
CA GLU B 54 -12.52 11.32 3.20
C GLU B 54 -12.65 10.75 1.79
N GLN B 55 -12.52 9.43 1.67
CA GLN B 55 -12.57 8.77 0.37
C GLN B 55 -14.00 8.32 0.06
N GLY B 56 -14.94 8.72 0.92
CA GLY B 56 -16.37 8.51 0.73
C GLY B 56 -16.73 7.03 0.68
N MET B 57 -16.07 6.24 1.54
N MET B 57 -16.03 6.22 1.49
CA MET B 57 -16.26 4.79 1.62
CA MET B 57 -16.32 4.79 1.51
C MET B 57 -17.39 4.47 2.60
C MET B 57 -17.37 4.50 2.57
N THR B 58 -18.58 5.01 2.33
CA THR B 58 -19.72 4.88 3.20
C THR B 58 -20.41 3.53 2.94
N PRO B 59 -21.31 3.06 3.84
CA PRO B 59 -21.99 1.78 3.67
C PRO B 59 -22.82 1.65 2.40
N ASP B 60 -23.32 2.77 1.88
CA ASP B 60 -24.16 2.79 0.69
C ASP B 60 -23.31 2.53 -0.55
N LYS B 61 -22.03 2.90 -0.47
CA LYS B 61 -21.10 2.71 -1.57
C LYS B 61 -20.47 1.33 -1.46
N SER B 62 -19.92 0.85 -2.58
CA SER B 62 -19.38 -0.50 -2.68
C SER B 62 -18.05 -0.61 -1.93
N TYR B 63 -17.66 -1.85 -1.63
CA TYR B 63 -16.44 -2.17 -0.91
C TYR B 63 -15.23 -1.69 -1.70
N LYS B 64 -14.26 -1.10 -0.97
N LYS B 64 -14.27 -1.09 -0.98
CA LYS B 64 -13.04 -0.58 -1.55
CA LYS B 64 -13.05 -0.58 -1.57
C LYS B 64 -11.88 -1.49 -1.18
C LYS B 64 -11.89 -1.49 -1.19
N LYS B 65 -10.91 -1.61 -2.09
CA LYS B 65 -9.76 -2.49 -1.92
C LYS B 65 -8.94 -2.08 -0.69
N SER B 66 -8.60 -3.05 0.15
CA SER B 66 -7.99 -2.82 1.45
C SER B 66 -6.62 -2.17 1.30
N ALA B 67 -5.86 -2.64 0.30
CA ALA B 67 -4.52 -2.16 0.00
C ALA B 67 -4.55 -0.68 -0.35
N ARG B 68 -5.66 -0.24 -0.94
N ARG B 68 -5.65 -0.23 -0.97
CA ARG B 68 -5.83 1.11 -1.43
CA ARG B 68 -5.78 1.14 -1.42
C ARG B 68 -6.16 2.03 -0.26
C ARG B 68 -6.13 2.04 -0.23
N ILE B 69 -6.88 1.49 0.72
CA ILE B 69 -7.20 2.20 1.96
C ILE B 69 -5.91 2.40 2.76
N VAL B 70 -5.14 1.32 2.93
CA VAL B 70 -3.95 1.30 3.75
C VAL B 70 -2.91 2.25 3.18
N GLY B 71 -2.73 2.23 1.84
CA GLY B 71 -1.81 3.14 1.18
C GLY B 71 -2.23 4.60 1.35
N ASP B 72 -3.54 4.85 1.34
N ASP B 72 -3.54 4.86 1.31
CA ASP B 72 -4.09 6.19 1.52
CA ASP B 72 -4.09 6.19 1.53
C ASP B 72 -3.86 6.67 2.95
C ASP B 72 -3.79 6.65 2.94
N VAL B 73 -4.01 5.75 3.91
CA VAL B 73 -3.81 6.08 5.32
C VAL B 73 -2.31 6.25 5.59
N MET B 74 -1.51 5.36 5.00
CA MET B 74 -0.06 5.38 5.19
C MET B 74 0.54 6.67 4.59
N GLY B 75 -0.02 7.09 3.45
CA GLY B 75 0.51 8.23 2.70
C GLY B 75 0.22 9.58 3.37
N LYS B 76 -0.94 9.69 4.02
CA LYS B 76 -1.40 11.00 4.47
C LYS B 76 -1.37 11.12 5.99
N TYR B 77 -1.60 10.02 6.71
CA TYR B 77 -1.87 10.17 8.12
C TYR B 77 -0.87 9.42 8.99
N HIS B 78 -0.64 8.15 8.67
CA HIS B 78 0.00 7.23 9.60
C HIS B 78 1.35 6.77 9.03
N PRO B 79 2.47 7.44 9.42
CA PRO B 79 3.78 7.08 8.90
C PRO B 79 4.37 5.84 9.58
N HIS B 80 3.63 4.73 9.53
CA HIS B 80 4.04 3.50 10.18
C HIS B 80 3.88 2.32 9.20
N GLY B 81 4.22 1.12 9.67
N GLY B 81 4.22 1.12 9.68
CA GLY B 81 4.19 -0.09 8.87
CA GLY B 81 4.19 -0.09 8.87
C GLY B 81 2.77 -0.42 8.39
C GLY B 81 2.77 -0.43 8.40
N ASP B 82 2.69 -1.08 7.24
CA ASP B 82 1.44 -1.46 6.61
C ASP B 82 0.70 -2.50 7.45
N SER B 83 1.47 -3.39 8.09
CA SER B 83 0.90 -4.45 8.90
C SER B 83 0.19 -3.85 10.11
N SER B 84 0.80 -2.82 10.69
CA SER B 84 0.24 -2.15 11.85
C SER B 84 -1.16 -1.61 11.53
N ILE B 85 -1.30 -0.99 10.35
CA ILE B 85 -2.55 -0.37 9.93
C ILE B 85 -3.56 -1.45 9.58
N TYR B 86 -3.11 -2.48 8.84
CA TYR B 86 -4.03 -3.45 8.28
C TYR B 86 -4.64 -4.31 9.37
N GLU B 87 -3.80 -4.77 10.30
CA GLU B 87 -4.22 -5.63 11.41
CA GLU B 87 -4.22 -5.63 11.41
C GLU B 87 -5.18 -4.87 12.32
N ALA B 88 -5.00 -3.55 12.40
CA ALA B 88 -5.87 -2.69 13.19
C ALA B 88 -7.24 -2.55 12.51
N MET B 89 -7.23 -2.42 11.18
CA MET B 89 -8.46 -2.31 10.40
C MET B 89 -9.22 -3.63 10.44
N VAL B 90 -8.47 -4.75 10.35
CA VAL B 90 -9.02 -6.10 10.37
C VAL B 90 -9.83 -6.29 11.65
N ARG B 91 -9.26 -5.84 12.78
CA ARG B 91 -9.81 -6.11 14.11
C ARG B 91 -11.14 -5.38 14.28
N MET B 92 -11.25 -4.19 13.68
CA MET B 92 -12.46 -3.39 13.80
C MET B 92 -13.59 -4.01 12.98
N ALA B 93 -13.28 -5.01 12.16
CA ALA B 93 -14.24 -5.63 11.26
C ALA B 93 -14.69 -7.00 11.77
N GLN B 94 -14.09 -7.46 12.87
CA GLN B 94 -14.40 -8.78 13.40
C GLN B 94 -15.47 -8.67 14.49
N ASP B 95 -16.56 -9.39 14.29
CA ASP B 95 -17.73 -9.35 15.16
C ASP B 95 -17.43 -10.07 16.48
N PHE B 96 -16.29 -10.77 16.54
CA PHE B 96 -15.88 -11.47 17.75
C PHE B 96 -14.86 -10.63 18.53
N SER B 97 -14.42 -9.53 17.93
CA SER B 97 -13.46 -8.63 18.56
C SER B 97 -14.14 -7.32 18.96
N TYR B 98 -14.97 -6.81 18.04
CA TYR B 98 -15.69 -5.56 18.25
C TYR B 98 -17.17 -5.85 18.53
N ARG B 99 -17.64 -5.33 19.68
CA ARG B 99 -19.01 -5.51 20.14
C ARG B 99 -19.96 -4.76 19.21
N TYR B 100 -19.50 -3.60 18.73
CA TYR B 100 -20.14 -2.88 17.64
C TYR B 100 -19.08 -2.62 16.58
N PRO B 101 -18.93 -3.54 15.59
CA PRO B 101 -17.88 -3.43 14.58
C PRO B 101 -17.93 -2.09 13.83
N LEU B 102 -16.74 -1.59 13.50
CA LEU B 102 -16.58 -0.25 12.94
C LEU B 102 -16.20 -0.32 11.47
N VAL B 103 -15.75 -1.50 11.02
CA VAL B 103 -15.37 -1.70 9.63
C VAL B 103 -16.22 -2.83 9.06
N ASP B 104 -16.68 -2.65 7.82
CA ASP B 104 -17.45 -3.65 7.11
C ASP B 104 -16.55 -4.32 6.07
N GLY B 105 -16.17 -5.57 6.35
CA GLY B 105 -15.14 -6.27 5.60
C GLY B 105 -15.69 -7.35 4.66
N GLN B 106 -15.06 -7.48 3.49
CA GLN B 106 -15.40 -8.46 2.48
C GLN B 106 -14.20 -9.38 2.24
N GLY B 107 -14.42 -10.68 2.39
CA GLY B 107 -13.38 -11.68 2.26
C GLY B 107 -13.00 -12.29 3.61
N ASN B 108 -11.82 -12.90 3.64
CA ASN B 108 -11.25 -13.53 4.82
C ASN B 108 -10.69 -12.44 5.74
N PHE B 109 -11.32 -12.27 6.91
CA PHE B 109 -10.92 -11.28 7.89
C PHE B 109 -10.57 -11.95 9.22
N GLY B 110 -10.27 -13.26 9.17
CA GLY B 110 -9.82 -13.98 10.35
C GLY B 110 -10.99 -14.68 11.05
N SER B 111 -10.64 -15.56 11.99
CA SER B 111 -11.61 -16.34 12.75
C SER B 111 -11.27 -16.25 14.24
N MET B 112 -12.07 -16.98 15.05
CA MET B 112 -11.90 -17.02 16.50
C MET B 112 -10.71 -17.90 16.90
N ASP B 113 -10.14 -18.62 15.92
CA ASP B 113 -9.07 -19.57 16.18
C ASP B 113 -7.70 -18.90 16.00
N GLY B 114 -7.72 -17.59 15.74
CA GLY B 114 -6.49 -16.80 15.67
C GLY B 114 -5.91 -16.75 14.25
N ASP B 115 -6.61 -17.38 13.30
CA ASP B 115 -6.27 -17.26 11.89
C ASP B 115 -6.36 -15.79 11.50
N GLY B 116 -5.28 -15.26 10.92
CA GLY B 116 -5.25 -13.89 10.46
C GLY B 116 -6.11 -13.70 9.22
N ALA B 117 -6.28 -12.44 8.81
CA ALA B 117 -7.03 -12.08 7.63
C ALA B 117 -6.20 -12.38 6.38
N ALA B 118 -6.89 -12.50 5.23
N ALA B 118 -6.90 -12.52 5.24
CA ALA B 118 -6.24 -12.63 3.94
CA ALA B 118 -6.27 -12.66 3.93
C ALA B 118 -5.38 -11.39 3.68
C ALA B 118 -5.47 -11.39 3.62
N ALA B 119 -4.25 -11.60 3.00
N ALA B 119 -4.26 -11.59 3.09
CA ALA B 119 -3.41 -10.48 2.59
CA ALA B 119 -3.43 -10.47 2.67
C ALA B 119 -4.29 -9.36 2.08
C ALA B 119 -4.31 -9.36 2.14
N MET B 120 -3.82 -8.12 2.20
CA MET B 120 -4.65 -6.93 1.96
C MET B 120 -4.96 -6.74 0.48
N ARG B 121 -4.28 -7.51 -0.38
N ARG B 121 -4.28 -7.50 -0.38
CA ARG B 121 -4.52 -7.46 -1.81
CA ARG B 121 -4.54 -7.44 -1.82
C ARG B 121 -5.84 -8.13 -2.15
C ARG B 121 -5.86 -8.14 -2.15
N TYR B 122 -6.43 -8.84 -1.17
CA TYR B 122 -7.58 -9.69 -1.43
CA TYR B 122 -7.57 -9.72 -1.38
C TYR B 122 -8.84 -9.18 -0.74
N THR B 123 -8.67 -8.42 0.34
N THR B 123 -8.67 -8.41 0.34
CA THR B 123 -9.81 -7.98 1.13
CA THR B 123 -9.81 -7.98 1.13
C THR B 123 -10.31 -6.64 0.64
C THR B 123 -10.30 -6.63 0.64
N GLU B 124 -11.59 -6.37 0.91
CA GLU B 124 -12.21 -5.09 0.63
C GLU B 124 -12.88 -4.65 1.92
N ALA B 125 -13.07 -3.33 2.07
CA ALA B 125 -13.62 -2.81 3.31
C ALA B 125 -14.41 -1.53 3.04
N ARG B 126 -15.27 -1.19 3.99
CA ARG B 126 -16.04 0.05 4.00
C ARG B 126 -16.47 0.31 5.45
N MET B 127 -17.01 1.51 5.72
CA MET B 127 -17.54 1.84 7.03
C MET B 127 -18.78 1.01 7.31
N THR B 128 -19.01 0.70 8.59
CA THR B 128 -20.29 0.19 9.04
C THR B 128 -21.25 1.36 9.20
N LYS B 129 -22.55 1.05 9.28
CA LYS B 129 -23.59 2.05 9.51
C LYS B 129 -23.24 2.88 10.74
N ILE B 130 -22.73 2.23 11.79
CA ILE B 130 -22.58 2.88 13.09
C ILE B 130 -21.28 3.69 13.15
N THR B 131 -20.39 3.49 12.18
CA THR B 131 -19.16 4.28 12.09
C THR B 131 -19.49 5.69 11.59
N LEU B 132 -20.56 5.79 10.78
CA LEU B 132 -21.06 7.07 10.31
C LEU B 132 -21.38 7.98 11.49
N GLU B 133 -21.77 7.38 12.63
CA GLU B 133 -22.21 8.11 13.81
C GLU B 133 -21.00 8.61 14.60
N LEU B 134 -19.83 8.00 14.37
CA LEU B 134 -18.60 8.45 14.99
C LEU B 134 -18.11 9.72 14.28
N LEU B 135 -18.44 9.81 12.98
CA LEU B 135 -17.91 10.83 12.09
C LEU B 135 -18.96 11.91 11.80
N ARG B 136 -20.20 11.65 12.22
CA ARG B 136 -21.30 12.59 12.01
C ARG B 136 -20.93 13.95 12.59
N ASP B 137 -21.03 14.98 11.72
CA ASP B 137 -20.88 16.38 12.11
C ASP B 137 -19.42 16.81 12.14
N ILE B 138 -18.53 16.02 11.51
CA ILE B 138 -17.10 16.29 11.57
C ILE B 138 -16.75 17.50 10.70
N ASN B 139 -17.63 17.85 9.76
CA ASN B 139 -17.39 18.96 8.86
C ASN B 139 -18.19 20.18 9.31
N LYS B 140 -18.56 20.19 10.59
CA LYS B 140 -19.41 21.24 11.14
C LYS B 140 -18.70 21.93 12.32
N ASP B 141 -17.36 21.91 12.28
CA ASP B 141 -16.49 22.62 13.22
C ASP B 141 -16.75 22.13 14.65
N THR B 142 -16.98 20.83 14.79
CA THR B 142 -17.32 20.22 16.06
C THR B 142 -16.05 19.83 16.81
N ILE B 143 -15.03 19.41 16.04
CA ILE B 143 -13.76 18.97 16.58
C ILE B 143 -12.61 19.75 15.93
N ASP B 144 -11.45 19.74 16.59
CA ASP B 144 -10.30 20.52 16.16
C ASP B 144 -9.42 19.68 15.23
N PHE B 145 -9.07 20.26 14.08
CA PHE B 145 -8.19 19.62 13.13
C PHE B 145 -6.75 20.01 13.41
N ILE B 146 -5.82 19.13 13.01
CA ILE B 146 -4.40 19.29 13.23
C ILE B 146 -3.65 18.91 11.95
N ASP B 147 -2.47 19.51 11.77
CA ASP B 147 -1.58 19.15 10.68
C ASP B 147 -1.23 17.67 10.82
N ASN B 148 -1.09 17.00 9.67
CA ASN B 148 -0.54 15.66 9.63
C ASN B 148 0.96 15.73 9.95
N TYR B 149 1.63 14.58 9.82
CA TYR B 149 3.02 14.41 10.24
C TYR B 149 3.97 15.25 9.38
N ASP B 150 3.60 15.50 8.11
CA ASP B 150 4.50 16.17 7.18
C ASP B 150 3.98 17.58 6.84
N GLY B 151 2.76 17.87 7.30
CA GLY B 151 2.17 19.19 7.14
C GLY B 151 1.56 19.43 5.76
N ASN B 152 1.31 18.36 5.02
CA ASN B 152 0.67 18.48 3.71
C ASN B 152 -0.83 18.20 3.83
N GLU B 153 -1.24 17.58 4.95
CA GLU B 153 -2.62 17.17 5.12
C GLU B 153 -3.12 17.60 6.50
N ARG B 154 -4.45 17.53 6.66
CA ARG B 154 -5.12 17.82 7.92
C ARG B 154 -5.85 16.56 8.38
N GLU B 155 -5.86 16.37 9.70
CA GLU B 155 -6.50 15.22 10.32
C GLU B 155 -7.19 15.67 11.60
N PRO B 156 -8.20 14.90 12.08
CA PRO B 156 -8.91 15.22 13.32
C PRO B 156 -8.13 14.76 14.55
N SER B 157 -8.22 15.53 15.63
CA SER B 157 -7.59 15.15 16.89
C SER B 157 -8.50 14.17 17.62
N VAL B 158 -9.82 14.32 17.40
CA VAL B 158 -10.80 13.44 18.01
C VAL B 158 -11.98 13.30 17.05
N LEU B 159 -12.72 12.19 17.15
CA LEU B 159 -13.92 12.09 16.34
C LEU B 159 -15.11 12.65 17.12
N PRO B 160 -16.16 13.16 16.44
CA PRO B 160 -17.37 13.60 17.14
C PRO B 160 -17.95 12.50 18.03
N ALA B 161 -17.96 11.26 17.52
CA ALA B 161 -18.34 10.08 18.29
C ALA B 161 -19.71 10.27 18.95
N ARG B 162 -20.78 10.10 18.18
CA ARG B 162 -22.11 10.38 18.69
C ARG B 162 -22.61 9.23 19.56
N PHE B 163 -21.85 8.13 19.60
CA PHE B 163 -22.10 7.08 20.58
C PHE B 163 -20.85 6.87 21.42
N PRO B 164 -20.99 6.51 22.73
CA PRO B 164 -19.84 6.27 23.60
C PRO B 164 -19.05 5.01 23.23
N ASN B 165 -18.01 5.20 22.41
CA ASN B 165 -17.32 4.12 21.70
C ASN B 165 -16.30 3.45 22.61
N LEU B 166 -15.70 4.21 23.53
CA LEU B 166 -14.65 3.68 24.38
C LEU B 166 -15.18 2.49 25.18
N LEU B 167 -16.35 2.68 25.80
CA LEU B 167 -16.89 1.65 26.68
C LEU B 167 -17.60 0.58 25.83
N ALA B 168 -18.26 1.02 24.77
CA ALA B 168 -18.97 0.11 23.87
C ALA B 168 -18.02 -0.93 23.30
N ASN B 169 -16.88 -0.47 22.79
CA ASN B 169 -15.99 -1.36 22.07
C ASN B 169 -14.81 -1.79 22.93
N GLY B 170 -14.57 -1.06 24.02
CA GLY B 170 -13.45 -1.35 24.89
C GLY B 170 -12.11 -1.00 24.23
N ALA B 171 -11.03 -1.48 24.86
CA ALA B 171 -9.69 -1.15 24.45
C ALA B 171 -8.72 -2.00 25.25
N SER B 172 -7.66 -2.47 24.58
CA SER B 172 -6.50 -3.00 25.26
C SER B 172 -5.26 -2.49 24.55
N GLY B 173 -4.30 -1.99 25.34
CA GLY B 173 -3.09 -1.37 24.82
C GLY B 173 -1.95 -1.50 25.82
N ILE B 174 -0.77 -1.85 25.31
CA ILE B 174 0.42 -1.96 26.14
C ILE B 174 1.26 -0.71 25.89
N ALA B 175 1.36 0.15 26.90
CA ALA B 175 2.05 1.42 26.74
C ALA B 175 3.46 1.32 27.30
N VAL B 176 3.95 2.42 27.88
CA VAL B 176 5.19 2.41 28.65
C VAL B 176 4.86 2.96 30.04
N GLY B 177 5.27 2.22 31.07
CA GLY B 177 5.00 2.56 32.45
C GLY B 177 3.59 2.16 32.88
N MET B 178 2.75 1.77 31.91
CA MET B 178 1.34 1.53 32.16
C MET B 178 0.71 0.85 30.94
N ALA B 179 -0.55 0.42 31.09
CA ALA B 179 -1.29 -0.25 30.03
C ALA B 179 -2.78 0.03 30.21
N THR B 180 -3.59 -0.49 29.28
CA THR B 180 -5.03 -0.30 29.34
C THR B 180 -5.71 -1.63 29.02
N ASN B 181 -6.84 -1.85 29.67
CA ASN B 181 -7.71 -2.98 29.42
C ASN B 181 -9.12 -2.59 29.85
N ILE B 182 -9.95 -2.24 28.86
CA ILE B 182 -11.33 -1.84 29.07
C ILE B 182 -12.23 -2.84 28.33
N PRO B 183 -13.18 -3.50 29.02
CA PRO B 183 -14.07 -4.46 28.36
C PRO B 183 -15.17 -3.74 27.61
N PRO B 184 -15.71 -4.32 26.51
CA PRO B 184 -16.86 -3.74 25.81
C PRO B 184 -18.12 -3.80 26.67
N HIS B 185 -19.13 -2.99 26.29
CA HIS B 185 -20.39 -2.90 27.02
C HIS B 185 -21.56 -2.95 26.05
N ASN B 186 -22.79 -3.00 26.59
CA ASN B 186 -24.01 -2.96 25.80
C ASN B 186 -24.40 -1.51 25.53
N LEU B 187 -24.63 -1.20 24.25
CA LEU B 187 -24.90 0.16 23.81
C LEU B 187 -26.14 0.72 24.51
N THR B 188 -27.21 -0.07 24.57
CA THR B 188 -28.47 0.39 25.15
C THR B 188 -28.21 0.83 26.60
N GLU B 189 -27.45 0.01 27.33
CA GLU B 189 -27.17 0.19 28.74
C GLU B 189 -26.35 1.46 28.95
N LEU B 190 -25.39 1.70 28.05
CA LEU B 190 -24.48 2.83 28.18
C LEU B 190 -25.22 4.14 27.95
N ILE B 191 -26.04 4.17 26.90
CA ILE B 191 -26.78 5.37 26.55
C ILE B 191 -27.79 5.67 27.66
N ASN B 192 -28.47 4.62 28.16
CA ASN B 192 -29.37 4.73 29.30
C ASN B 192 -28.61 5.28 30.50
N GLY B 193 -27.36 4.85 30.65
CA GLY B 193 -26.48 5.27 31.73
C GLY B 193 -26.09 6.74 31.60
N VAL B 194 -25.85 7.16 30.36
CA VAL B 194 -25.47 8.54 30.07
C VAL B 194 -26.70 9.45 30.22
N LEU B 195 -27.87 8.93 29.85
CA LEU B 195 -29.12 9.67 29.96
C LEU B 195 -29.44 9.92 31.43
N SER B 196 -29.21 8.90 32.26
CA SER B 196 -29.36 8.99 33.70
C SER B 196 -28.44 10.06 34.26
N LEU B 197 -27.16 9.98 33.88
CA LEU B 197 -26.13 10.89 34.35
C LEU B 197 -26.50 12.33 33.99
N SER B 198 -27.01 12.53 32.77
CA SER B 198 -27.31 13.85 32.25
C SER B 198 -28.40 14.54 33.07
N LYS B 199 -29.12 13.75 33.87
CA LYS B 199 -30.22 14.25 34.69
C LYS B 199 -29.80 14.37 36.14
N ASN B 200 -28.75 13.63 36.54
CA ASN B 200 -28.28 13.60 37.91
C ASN B 200 -26.75 13.60 37.94
N PRO B 201 -26.09 14.78 37.91
CA PRO B 201 -24.63 14.85 37.96
C PRO B 201 -24.03 14.20 39.21
N ASP B 202 -24.81 14.15 40.29
CA ASP B 202 -24.35 13.62 41.56
C ASP B 202 -24.72 12.13 41.68
N ILE B 203 -24.95 11.48 40.52
CA ILE B 203 -25.33 10.08 40.47
C ILE B 203 -24.16 9.23 40.96
N SER B 204 -24.49 8.13 41.66
CA SER B 204 -23.50 7.20 42.18
C SER B 204 -23.27 6.07 41.18
N ILE B 205 -22.19 5.30 41.41
CA ILE B 205 -21.84 4.16 40.58
C ILE B 205 -22.91 3.07 40.71
N ALA B 206 -23.37 2.85 41.95
CA ALA B 206 -24.40 1.88 42.26
C ALA B 206 -25.67 2.15 41.44
N GLU B 207 -26.01 3.44 41.31
N GLU B 207 -26.01 3.44 41.31
CA GLU B 207 -27.18 3.87 40.56
CA GLU B 207 -27.18 3.86 40.56
C GLU B 207 -26.93 3.67 39.06
C GLU B 207 -26.93 3.67 39.06
N LEU B 208 -25.73 4.01 38.62
CA LEU B 208 -25.32 3.84 37.21
C LEU B 208 -25.41 2.37 36.80
N MET B 209 -25.17 1.46 37.76
CA MET B 209 -25.12 0.03 37.48
C MET B 209 -26.54 -0.54 37.33
N GLU B 210 -27.57 0.25 37.62
CA GLU B 210 -28.94 -0.14 37.33
C GLU B 210 -29.17 -0.15 35.83
N ASP B 211 -28.49 0.77 35.13
CA ASP B 211 -28.54 0.86 33.68
C ASP B 211 -27.46 -0.05 33.09
N ILE B 212 -26.21 0.14 33.53
CA ILE B 212 -25.06 -0.60 33.05
C ILE B 212 -24.78 -1.74 34.02
N GLU B 213 -25.40 -2.90 33.76
CA GLU B 213 -25.32 -4.09 34.60
C GLU B 213 -23.88 -4.60 34.70
N GLY B 214 -23.11 -4.39 33.62
CA GLY B 214 -21.73 -4.86 33.54
C GLY B 214 -21.23 -4.89 32.10
N PRO B 215 -20.04 -5.48 31.84
CA PRO B 215 -19.55 -5.64 30.47
C PRO B 215 -20.50 -6.48 29.60
N ASP B 216 -20.34 -6.35 28.28
CA ASP B 216 -21.08 -7.15 27.33
C ASP B 216 -20.14 -7.54 26.19
N PHE B 217 -19.67 -8.79 26.22
CA PHE B 217 -18.68 -9.25 25.27
C PHE B 217 -19.37 -9.69 23.97
N PRO B 218 -18.72 -9.49 22.80
CA PRO B 218 -19.31 -9.89 21.53
C PRO B 218 -19.51 -11.40 21.47
N THR B 219 -18.61 -12.12 22.16
CA THR B 219 -18.58 -13.58 22.19
C THR B 219 -19.54 -14.12 23.26
N ALA B 220 -20.35 -13.22 23.83
CA ALA B 220 -21.35 -13.55 24.83
C ALA B 220 -20.70 -14.21 26.04
N GLY B 221 -21.29 -15.34 26.49
CA GLY B 221 -20.77 -16.11 27.61
C GLY B 221 -21.36 -15.67 28.95
N LEU B 222 -20.67 -16.00 30.04
CA LEU B 222 -21.17 -15.71 31.38
C LEU B 222 -20.13 -14.92 32.19
N ILE B 223 -20.62 -14.13 33.15
CA ILE B 223 -19.79 -13.48 34.16
C ILE B 223 -20.23 -13.98 35.54
N LEU B 224 -19.25 -14.39 36.35
CA LEU B 224 -19.50 -14.92 37.69
C LEU B 224 -19.57 -13.79 38.70
N GLY B 225 -20.79 -13.40 39.08
CA GLY B 225 -21.01 -12.45 40.15
C GLY B 225 -20.95 -11.00 39.68
N LYS B 226 -21.28 -10.08 40.60
CA LYS B 226 -21.34 -8.65 40.32
C LYS B 226 -20.25 -7.92 41.10
N SER B 227 -19.49 -8.69 41.90
CA SER B 227 -18.45 -8.18 42.78
C SER B 227 -17.30 -7.61 41.96
N GLY B 228 -16.84 -8.38 40.96
CA GLY B 228 -15.74 -7.98 40.09
C GLY B 228 -16.10 -6.73 39.29
N ILE B 229 -17.33 -6.71 38.79
CA ILE B 229 -17.86 -5.60 38.00
C ILE B 229 -17.86 -4.32 38.84
N ARG B 230 -18.35 -4.41 40.09
CA ARG B 230 -18.54 -3.26 40.94
C ARG B 230 -17.19 -2.62 41.30
N ARG B 231 -16.21 -3.46 41.62
N ARG B 231 -16.21 -3.48 41.62
CA ARG B 231 -14.89 -3.00 42.02
CA ARG B 231 -14.88 -3.06 42.02
C ARG B 231 -14.16 -2.35 40.85
C ARG B 231 -14.19 -2.36 40.86
N ALA B 232 -14.37 -2.91 39.64
CA ALA B 232 -13.77 -2.38 38.43
C ALA B 232 -14.43 -1.05 38.06
N TYR B 233 -15.73 -0.91 38.37
CA TYR B 233 -16.46 0.30 38.05
C TYR B 233 -16.19 1.40 39.08
N GLU B 234 -15.87 1.01 40.33
CA GLU B 234 -15.63 1.95 41.40
C GLU B 234 -14.24 2.55 41.33
N THR B 235 -13.23 1.74 40.99
CA THR B 235 -11.84 2.16 41.15
C THR B 235 -11.13 2.23 39.79
N GLY B 236 -11.63 1.48 38.81
CA GLY B 236 -11.03 1.42 37.50
C GLY B 236 -10.20 0.16 37.29
N ARG B 237 -10.16 -0.70 38.32
CA ARG B 237 -9.32 -1.89 38.34
C ARG B 237 -10.07 -3.01 39.04
N GLY B 238 -9.95 -4.23 38.50
CA GLY B 238 -10.63 -5.37 39.10
C GLY B 238 -10.63 -6.58 38.17
N SER B 239 -10.78 -7.76 38.78
CA SER B 239 -10.84 -9.03 38.09
C SER B 239 -12.30 -9.38 37.84
N ILE B 240 -12.64 -9.64 36.57
CA ILE B 240 -13.96 -10.11 36.19
C ILE B 240 -13.83 -11.51 35.61
N GLN B 241 -14.51 -12.47 36.25
CA GLN B 241 -14.47 -13.86 35.81
C GLN B 241 -15.43 -14.05 34.64
N MET B 242 -14.85 -14.34 33.46
CA MET B 242 -15.61 -14.72 32.27
C MET B 242 -15.65 -16.24 32.19
N ARG B 243 -16.86 -16.79 32.14
CA ARG B 243 -17.04 -18.24 32.09
C ARG B 243 -17.72 -18.60 30.78
N SER B 244 -17.25 -19.70 30.16
CA SER B 244 -17.87 -20.29 28.99
C SER B 244 -19.31 -20.68 29.30
N ARG B 245 -20.17 -20.60 28.29
CA ARG B 245 -21.50 -21.20 28.38
C ARG B 245 -21.38 -22.68 28.06
N ALA B 246 -21.69 -23.52 29.06
CA ALA B 246 -21.58 -24.96 28.94
C ALA B 246 -22.79 -25.65 29.57
N VAL B 247 -23.31 -26.65 28.87
CA VAL B 247 -24.47 -27.42 29.33
C VAL B 247 -24.11 -28.91 29.32
N ILE B 248 -24.77 -29.67 30.20
CA ILE B 248 -24.53 -31.10 30.33
C ILE B 248 -25.75 -31.84 29.80
N GLU B 249 -25.48 -32.90 29.03
CA GLU B 249 -26.53 -33.75 28.48
C GLU B 249 -26.04 -35.21 28.42
N ARG B 255 -24.14 -42.38 29.90
CA ARG B 255 -22.95 -41.50 29.82
C ARG B 255 -23.38 -40.10 29.40
N GLN B 256 -22.50 -39.12 29.62
CA GLN B 256 -22.85 -37.72 29.41
C GLN B 256 -21.71 -36.97 28.71
N ARG B 257 -22.06 -35.82 28.13
CA ARG B 257 -21.13 -34.99 27.38
C ARG B 257 -21.37 -33.53 27.76
N ILE B 258 -20.31 -32.72 27.68
CA ILE B 258 -20.39 -31.29 27.92
C ILE B 258 -20.29 -30.58 26.57
N VAL B 259 -21.20 -29.63 26.35
CA VAL B 259 -21.20 -28.85 25.12
C VAL B 259 -20.94 -27.38 25.48
N VAL B 260 -19.92 -26.78 24.83
CA VAL B 260 -19.59 -25.39 25.01
C VAL B 260 -20.03 -24.64 23.77
N THR B 261 -20.86 -23.61 23.96
CA THR B 261 -21.44 -22.86 22.85
C THR B 261 -20.87 -21.45 22.82
N GLU B 262 -20.37 -20.97 23.97
CA GLU B 262 -19.81 -19.63 24.06
C GLU B 262 -18.52 -19.71 24.88
N ILE B 263 -17.48 -19.00 24.40
CA ILE B 263 -16.18 -18.98 25.03
C ILE B 263 -15.92 -17.58 25.57
N PRO B 264 -15.01 -17.39 26.56
CA PRO B 264 -14.67 -16.06 27.06
C PRO B 264 -14.01 -15.19 25.98
N PHE B 265 -14.04 -13.88 26.23
CA PHE B 265 -13.54 -12.86 25.31
C PHE B 265 -12.02 -12.96 25.22
N GLN B 266 -11.52 -13.00 23.97
CA GLN B 266 -10.10 -12.95 23.66
C GLN B 266 -9.46 -14.32 23.87
N VAL B 267 -10.28 -15.34 24.10
CA VAL B 267 -9.77 -16.71 24.17
C VAL B 267 -9.70 -17.29 22.75
N ASN B 268 -8.52 -17.74 22.38
CA ASN B 268 -8.28 -18.47 21.14
C ASN B 268 -8.87 -19.88 21.29
N LYS B 269 -9.87 -20.19 20.46
CA LYS B 269 -10.68 -21.40 20.59
C LYS B 269 -9.83 -22.65 20.39
N ALA B 270 -8.95 -22.63 19.38
CA ALA B 270 -8.09 -23.75 19.06
C ALA B 270 -7.06 -23.98 20.17
N ARG B 271 -6.58 -22.88 20.76
N ARG B 271 -6.59 -22.88 20.77
CA ARG B 271 -5.57 -22.93 21.80
CA ARG B 271 -5.57 -22.90 21.80
C ARG B 271 -6.17 -23.51 23.09
C ARG B 271 -6.16 -23.49 23.09
N MET B 272 -7.43 -23.15 23.36
CA MET B 272 -8.14 -23.60 24.55
C MET B 272 -8.36 -25.11 24.49
N ILE B 273 -8.74 -25.61 23.31
CA ILE B 273 -8.97 -27.03 23.07
C ILE B 273 -7.67 -27.80 23.30
N GLU B 274 -6.57 -27.25 22.77
CA GLU B 274 -5.25 -27.87 22.90
C GLU B 274 -4.89 -28.04 24.36
N LYS B 275 -5.28 -27.07 25.21
CA LYS B 275 -4.98 -27.12 26.63
C LYS B 275 -5.84 -28.17 27.34
N ILE B 276 -7.05 -28.41 26.83
CA ILE B 276 -7.92 -29.43 27.39
C ILE B 276 -7.36 -30.81 27.03
N ALA B 277 -6.88 -30.94 25.78
CA ALA B 277 -6.26 -32.18 25.31
C ALA B 277 -4.94 -32.40 26.03
N GLU B 278 -4.21 -31.30 26.30
CA GLU B 278 -2.94 -31.34 27.01
C GLU B 278 -3.16 -31.79 28.45
N LEU B 279 -4.33 -31.44 29.00
CA LEU B 279 -4.71 -31.82 30.35
C LEU B 279 -4.85 -33.34 30.45
N VAL B 280 -5.70 -33.91 29.58
CA VAL B 280 -6.06 -35.31 29.65
C VAL B 280 -4.82 -36.17 29.35
N ARG B 281 -3.95 -35.67 28.46
CA ARG B 281 -2.73 -36.36 28.08
C ARG B 281 -1.76 -36.42 29.27
N ASP B 282 -1.68 -35.32 30.03
CA ASP B 282 -0.79 -35.23 31.17
C ASP B 282 -1.41 -35.91 32.38
N LYS B 283 -2.62 -36.47 32.19
CA LYS B 283 -3.38 -37.16 33.23
C LYS B 283 -3.67 -36.20 34.38
N LYS B 284 -3.86 -34.92 34.04
CA LYS B 284 -4.10 -33.88 35.02
C LYS B 284 -5.58 -33.86 35.41
N ILE B 285 -6.44 -34.31 34.50
CA ILE B 285 -7.87 -34.38 34.75
C ILE B 285 -8.36 -35.81 34.50
N ASP B 286 -9.48 -36.15 35.14
CA ASP B 286 -10.02 -37.50 35.14
C ASP B 286 -11.45 -37.49 34.61
N GLY B 287 -11.76 -38.41 33.69
CA GLY B 287 -13.12 -38.67 33.28
C GLY B 287 -13.40 -38.29 31.82
N ILE B 288 -12.49 -37.52 31.21
CA ILE B 288 -12.65 -37.12 29.82
C ILE B 288 -12.19 -38.27 28.92
N THR B 289 -13.05 -38.62 27.96
CA THR B 289 -12.79 -39.71 27.04
C THR B 289 -12.54 -39.16 25.63
N ASP B 290 -13.23 -38.07 25.28
CA ASP B 290 -13.17 -37.53 23.93
C ASP B 290 -13.34 -36.01 23.97
N LEU B 291 -12.60 -35.34 23.08
CA LEU B 291 -12.61 -33.89 22.95
C LEU B 291 -12.62 -33.52 21.46
N ARG B 292 -13.77 -33.00 21.00
CA ARG B 292 -14.00 -32.75 19.59
C ARG B 292 -14.47 -31.30 19.39
N ASP B 293 -14.02 -30.69 18.31
CA ASP B 293 -14.50 -29.38 17.88
C ASP B 293 -15.40 -29.56 16.66
N GLU B 294 -16.71 -29.39 16.88
CA GLU B 294 -17.71 -29.56 15.83
C GLU B 294 -18.24 -28.18 15.42
N THR B 295 -17.37 -27.18 15.50
CA THR B 295 -17.74 -25.79 15.26
C THR B 295 -17.71 -25.50 13.76
N SER B 296 -18.87 -25.10 13.24
CA SER B 296 -18.98 -24.59 11.88
C SER B 296 -19.69 -23.23 11.92
N LEU B 297 -19.53 -22.45 10.84
CA LEU B 297 -20.13 -21.12 10.76
C LEU B 297 -21.65 -21.24 10.81
N ARG B 298 -22.18 -22.28 10.16
CA ARG B 298 -23.61 -22.54 10.11
C ARG B 298 -24.12 -22.98 11.47
N THR B 299 -23.35 -23.87 12.12
CA THR B 299 -23.74 -24.47 13.39
C THR B 299 -23.50 -23.47 14.52
N GLY B 300 -22.41 -22.71 14.42
CA GLY B 300 -21.93 -21.87 15.51
C GLY B 300 -20.87 -22.60 16.33
N VAL B 301 -20.50 -22.02 17.48
CA VAL B 301 -19.50 -22.61 18.35
C VAL B 301 -20.09 -23.85 19.02
N ARG B 302 -19.35 -24.96 18.91
CA ARG B 302 -19.77 -26.24 19.50
C ARG B 302 -18.53 -27.09 19.77
N VAL B 303 -18.16 -27.16 21.05
CA VAL B 303 -17.07 -28.01 21.53
C VAL B 303 -17.68 -29.07 22.45
N VAL B 304 -17.45 -30.34 22.11
CA VAL B 304 -18.07 -31.46 22.83
C VAL B 304 -17.00 -32.21 23.62
N ILE B 305 -17.25 -32.40 24.92
CA ILE B 305 -16.35 -33.14 25.78
C ILE B 305 -17.10 -34.33 26.38
N ASP B 306 -16.76 -35.52 25.90
CA ASP B 306 -17.38 -36.77 26.33
C ASP B 306 -16.79 -37.21 27.67
N VAL B 307 -17.64 -37.80 28.51
CA VAL B 307 -17.31 -38.13 29.89
C VAL B 307 -17.37 -39.65 30.07
N ARG B 308 -16.43 -40.18 30.87
CA ARG B 308 -16.41 -41.58 31.24
C ARG B 308 -17.54 -41.86 32.23
N LYS B 309 -18.23 -42.99 32.03
CA LYS B 309 -19.40 -43.36 32.81
C LYS B 309 -19.02 -43.49 34.29
N ALA B 313 -20.68 -35.37 35.65
CA ALA B 313 -19.92 -34.54 34.68
C ALA B 313 -19.65 -33.16 35.27
N SER B 314 -20.39 -32.83 36.35
CA SER B 314 -20.38 -31.53 36.98
C SER B 314 -19.00 -31.24 37.59
N VAL B 315 -18.39 -32.28 38.18
CA VAL B 315 -17.10 -32.16 38.84
C VAL B 315 -16.02 -31.92 37.79
N ILE B 316 -16.16 -32.59 36.64
CA ILE B 316 -15.18 -32.45 35.55
C ILE B 316 -15.27 -31.04 34.96
N LEU B 317 -16.49 -30.55 34.76
CA LEU B 317 -16.70 -29.23 34.17
C LEU B 317 -16.14 -28.15 35.09
N ASN B 318 -16.35 -28.31 36.40
CA ASN B 318 -15.83 -27.37 37.39
C ASN B 318 -14.31 -27.40 37.39
N ASN B 319 -13.75 -28.60 37.17
CA ASN B 319 -12.30 -28.80 37.12
C ASN B 319 -11.72 -28.12 35.88
N LEU B 320 -12.48 -28.16 34.78
CA LEU B 320 -12.05 -27.55 33.53
C LEU B 320 -12.01 -26.04 33.65
N TYR B 321 -12.99 -25.46 34.36
CA TYR B 321 -13.04 -24.03 34.57
C TYR B 321 -11.76 -23.53 35.22
N LYS B 322 -11.26 -24.31 36.20
CA LYS B 322 -10.12 -23.92 37.01
C LYS B 322 -8.81 -24.14 36.24
N GLN B 323 -8.76 -25.18 35.40
CA GLN B 323 -7.50 -25.69 34.90
C GLN B 323 -7.28 -25.35 33.43
N THR B 324 -8.33 -24.81 32.78
CA THR B 324 -8.24 -24.41 31.38
C THR B 324 -8.75 -22.99 31.21
N PRO B 325 -8.45 -22.32 30.07
CA PRO B 325 -9.02 -21.00 29.76
C PRO B 325 -10.53 -21.04 29.51
N LEU B 326 -11.18 -22.15 29.87
CA LEU B 326 -12.63 -22.27 29.78
C LEU B 326 -13.27 -21.22 30.68
N GLN B 327 -12.56 -20.89 31.78
CA GLN B 327 -12.84 -19.72 32.58
C GLN B 327 -11.59 -18.84 32.59
N THR B 328 -11.74 -17.61 32.11
CA THR B 328 -10.65 -16.66 32.02
C THR B 328 -11.02 -15.38 32.75
N SER B 329 -10.03 -14.77 33.40
CA SER B 329 -10.17 -13.49 34.06
C SER B 329 -9.94 -12.36 33.07
N PHE B 330 -10.83 -11.36 33.11
CA PHE B 330 -10.59 -10.10 32.42
C PHE B 330 -10.11 -9.08 33.45
N GLY B 331 -8.80 -8.82 33.43
CA GLY B 331 -8.18 -7.88 34.35
C GLY B 331 -8.40 -6.44 33.87
N VAL B 332 -9.39 -5.78 34.47
CA VAL B 332 -9.84 -4.45 34.04
C VAL B 332 -8.87 -3.41 34.58
N ASN B 333 -8.53 -2.43 33.73
CA ASN B 333 -7.52 -1.41 34.02
C ASN B 333 -7.79 -0.21 33.12
N MET B 334 -8.80 0.57 33.49
CA MET B 334 -9.35 1.60 32.61
C MET B 334 -8.45 2.83 32.64
N ILE B 335 -7.37 2.77 31.84
CA ILE B 335 -6.53 3.95 31.63
C ILE B 335 -6.80 4.47 30.22
N ALA B 336 -7.02 5.78 30.14
CA ALA B 336 -7.30 6.45 28.88
C ALA B 336 -6.74 7.86 28.93
N LEU B 337 -6.66 8.49 27.76
CA LEU B 337 -6.23 9.87 27.65
C LEU B 337 -7.39 10.81 27.97
N VAL B 338 -7.21 11.60 29.04
CA VAL B 338 -8.11 12.69 29.38
C VAL B 338 -7.30 13.97 29.33
N ASN B 339 -7.76 14.93 28.51
CA ASN B 339 -7.12 16.22 28.35
C ASN B 339 -5.66 16.03 27.92
N GLY B 340 -5.41 14.95 27.17
CA GLY B 340 -4.11 14.64 26.61
C GLY B 340 -3.16 13.95 27.61
N ARG B 341 -3.71 13.55 28.76
CA ARG B 341 -2.92 12.92 29.82
C ARG B 341 -3.52 11.57 30.18
N PRO B 342 -2.69 10.52 30.42
CA PRO B 342 -3.20 9.21 30.83
C PRO B 342 -3.80 9.29 32.23
N LYS B 343 -5.01 8.75 32.38
N LYS B 343 -5.03 8.77 32.37
CA LYS B 343 -5.74 8.81 33.64
CA LYS B 343 -5.75 8.81 33.62
C LYS B 343 -6.46 7.49 33.86
C LYS B 343 -6.44 7.46 33.85
N LEU B 344 -6.29 6.93 35.07
CA LEU B 344 -7.06 5.79 35.53
C LEU B 344 -8.42 6.31 35.96
N ILE B 345 -9.48 5.75 35.37
CA ILE B 345 -10.82 6.30 35.53
C ILE B 345 -11.77 5.19 35.96
N ASN B 346 -12.80 5.57 36.73
CA ASN B 346 -13.89 4.70 37.10
C ASN B 346 -15.00 4.90 36.07
N LEU B 347 -16.17 4.27 36.30
CA LEU B 347 -17.24 4.28 35.33
C LEU B 347 -17.83 5.68 35.17
N LYS B 348 -17.99 6.40 36.30
CA LYS B 348 -18.62 7.70 36.26
C LYS B 348 -17.77 8.69 35.47
N GLU B 349 -16.46 8.71 35.75
CA GLU B 349 -15.51 9.59 35.09
C GLU B 349 -15.61 9.41 33.57
N ALA B 350 -15.71 8.13 33.14
CA ALA B 350 -15.72 7.78 31.72
C ALA B 350 -16.96 8.35 31.04
N LEU B 351 -18.10 8.33 31.75
CA LEU B 351 -19.35 8.83 31.19
C LEU B 351 -19.38 10.35 31.27
N VAL B 352 -18.79 10.91 32.33
CA VAL B 352 -18.79 12.36 32.49
C VAL B 352 -17.98 12.97 31.35
N HIS B 353 -16.78 12.44 31.13
CA HIS B 353 -15.86 12.93 30.12
C HIS B 353 -16.47 12.82 28.72
N TYR B 354 -17.21 11.73 28.48
CA TYR B 354 -17.89 11.53 27.20
C TYR B 354 -19.04 12.52 27.01
N LEU B 355 -19.91 12.67 28.03
CA LEU B 355 -21.07 13.54 27.95
C LEU B 355 -20.62 14.98 27.73
N GLU B 356 -19.55 15.39 28.43
N GLU B 356 -19.55 15.37 28.46
CA GLU B 356 -19.02 16.73 28.31
CA GLU B 356 -18.92 16.67 28.37
C GLU B 356 -18.50 16.95 26.89
C GLU B 356 -18.49 16.93 26.92
N HIS B 357 -18.03 15.87 26.25
CA HIS B 357 -17.55 15.91 24.88
C HIS B 357 -18.73 16.10 23.91
N GLN B 358 -19.86 15.48 24.23
CA GLN B 358 -21.05 15.55 23.40
C GLN B 358 -21.61 16.97 23.44
N LYS B 359 -21.69 17.51 24.66
CA LYS B 359 -22.15 18.86 24.92
C LYS B 359 -21.32 19.87 24.11
N THR B 360 -20.02 19.62 23.97
CA THR B 360 -19.14 20.51 23.21
C THR B 360 -19.40 20.33 21.71
N VAL B 361 -19.54 19.06 21.29
CA VAL B 361 -19.75 18.71 19.90
C VAL B 361 -21.01 19.39 19.38
N VAL B 362 -22.11 19.26 20.13
CA VAL B 362 -23.42 19.74 19.71
C VAL B 362 -23.45 21.27 19.76
N ARG B 363 -22.74 21.86 20.73
CA ARG B 363 -22.68 23.31 20.87
C ARG B 363 -21.98 23.88 19.64
N ARG B 364 -20.80 23.34 19.33
CA ARG B 364 -19.97 23.83 18.25
C ARG B 364 -20.68 23.67 16.92
N ARG B 365 -21.45 22.57 16.77
CA ARG B 365 -22.18 22.30 15.55
C ARG B 365 -23.25 23.37 15.34
N THR B 366 -23.91 23.75 16.45
CA THR B 366 -24.98 24.73 16.43
C THR B 366 -24.42 26.11 16.06
N GLN B 367 -23.29 26.49 16.67
CA GLN B 367 -22.60 27.73 16.34
C GLN B 367 -22.30 27.78 14.85
N TYR B 368 -21.69 26.69 14.34
CA TYR B 368 -21.39 26.54 12.92
C TYR B 368 -22.67 26.68 12.09
N ASN B 369 -23.72 25.97 12.50
CA ASN B 369 -24.97 25.92 11.76
C ASN B 369 -25.60 27.32 11.67
N LEU B 370 -25.69 27.99 12.82
CA LEU B 370 -26.21 29.35 12.93
C LEU B 370 -25.42 30.28 12.03
N ARG B 371 -24.08 30.19 12.11
CA ARG B 371 -23.14 30.96 11.30
C ARG B 371 -23.40 30.72 9.82
N LYS B 372 -23.67 29.46 9.44
CA LYS B 372 -23.90 29.09 8.05
C LYS B 372 -25.26 29.59 7.57
N ALA B 373 -26.27 29.44 8.43
CA ALA B 373 -27.65 29.84 8.11
C ALA B 373 -27.73 31.36 7.94
N LYS B 374 -27.08 32.09 8.85
CA LYS B 374 -27.11 33.55 8.85
C LYS B 374 -26.41 34.09 7.61
N ASP B 375 -25.28 33.50 7.25
CA ASP B 375 -24.55 33.85 6.04
C ASP B 375 -25.45 33.69 4.82
N ARG B 376 -26.26 32.62 4.83
CA ARG B 376 -27.11 32.24 3.71
C ARG B 376 -28.32 33.15 3.63
N ALA B 377 -28.93 33.42 4.79
CA ALA B 377 -30.11 34.27 4.90
C ALA B 377 -29.76 35.69 4.48
N HIS B 378 -28.48 36.05 4.64
CA HIS B 378 -27.95 37.31 4.18
C HIS B 378 -27.90 37.32 2.64
N ILE B 379 -27.47 36.20 2.06
CA ILE B 379 -27.36 36.08 0.60
C ILE B 379 -28.77 36.18 -0.01
N LEU B 380 -29.74 35.51 0.62
CA LEU B 380 -31.09 35.41 0.11
C LEU B 380 -31.75 36.78 0.07
N GLU B 381 -31.46 37.62 1.07
CA GLU B 381 -31.97 38.98 1.15
C GLU B 381 -31.53 39.77 -0.09
N GLY B 382 -30.26 39.60 -0.48
CA GLY B 382 -29.72 40.25 -1.66
C GLY B 382 -30.39 39.78 -2.94
N LEU B 383 -30.68 38.47 -3.02
CA LEU B 383 -31.26 37.89 -4.21
C LEU B 383 -32.71 38.36 -4.38
N ARG B 384 -33.44 38.48 -3.26
CA ARG B 384 -34.81 38.92 -3.26
C ARG B 384 -34.91 40.32 -3.84
N ILE B 385 -34.04 41.22 -3.36
CA ILE B 385 -33.95 42.60 -3.82
C ILE B 385 -33.62 42.63 -5.32
N ALA B 386 -32.73 41.75 -5.75
CA ALA B 386 -32.33 41.67 -7.15
C ALA B 386 -33.49 41.19 -8.02
N LEU B 387 -34.24 40.19 -7.51
CA LEU B 387 -35.33 39.59 -8.28
C LEU B 387 -36.56 40.49 -8.27
N ASP B 388 -36.74 41.26 -7.18
CA ASP B 388 -37.89 42.13 -7.03
C ASP B 388 -37.73 43.38 -7.90
N HIS B 389 -36.48 43.78 -8.14
CA HIS B 389 -36.19 44.98 -8.90
C HIS B 389 -35.25 44.66 -10.06
N ILE B 390 -35.57 43.58 -10.80
CA ILE B 390 -34.65 42.97 -11.75
C ILE B 390 -34.40 43.89 -12.94
N ASP B 391 -35.45 44.60 -13.40
CA ASP B 391 -35.32 45.53 -14.51
C ASP B 391 -34.22 46.55 -14.22
N GLU B 392 -34.19 47.06 -12.98
CA GLU B 392 -33.21 48.03 -12.53
C GLU B 392 -31.84 47.38 -12.41
N ILE B 393 -31.83 46.14 -11.87
CA ILE B 393 -30.62 45.38 -11.63
C ILE B 393 -29.87 45.18 -12.95
N ILE B 394 -30.60 44.80 -14.00
CA ILE B 394 -30.00 44.50 -15.30
C ILE B 394 -29.36 45.77 -15.89
N SER B 395 -30.10 46.89 -15.84
CA SER B 395 -29.63 48.14 -16.43
C SER B 395 -28.38 48.66 -15.70
N THR B 396 -28.38 48.55 -14.36
CA THR B 396 -27.23 48.91 -13.55
C THR B 396 -26.01 48.10 -13.97
N ILE B 397 -26.22 46.80 -14.18
CA ILE B 397 -25.18 45.88 -14.63
C ILE B 397 -24.81 46.19 -16.07
N ARG B 398 -25.82 46.49 -16.89
CA ARG B 398 -25.62 46.71 -18.32
C ARG B 398 -24.85 48.01 -18.56
N GLU B 399 -25.06 49.01 -17.69
CA GLU B 399 -24.44 50.31 -17.90
C GLU B 399 -23.01 50.30 -17.36
N SER B 400 -22.63 49.20 -16.70
CA SER B 400 -21.33 49.07 -16.10
C SER B 400 -20.32 48.56 -17.12
N ASP B 401 -19.04 48.92 -16.91
CA ASP B 401 -17.97 48.62 -17.84
C ASP B 401 -17.26 47.34 -17.42
N THR B 402 -16.99 47.24 -16.10
CA THR B 402 -16.30 46.10 -15.52
C THR B 402 -17.16 45.51 -14.42
N ASP B 403 -16.72 44.35 -13.91
CA ASP B 403 -17.39 43.69 -12.80
C ASP B 403 -17.26 44.54 -11.54
N LYS B 404 -16.07 45.11 -11.32
CA LYS B 404 -15.79 45.96 -10.17
C LYS B 404 -16.75 47.13 -10.14
N VAL B 405 -16.89 47.83 -11.28
CA VAL B 405 -17.79 48.97 -11.40
C VAL B 405 -19.21 48.50 -11.11
N ALA B 406 -19.59 47.35 -11.67
CA ALA B 406 -20.92 46.78 -11.48
C ALA B 406 -21.15 46.44 -10.01
N MET B 407 -20.09 45.96 -9.34
N MET B 407 -20.09 45.96 -9.33
CA MET B 407 -20.14 45.63 -7.93
CA MET B 407 -20.17 45.63 -7.92
C MET B 407 -20.42 46.88 -7.11
C MET B 407 -20.41 46.90 -7.09
N GLU B 408 -19.72 47.97 -7.44
N GLU B 408 -19.69 47.97 -7.44
CA GLU B 408 -19.85 49.23 -6.71
CA GLU B 408 -19.82 49.23 -6.74
C GLU B 408 -21.23 49.82 -6.95
C GLU B 408 -21.23 49.79 -6.96
N SER B 409 -21.68 49.76 -8.21
CA SER B 409 -22.96 50.32 -8.63
C SER B 409 -24.14 49.62 -7.95
N LEU B 410 -24.01 48.31 -7.72
CA LEU B 410 -25.08 47.53 -7.10
C LEU B 410 -25.17 47.85 -5.61
N GLN B 411 -24.00 48.06 -4.99
CA GLN B 411 -23.91 48.28 -3.55
C GLN B 411 -24.44 49.67 -3.22
N GLN B 412 -24.13 50.64 -4.09
CA GLN B 412 -24.48 52.03 -3.88
C GLN B 412 -25.98 52.23 -4.08
N ARG B 413 -26.49 51.73 -5.22
CA ARG B 413 -27.84 52.02 -5.66
C ARG B 413 -28.86 51.24 -4.83
N PHE B 414 -28.49 50.02 -4.40
CA PHE B 414 -29.45 49.11 -3.79
C PHE B 414 -29.11 48.84 -2.33
N LYS B 415 -28.05 49.50 -1.83
CA LYS B 415 -27.60 49.36 -0.45
C LYS B 415 -27.34 47.87 -0.15
N LEU B 416 -26.55 47.24 -1.02
CA LEU B 416 -26.20 45.83 -0.88
C LEU B 416 -24.80 45.72 -0.29
N SER B 417 -24.55 44.59 0.37
CA SER B 417 -23.23 44.24 0.87
C SER B 417 -22.37 43.79 -0.31
N GLU B 418 -21.07 43.58 -0.04
CA GLU B 418 -20.15 43.12 -1.08
C GLU B 418 -20.51 41.68 -1.46
N LYS B 419 -20.87 40.87 -0.45
CA LYS B 419 -21.26 39.48 -0.64
C LYS B 419 -22.57 39.39 -1.41
N GLN B 420 -23.51 40.30 -1.13
CA GLN B 420 -24.83 40.29 -1.76
C GLN B 420 -24.70 40.65 -3.24
N ALA B 421 -23.93 41.71 -3.53
CA ALA B 421 -23.71 42.17 -4.89
C ALA B 421 -23.00 41.07 -5.69
N GLN B 422 -22.06 40.39 -5.05
CA GLN B 422 -21.29 39.32 -5.65
C GLN B 422 -22.21 38.17 -6.04
N ALA B 423 -23.15 37.82 -5.14
CA ALA B 423 -24.08 36.73 -5.35
C ALA B 423 -25.08 37.06 -6.46
N ILE B 424 -25.34 38.36 -6.67
CA ILE B 424 -26.26 38.80 -7.70
C ILE B 424 -25.61 38.67 -9.07
N LEU B 425 -24.32 38.99 -9.18
CA LEU B 425 -23.61 38.90 -10.44
C LEU B 425 -23.36 37.43 -10.79
N ASP B 426 -23.44 36.55 -9.78
CA ASP B 426 -23.22 35.13 -9.96
C ASP B 426 -24.55 34.42 -10.23
N MET B 427 -25.64 35.19 -10.24
CA MET B 427 -26.96 34.63 -10.49
C MET B 427 -27.08 34.29 -11.98
N ARG B 428 -27.71 33.15 -12.28
CA ARG B 428 -27.88 32.72 -13.66
C ARG B 428 -29.20 33.26 -14.20
N LEU B 429 -29.29 33.34 -15.54
CA LEU B 429 -30.45 33.90 -16.21
C LEU B 429 -31.67 33.01 -16.00
N ARG B 430 -31.44 31.72 -15.68
CA ARG B 430 -32.52 30.77 -15.52
C ARG B 430 -33.28 31.03 -14.22
N ARG B 431 -32.71 31.87 -13.36
CA ARG B 431 -33.32 32.18 -12.08
C ARG B 431 -34.28 33.37 -12.22
N LEU B 432 -34.49 33.82 -13.47
CA LEU B 432 -35.39 34.92 -13.74
C LEU B 432 -36.80 34.39 -13.99
N THR B 433 -36.94 33.06 -14.03
CA THR B 433 -38.21 32.40 -14.34
C THR B 433 -39.21 32.59 -13.19
N GLY B 434 -40.43 32.10 -13.42
CA GLY B 434 -41.60 32.45 -12.62
C GLY B 434 -41.56 31.88 -11.20
N LEU B 435 -41.22 30.59 -11.09
CA LEU B 435 -41.32 29.87 -9.83
C LEU B 435 -40.14 30.21 -8.92
N GLU B 436 -39.11 30.83 -9.50
CA GLU B 436 -37.83 31.03 -8.83
C GLU B 436 -37.96 31.98 -7.64
N ARG B 437 -38.82 33.00 -7.77
CA ARG B 437 -38.99 34.01 -6.73
C ARG B 437 -39.68 33.39 -5.51
N ASP B 438 -40.63 32.49 -5.74
CA ASP B 438 -41.35 31.80 -4.68
C ASP B 438 -40.43 30.78 -4.00
N LYS B 439 -39.47 30.26 -4.77
CA LYS B 439 -38.53 29.27 -4.29
C LYS B 439 -37.51 29.91 -3.35
N ILE B 440 -37.16 31.17 -3.61
CA ILE B 440 -36.16 31.87 -2.81
C ILE B 440 -36.78 32.28 -1.48
N GLU B 441 -38.05 32.71 -1.50
CA GLU B 441 -38.70 33.23 -0.31
C GLU B 441 -39.04 32.08 0.64
N ALA B 442 -39.40 30.92 0.07
CA ALA B 442 -39.74 29.73 0.84
C ALA B 442 -38.52 29.23 1.61
N GLU B 443 -37.36 29.24 0.94
CA GLU B 443 -36.11 28.80 1.55
C GLU B 443 -35.72 29.76 2.67
N TYR B 444 -36.07 31.04 2.48
CA TYR B 444 -35.69 32.12 3.38
C TYR B 444 -36.53 32.06 4.66
N ASN B 445 -37.83 31.79 4.51
CA ASN B 445 -38.73 31.69 5.65
C ASN B 445 -38.31 30.52 6.55
N GLU B 446 -37.83 29.43 5.91
CA GLU B 446 -37.41 28.24 6.63
C GLU B 446 -36.12 28.52 7.41
N LEU B 447 -35.25 29.34 6.81
CA LEU B 447 -33.99 29.75 7.44
C LEU B 447 -34.27 30.52 8.72
N LEU B 448 -35.19 31.50 8.63
CA LEU B 448 -35.50 32.41 9.73
C LEU B 448 -35.90 31.61 10.97
N ASN B 449 -36.71 30.57 10.77
CA ASN B 449 -37.15 29.69 11.84
C ASN B 449 -35.98 28.82 12.32
N TYR B 450 -35.14 28.35 11.38
CA TYR B 450 -34.00 27.52 11.71
C TYR B 450 -33.00 28.32 12.56
N ILE B 451 -32.68 29.54 12.12
CA ILE B 451 -31.85 30.47 12.86
C ILE B 451 -32.35 30.60 14.29
N SER B 452 -33.68 30.74 14.44
CA SER B 452 -34.36 30.88 15.71
C SER B 452 -34.17 29.65 16.60
N GLU B 453 -34.25 28.45 16.01
N GLU B 453 -34.24 28.45 16.01
CA GLU B 453 -34.11 27.19 16.72
CA GLU B 453 -34.10 27.20 16.74
C GLU B 453 -32.69 27.06 17.28
C GLU B 453 -32.69 27.06 17.29
N LEU B 454 -31.70 27.43 16.46
CA LEU B 454 -30.29 27.27 16.81
C LEU B 454 -29.89 28.22 17.94
N GLU B 455 -30.47 29.43 17.94
CA GLU B 455 -30.17 30.43 18.96
C GLU B 455 -30.72 30.02 20.33
N THR B 456 -31.90 29.37 20.31
CA THR B 456 -32.51 28.85 21.53
C THR B 456 -31.57 27.83 22.20
N ILE B 457 -30.87 27.04 21.37
CA ILE B 457 -30.00 25.98 21.84
C ILE B 457 -28.74 26.58 22.45
N LEU B 458 -28.29 27.71 21.90
CA LEU B 458 -27.07 28.35 22.35
C LEU B 458 -27.33 29.24 23.57
N ALA B 459 -28.60 29.49 23.87
CA ALA B 459 -28.97 30.47 24.89
C ALA B 459 -29.47 29.78 26.16
N ASP B 460 -29.63 28.45 26.11
CA ASP B 460 -30.11 27.69 27.24
C ASP B 460 -29.40 26.34 27.29
N GLU B 461 -28.55 26.19 28.32
CA GLU B 461 -27.81 24.96 28.59
C GLU B 461 -28.73 23.75 28.57
N GLU B 462 -29.92 23.89 29.16
CA GLU B 462 -30.85 22.77 29.32
C GLU B 462 -31.39 22.34 27.95
N VAL B 463 -31.55 23.31 27.04
CA VAL B 463 -32.06 23.02 25.71
C VAL B 463 -31.01 22.27 24.90
N LEU B 464 -29.74 22.65 25.09
N LEU B 464 -29.73 22.64 25.09
CA LEU B 464 -28.60 22.02 24.44
CA LEU B 464 -28.64 21.99 24.40
C LEU B 464 -28.46 20.59 24.95
C LEU B 464 -28.47 20.57 24.94
N LEU B 465 -28.71 20.40 26.24
CA LEU B 465 -28.55 19.13 26.93
C LEU B 465 -29.64 18.16 26.49
N GLN B 466 -30.85 18.68 26.26
CA GLN B 466 -31.97 17.88 25.78
C GLN B 466 -31.70 17.44 24.34
N LEU B 467 -31.09 18.32 23.55
CA LEU B 467 -30.76 18.01 22.16
C LEU B 467 -29.76 16.86 22.13
N VAL B 468 -28.83 16.82 23.09
CA VAL B 468 -27.89 15.72 23.22
C VAL B 468 -28.67 14.45 23.57
N ARG B 469 -29.61 14.57 24.51
CA ARG B 469 -30.39 13.44 25.01
C ARG B 469 -31.14 12.78 23.85
N ASP B 470 -31.80 13.61 23.04
CA ASP B 470 -32.60 13.17 21.93
C ASP B 470 -31.73 12.42 20.92
N GLU B 471 -30.59 13.04 20.57
CA GLU B 471 -29.73 12.50 19.53
C GLU B 471 -29.14 11.16 19.98
N LEU B 472 -28.78 11.07 21.27
CA LEU B 472 -28.29 9.83 21.86
C LEU B 472 -29.37 8.76 21.80
N THR B 473 -30.61 9.15 22.14
CA THR B 473 -31.75 8.24 22.20
C THR B 473 -32.05 7.64 20.83
N GLU B 474 -31.88 8.46 19.78
N GLU B 474 -31.89 8.45 19.78
CA GLU B 474 -32.11 8.05 18.40
CA GLU B 474 -32.13 8.00 18.42
C GLU B 474 -31.13 6.94 18.01
C GLU B 474 -31.12 6.92 18.03
N ILE B 475 -29.86 7.10 18.43
CA ILE B 475 -28.82 6.12 18.15
C ILE B 475 -29.09 4.83 18.95
N ARG B 476 -29.56 4.99 20.19
CA ARG B 476 -29.98 3.86 21.00
C ARG B 476 -31.10 3.09 20.31
N ASP B 477 -32.08 3.82 19.75
CA ASP B 477 -33.25 3.18 19.17
C ASP B 477 -32.91 2.54 17.83
N ARG B 478 -31.82 2.98 17.21
CA ARG B 478 -31.48 2.54 15.87
C ARG B 478 -30.46 1.40 15.95
N PHE B 479 -29.58 1.44 16.97
CA PHE B 479 -28.42 0.57 17.00
C PHE B 479 -28.37 -0.27 18.29
N GLY B 480 -29.20 0.09 19.28
CA GLY B 480 -29.26 -0.66 20.51
C GLY B 480 -29.70 -2.11 20.27
N ASP B 481 -29.07 -3.05 20.99
CA ASP B 481 -29.30 -4.47 20.78
C ASP B 481 -29.41 -5.17 22.13
N ASP B 482 -29.81 -6.44 22.11
CA ASP B 482 -29.93 -7.27 23.31
C ASP B 482 -28.53 -7.53 23.88
N ARG B 483 -28.49 -7.71 25.20
CA ARG B 483 -27.28 -8.10 25.93
C ARG B 483 -26.94 -9.55 25.59
N ARG B 484 -25.64 -9.82 25.40
CA ARG B 484 -25.16 -11.12 24.96
C ARG B 484 -24.61 -11.91 26.15
N THR B 485 -23.87 -11.21 27.01
CA THR B 485 -23.23 -11.80 28.17
C THR B 485 -24.21 -11.80 29.34
N GLU B 486 -24.42 -12.98 29.94
CA GLU B 486 -25.29 -13.15 31.08
C GLU B 486 -24.46 -12.99 32.36
N ILE B 487 -24.94 -12.11 33.26
CA ILE B 487 -24.30 -11.92 34.56
C ILE B 487 -25.07 -12.73 35.60
N GLN B 488 -24.45 -13.84 36.04
CA GLN B 488 -25.04 -14.74 37.01
C GLN B 488 -24.61 -14.33 38.42
N LEU B 489 -25.59 -14.28 39.34
CA LEU B 489 -25.34 -13.97 40.73
C LEU B 489 -25.29 -15.26 41.53
N GLY B 490 -24.55 -15.24 42.66
CA GLY B 490 -24.44 -16.39 43.55
C GLY B 490 -22.99 -16.75 43.81
N LYS C 9 0.65 -26.82 9.28
CA LYS C 9 0.18 -26.39 7.92
C LYS C 9 -1.17 -27.04 7.62
N LEU C 10 -1.18 -28.38 7.66
CA LEU C 10 -2.37 -29.19 7.44
C LEU C 10 -3.37 -28.92 8.57
N ALA C 11 -4.58 -28.50 8.17
CA ALA C 11 -5.73 -28.50 9.05
C ALA C 11 -6.56 -29.74 8.75
N ASP C 12 -6.25 -30.84 9.46
CA ASP C 12 -6.86 -32.13 9.20
C ASP C 12 -8.32 -32.12 9.65
N CYS C 13 -9.07 -33.15 9.21
CA CYS C 13 -10.46 -33.34 9.61
C CYS C 13 -10.51 -34.40 10.71
N SER C 14 -11.69 -34.51 11.35
CA SER C 14 -11.88 -35.38 12.50
C SER C 14 -11.95 -36.85 12.07
N SER C 15 -12.73 -37.11 11.03
CA SER C 15 -12.92 -38.46 10.51
C SER C 15 -11.59 -39.00 10.00
N LYS C 16 -11.28 -40.24 10.40
CA LYS C 16 -10.05 -40.91 10.00
C LYS C 16 -10.39 -42.03 9.01
N SER C 17 -11.55 -41.90 8.37
CA SER C 17 -12.03 -42.87 7.40
C SER C 17 -11.85 -42.33 5.98
N PRO C 18 -10.82 -42.80 5.24
CA PRO C 18 -10.47 -42.22 3.93
C PRO C 18 -11.57 -42.14 2.87
N GLU C 19 -12.57 -43.03 2.96
N GLU C 19 -12.55 -43.05 2.97
CA GLU C 19 -13.58 -43.16 1.93
CA GLU C 19 -13.61 -43.19 1.97
C GLU C 19 -14.50 -41.94 1.91
C GLU C 19 -14.46 -41.92 1.91
N GLU C 20 -14.73 -41.34 3.09
CA GLU C 20 -15.62 -40.19 3.20
C GLU C 20 -14.84 -38.88 3.37
N CYS C 21 -13.51 -38.95 3.30
CA CYS C 21 -12.68 -37.79 3.55
C CYS C 21 -12.19 -37.16 2.25
N GLU C 22 -12.00 -35.84 2.28
CA GLU C 22 -11.52 -35.08 1.15
C GLU C 22 -10.53 -34.02 1.63
N ILE C 23 -9.47 -33.81 0.85
CA ILE C 23 -8.48 -32.79 1.15
C ILE C 23 -8.51 -31.73 0.04
N PHE C 24 -8.49 -30.46 0.45
CA PHE C 24 -8.50 -29.35 -0.48
C PHE C 24 -7.13 -28.69 -0.48
N LEU C 25 -6.56 -28.52 -1.68
CA LEU C 25 -5.27 -27.88 -1.85
C LEU C 25 -5.50 -26.44 -2.31
N VAL C 26 -5.08 -25.48 -1.46
CA VAL C 26 -5.27 -24.07 -1.72
C VAL C 26 -3.90 -23.41 -1.83
N GLU C 27 -3.89 -22.15 -2.31
N GLU C 27 -3.90 -22.15 -2.30
CA GLU C 27 -2.68 -21.47 -2.72
CA GLU C 27 -2.69 -21.46 -2.72
C GLU C 27 -1.90 -20.94 -1.52
C GLU C 27 -1.90 -20.93 -1.52
N GLY C 28 -2.57 -20.80 -0.37
CA GLY C 28 -1.94 -20.26 0.83
C GLY C 28 -2.93 -19.97 1.94
N ASP C 29 -2.49 -19.17 2.91
CA ASP C 29 -3.23 -18.88 4.14
C ASP C 29 -4.38 -17.93 3.86
N SER C 30 -4.19 -17.05 2.87
CA SER C 30 -5.21 -16.08 2.50
C SER C 30 -6.46 -16.81 2.01
N ALA C 31 -6.25 -17.84 1.19
CA ALA C 31 -7.31 -18.72 0.73
C ALA C 31 -7.61 -19.77 1.80
N GLY C 32 -6.57 -20.16 2.55
CA GLY C 32 -6.67 -21.19 3.56
C GLY C 32 -7.60 -20.80 4.71
N GLY C 33 -7.63 -19.51 5.04
CA GLY C 33 -8.47 -18.98 6.09
C GLY C 33 -9.96 -19.11 5.75
N SER C 34 -10.32 -18.64 4.55
CA SER C 34 -11.66 -18.74 4.01
C SER C 34 -12.09 -20.21 3.97
N THR C 35 -11.16 -21.09 3.58
CA THR C 35 -11.44 -22.49 3.37
C THR C 35 -11.65 -23.21 4.71
N LYS C 36 -10.83 -22.84 5.71
CA LYS C 36 -10.85 -23.46 7.02
C LYS C 36 -12.12 -23.08 7.78
N SER C 37 -12.62 -21.86 7.54
CA SER C 37 -13.80 -21.38 8.24
C SER C 37 -15.06 -21.93 7.58
N GLY C 38 -14.99 -22.17 6.27
CA GLY C 38 -16.16 -22.56 5.49
C GLY C 38 -16.37 -24.07 5.47
N ARG C 39 -15.32 -24.83 5.82
CA ARG C 39 -15.28 -26.26 5.57
C ARG C 39 -16.21 -27.01 6.51
N ASP C 40 -16.43 -28.29 6.19
CA ASP C 40 -16.97 -29.27 7.13
C ASP C 40 -15.79 -30.02 7.75
N SER C 41 -15.40 -29.59 8.95
CA SER C 41 -14.16 -30.04 9.58
C SER C 41 -14.24 -31.52 9.97
N ARG C 42 -15.39 -32.15 9.69
CA ARG C 42 -15.55 -33.57 9.98
C ARG C 42 -14.85 -34.39 8.90
N THR C 43 -15.01 -33.97 7.63
CA THR C 43 -14.59 -34.81 6.51
C THR C 43 -13.78 -34.02 5.49
N GLN C 44 -13.51 -32.73 5.76
CA GLN C 44 -12.77 -31.91 4.82
C GLN C 44 -11.46 -31.40 5.46
N ALA C 45 -10.34 -31.86 4.91
CA ALA C 45 -9.02 -31.36 5.29
C ALA C 45 -8.57 -30.28 4.32
N ILE C 46 -7.59 -29.48 4.74
CA ILE C 46 -7.12 -28.33 3.99
C ILE C 46 -5.59 -28.29 4.11
N LEU C 47 -4.92 -28.24 2.95
CA LEU C 47 -3.48 -28.06 2.92
C LEU C 47 -3.18 -26.83 2.07
N PRO C 48 -2.84 -25.68 2.69
CA PRO C 48 -2.43 -24.49 1.95
C PRO C 48 -0.99 -24.63 1.46
N LEU C 49 -0.79 -24.51 0.15
CA LEU C 49 0.54 -24.54 -0.44
C LEU C 49 1.15 -23.14 -0.34
N ARG C 50 2.21 -22.88 -1.12
CA ARG C 50 2.87 -21.59 -1.08
C ARG C 50 3.24 -21.15 -2.49
N GLY C 51 2.25 -20.61 -3.21
CA GLY C 51 2.45 -20.11 -4.56
C GLY C 51 2.80 -21.22 -5.55
N LYS C 52 3.53 -20.84 -6.60
CA LYS C 52 3.91 -21.75 -7.67
C LYS C 52 4.70 -22.91 -7.06
N ILE C 53 4.22 -24.13 -7.29
CA ILE C 53 4.94 -25.31 -6.82
C ILE C 53 5.96 -25.69 -7.89
N LEU C 54 6.86 -26.62 -7.52
CA LEU C 54 7.92 -27.09 -8.39
C LEU C 54 7.34 -27.75 -9.64
N ASN C 55 7.95 -27.46 -10.79
CA ASN C 55 7.65 -28.13 -12.04
C ASN C 55 8.46 -29.42 -12.09
N VAL C 56 7.81 -30.53 -11.75
CA VAL C 56 8.47 -31.81 -11.55
C VAL C 56 8.87 -32.42 -12.90
N GLU C 57 8.46 -31.77 -13.99
CA GLU C 57 8.82 -32.20 -15.33
C GLU C 57 10.20 -31.65 -15.71
N LYS C 58 10.69 -30.67 -14.92
CA LYS C 58 11.92 -29.95 -15.25
C LYS C 58 12.97 -30.17 -14.17
N ALA C 59 12.54 -30.18 -12.91
CA ALA C 59 13.43 -30.26 -11.76
C ALA C 59 14.04 -31.65 -11.65
N ARG C 60 15.25 -31.72 -11.07
CA ARG C 60 15.92 -32.96 -10.76
C ARG C 60 15.23 -33.61 -9.56
N LEU C 61 15.41 -34.93 -9.42
CA LEU C 61 14.72 -35.73 -8.40
C LEU C 61 15.11 -35.28 -7.00
N ASP C 62 16.39 -34.95 -6.82
CA ASP C 62 16.93 -34.54 -5.52
C ASP C 62 16.18 -33.32 -5.00
N ARG C 63 15.92 -32.36 -5.89
CA ARG C 63 15.26 -31.11 -5.53
C ARG C 63 13.78 -31.37 -5.21
N ILE C 64 13.18 -32.36 -5.88
CA ILE C 64 11.77 -32.66 -5.72
C ILE C 64 11.51 -33.22 -4.32
N LEU C 65 12.35 -34.16 -3.88
CA LEU C 65 12.14 -34.87 -2.63
C LEU C 65 12.37 -33.94 -1.43
N ASN C 66 13.30 -32.98 -1.60
CA ASN C 66 13.67 -32.08 -0.52
C ASN C 66 12.72 -30.88 -0.50
N ASN C 67 11.97 -30.68 -1.60
CA ASN C 67 11.01 -29.61 -1.69
C ASN C 67 9.97 -29.78 -0.57
N ASN C 68 9.79 -28.70 0.21
CA ASN C 68 8.97 -28.73 1.41
C ASN C 68 7.50 -28.92 1.04
N GLU C 69 7.06 -28.23 0.00
CA GLU C 69 5.65 -28.26 -0.41
C GLU C 69 5.29 -29.64 -0.94
N ILE C 70 6.19 -30.24 -1.73
CA ILE C 70 5.99 -31.55 -2.31
C ILE C 70 5.89 -32.57 -1.18
N ARG C 71 6.77 -32.41 -0.17
CA ARG C 71 6.89 -33.30 0.97
C ARG C 71 5.61 -33.30 1.79
N GLN C 72 4.99 -32.13 1.95
N GLN C 72 5.00 -32.12 1.95
CA GLN C 72 3.79 -31.97 2.76
CA GLN C 72 3.79 -31.95 2.74
C GLN C 72 2.62 -32.70 2.12
C GLN C 72 2.63 -32.72 2.12
N MET C 73 2.58 -32.70 0.79
CA MET C 73 1.52 -33.38 0.05
C MET C 73 1.65 -34.89 0.19
N ILE C 74 2.88 -35.40 0.00
CA ILE C 74 3.17 -36.82 0.14
C ILE C 74 2.81 -37.28 1.55
N THR C 75 3.13 -36.45 2.54
CA THR C 75 2.85 -36.75 3.93
C THR C 75 1.35 -36.71 4.21
N ALA C 76 0.64 -35.75 3.59
CA ALA C 76 -0.80 -35.62 3.76
C ALA C 76 -1.52 -36.83 3.15
N PHE C 77 -1.19 -37.17 1.90
CA PHE C 77 -1.86 -38.25 1.18
C PHE C 77 -1.50 -39.60 1.81
N GLY C 78 -0.26 -39.71 2.28
CA GLY C 78 0.21 -40.86 3.05
C GLY C 78 0.37 -42.12 2.20
N THR C 79 0.61 -41.92 0.90
CA THR C 79 0.67 -43.01 -0.05
C THR C 79 2.12 -43.37 -0.37
N GLY C 80 2.98 -42.35 -0.37
CA GLY C 80 4.33 -42.48 -0.90
C GLY C 80 4.37 -42.06 -2.37
N ILE C 81 5.50 -42.33 -3.03
CA ILE C 81 5.73 -41.82 -4.37
C ILE C 81 6.33 -42.93 -5.25
N GLY C 82 5.90 -42.95 -6.52
CA GLY C 82 6.44 -43.84 -7.53
C GLY C 82 6.07 -45.31 -7.27
N GLY C 83 7.10 -46.13 -7.04
CA GLY C 83 6.93 -47.55 -6.79
C GLY C 83 6.41 -47.83 -5.38
N ASP C 84 6.79 -46.95 -4.44
CA ASP C 84 6.41 -47.09 -3.04
C ASP C 84 4.95 -46.72 -2.85
N PHE C 85 4.40 -46.01 -3.85
CA PHE C 85 3.03 -45.53 -3.81
C PHE C 85 2.07 -46.69 -3.53
N ASP C 86 1.31 -46.56 -2.43
CA ASP C 86 0.26 -47.49 -2.08
C ASP C 86 -1.05 -46.72 -2.03
N LEU C 87 -1.98 -47.07 -2.94
CA LEU C 87 -3.27 -46.43 -3.05
C LEU C 87 -4.14 -46.79 -1.83
N ALA C 88 -3.88 -47.96 -1.25
CA ALA C 88 -4.62 -48.42 -0.09
C ALA C 88 -4.30 -47.54 1.13
N LYS C 89 -3.10 -46.94 1.13
CA LYS C 89 -2.64 -46.16 2.27
C LYS C 89 -3.05 -44.70 2.14
N ALA C 90 -3.86 -44.40 1.13
CA ALA C 90 -4.39 -43.06 0.92
C ALA C 90 -5.39 -42.73 2.03
N ARG C 91 -5.21 -41.56 2.65
CA ARG C 91 -6.05 -41.14 3.76
C ARG C 91 -7.19 -40.28 3.25
N TYR C 92 -7.16 -39.95 1.96
CA TYR C 92 -8.21 -39.16 1.32
C TYR C 92 -8.60 -39.81 -0.01
N HIS C 93 -9.91 -39.93 -0.23
CA HIS C 93 -10.43 -40.50 -1.47
C HIS C 93 -10.81 -39.38 -2.44
N LYS C 94 -10.74 -38.14 -1.96
CA LYS C 94 -10.89 -36.97 -2.80
C LYS C 94 -9.75 -36.00 -2.51
N ILE C 95 -8.83 -35.86 -3.47
CA ILE C 95 -7.85 -34.79 -3.49
C ILE C 95 -8.35 -33.73 -4.47
N VAL C 96 -8.72 -32.56 -3.92
CA VAL C 96 -9.41 -31.54 -4.68
C VAL C 96 -8.45 -30.36 -4.87
N ILE C 97 -8.17 -30.03 -6.13
CA ILE C 97 -7.34 -28.87 -6.46
C ILE C 97 -8.24 -27.65 -6.48
N MET C 98 -8.00 -26.71 -5.55
CA MET C 98 -8.79 -25.49 -5.44
C MET C 98 -7.88 -24.28 -5.54
N THR C 99 -7.38 -24.02 -6.76
CA THR C 99 -6.58 -22.84 -7.04
C THR C 99 -7.49 -21.65 -7.31
N ASP C 100 -6.92 -20.44 -7.25
CA ASP C 100 -7.68 -19.20 -7.41
C ASP C 100 -8.15 -19.08 -8.86
N ALA C 101 -9.26 -18.36 -9.05
CA ALA C 101 -9.91 -18.23 -10.34
C ALA C 101 -9.25 -17.13 -11.16
N ASP C 102 -8.00 -17.39 -11.58
CA ASP C 102 -7.20 -16.49 -12.40
C ASP C 102 -6.21 -17.34 -13.22
N VAL C 103 -5.36 -16.66 -14.00
CA VAL C 103 -4.45 -17.32 -14.92
C VAL C 103 -3.32 -18.02 -14.17
N ASP C 104 -2.95 -17.49 -12.99
CA ASP C 104 -1.88 -18.05 -12.19
C ASP C 104 -2.39 -19.30 -11.47
N GLY C 105 -3.67 -19.28 -11.09
CA GLY C 105 -4.34 -20.45 -10.55
C GLY C 105 -4.35 -21.60 -11.56
N ALA C 106 -4.55 -21.25 -12.84
CA ALA C 106 -4.51 -22.22 -13.92
C ALA C 106 -3.10 -22.79 -14.06
N HIS C 107 -2.08 -21.97 -13.78
CA HIS C 107 -0.70 -22.43 -13.86
C HIS C 107 -0.38 -23.41 -12.74
N ILE C 108 -0.82 -23.06 -11.53
CA ILE C 108 -0.55 -23.86 -10.33
C ILE C 108 -1.27 -25.19 -10.46
N ARG C 109 -2.42 -25.21 -11.14
CA ARG C 109 -3.17 -26.43 -11.41
C ARG C 109 -2.39 -27.34 -12.37
N THR C 110 -1.72 -26.74 -13.36
CA THR C 110 -0.94 -27.52 -14.32
C THR C 110 0.30 -28.11 -13.63
N LEU C 111 0.86 -27.35 -12.68
CA LEU C 111 2.02 -27.79 -11.92
C LEU C 111 1.65 -28.93 -10.99
N LEU C 112 0.44 -28.87 -10.41
CA LEU C 112 -0.04 -29.87 -9.47
C LEU C 112 -0.38 -31.17 -10.21
N LEU C 113 -1.11 -31.06 -11.32
CA LEU C 113 -1.49 -32.18 -12.16
C LEU C 113 -0.24 -32.88 -12.69
N THR C 114 0.83 -32.09 -12.91
CA THR C 114 2.10 -32.61 -13.40
C THR C 114 2.73 -33.50 -12.33
N PHE C 115 2.65 -33.07 -11.08
CA PHE C 115 3.18 -33.81 -9.95
C PHE C 115 2.38 -35.10 -9.76
N PHE C 116 1.06 -34.98 -9.79
CA PHE C 116 0.16 -36.11 -9.62
C PHE C 116 0.39 -37.12 -10.74
N TYR C 117 0.62 -36.63 -11.97
CA TYR C 117 0.78 -37.53 -13.10
C TYR C 117 2.09 -38.31 -13.01
N ARG C 118 3.13 -37.65 -12.48
CA ARG C 118 4.47 -38.20 -12.54
C ARG C 118 4.84 -38.97 -11.28
N PHE C 119 4.16 -38.69 -10.15
CA PHE C 119 4.59 -39.22 -8.87
C PHE C 119 3.50 -40.03 -8.19
N MET C 120 2.25 -39.80 -8.59
CA MET C 120 1.11 -40.42 -7.94
C MET C 120 0.03 -40.71 -8.97
N ARG C 121 0.43 -41.30 -10.10
CA ARG C 121 -0.47 -41.54 -11.23
C ARG C 121 -1.66 -42.39 -10.80
N PRO C 122 -1.49 -43.47 -9.99
CA PRO C 122 -2.63 -44.28 -9.54
C PRO C 122 -3.75 -43.49 -8.85
N LEU C 123 -3.42 -42.34 -8.24
CA LEU C 123 -4.41 -41.49 -7.63
C LEU C 123 -5.38 -40.99 -8.71
N ILE C 124 -4.83 -40.61 -9.86
CA ILE C 124 -5.61 -40.11 -10.98
C ILE C 124 -6.44 -41.25 -11.56
N GLU C 125 -5.83 -42.44 -11.64
CA GLU C 125 -6.46 -43.60 -12.26
C GLU C 125 -7.63 -44.09 -11.41
N ALA C 126 -7.46 -44.00 -10.08
CA ALA C 126 -8.48 -44.42 -9.14
C ALA C 126 -9.62 -43.40 -9.10
N GLY C 127 -9.35 -42.19 -9.61
CA GLY C 127 -10.33 -41.13 -9.68
C GLY C 127 -10.45 -40.35 -8.37
N TYR C 128 -9.34 -40.28 -7.63
CA TYR C 128 -9.27 -39.58 -6.36
C TYR C 128 -8.99 -38.08 -6.59
N VAL C 129 -8.52 -37.74 -7.79
CA VAL C 129 -8.08 -36.37 -8.07
C VAL C 129 -9.22 -35.59 -8.73
N TYR C 130 -9.60 -34.47 -8.10
CA TYR C 130 -10.68 -33.63 -8.58
C TYR C 130 -10.19 -32.19 -8.77
N ILE C 131 -10.98 -31.42 -9.54
CA ILE C 131 -10.74 -30.00 -9.71
C ILE C 131 -12.00 -29.27 -9.24
N ALA C 132 -11.82 -28.36 -8.28
CA ALA C 132 -12.91 -27.54 -7.78
C ALA C 132 -13.30 -26.52 -8.86
N GLN C 133 -14.55 -26.07 -8.79
CA GLN C 133 -15.03 -24.99 -9.65
C GLN C 133 -15.51 -23.84 -8.77
N PRO C 134 -14.61 -22.93 -8.33
CA PRO C 134 -15.03 -21.72 -7.63
C PRO C 134 -15.70 -20.74 -8.59
N PRO C 135 -16.61 -19.86 -8.10
CA PRO C 135 -17.24 -18.85 -8.97
C PRO C 135 -16.19 -17.93 -9.58
N THR C 136 -16.39 -17.63 -10.87
CA THR C 136 -15.50 -16.76 -11.63
C THR C 136 -15.78 -15.30 -11.27
N GLY C 137 -14.77 -14.45 -11.43
CA GLY C 137 -14.92 -13.02 -11.19
C GLY C 137 -14.22 -12.56 -9.90
N TYR C 138 -13.96 -13.51 -9.00
CA TYR C 138 -13.30 -13.23 -7.73
C TYR C 138 -11.78 -13.25 -7.93
N LYS C 139 -11.09 -12.30 -7.27
CA LYS C 139 -9.66 -12.13 -7.39
C LYS C 139 -8.93 -13.37 -6.90
N GLY C 140 -9.23 -13.76 -5.66
CA GLY C 140 -8.78 -15.02 -5.07
C GLY C 140 -9.88 -15.65 -4.23
N LEU C 141 -9.60 -16.83 -3.68
CA LEU C 141 -10.58 -17.49 -2.83
C LEU C 141 -10.60 -16.79 -1.47
N GLY C 142 -9.50 -16.08 -1.15
CA GLY C 142 -9.42 -15.25 0.04
C GLY C 142 -10.24 -13.97 -0.09
N GLU C 143 -10.61 -13.64 -1.33
CA GLU C 143 -11.48 -12.51 -1.62
C GLU C 143 -12.92 -12.87 -1.24
N MET C 144 -13.21 -14.17 -1.20
CA MET C 144 -14.54 -14.68 -0.88
C MET C 144 -14.70 -14.80 0.63
N ASN C 145 -15.95 -14.68 1.10
CA ASN C 145 -16.31 -15.02 2.46
C ASN C 145 -16.43 -16.54 2.55
N ALA C 146 -16.37 -17.07 3.78
CA ALA C 146 -16.34 -18.51 4.00
C ALA C 146 -17.70 -19.14 3.66
N ASP C 147 -18.76 -18.37 3.87
CA ASP C 147 -20.14 -18.85 3.69
C ASP C 147 -20.40 -19.08 2.20
N GLN C 148 -19.94 -18.12 1.37
CA GLN C 148 -20.16 -18.19 -0.07
C GLN C 148 -19.23 -19.23 -0.69
N LEU C 149 -18.01 -19.36 -0.13
CA LEU C 149 -17.03 -20.31 -0.62
C LEU C 149 -17.48 -21.73 -0.31
N TRP C 150 -18.18 -21.90 0.82
CA TRP C 150 -18.64 -23.21 1.24
C TRP C 150 -19.78 -23.68 0.33
N GLU C 151 -20.75 -22.80 0.09
CA GLU C 151 -21.98 -23.17 -0.59
C GLU C 151 -21.73 -23.47 -2.06
N THR C 152 -20.88 -22.64 -2.69
CA THR C 152 -20.71 -22.67 -4.13
C THR C 152 -19.64 -23.68 -4.55
N THR C 153 -18.79 -24.10 -3.61
CA THR C 153 -17.56 -24.78 -3.99
C THR C 153 -17.31 -26.05 -3.17
N MET C 154 -17.63 -26.02 -1.87
CA MET C 154 -17.15 -27.06 -0.96
C MET C 154 -18.29 -27.96 -0.49
N ASN C 155 -19.53 -27.47 -0.51
CA ASN C 155 -20.66 -28.23 -0.01
C ASN C 155 -21.02 -29.32 -1.02
N PRO C 156 -20.96 -30.62 -0.64
CA PRO C 156 -21.28 -31.72 -1.54
C PRO C 156 -22.65 -31.62 -2.21
N GLU C 157 -23.55 -30.86 -1.60
CA GLU C 157 -24.95 -30.79 -2.01
C GLU C 157 -25.11 -29.89 -3.23
N HIS C 158 -24.22 -28.90 -3.39
CA HIS C 158 -24.41 -27.86 -4.40
C HIS C 158 -23.18 -27.70 -5.29
N ARG C 159 -22.04 -28.24 -4.86
CA ARG C 159 -20.77 -27.99 -5.53
C ARG C 159 -20.72 -28.70 -6.87
N ALA C 160 -19.74 -28.32 -7.70
CA ALA C 160 -19.50 -28.91 -9.00
C ALA C 160 -18.02 -29.23 -9.17
N LEU C 161 -17.60 -30.38 -8.65
CA LEU C 161 -16.23 -30.86 -8.79
C LEU C 161 -16.07 -31.52 -10.16
N LEU C 162 -14.86 -31.40 -10.72
CA LEU C 162 -14.51 -32.07 -11.97
C LEU C 162 -13.54 -33.20 -11.65
N GLN C 163 -13.97 -34.43 -11.94
CA GLN C 163 -13.13 -35.60 -11.73
C GLN C 163 -12.16 -35.74 -12.90
N VAL C 164 -10.86 -35.70 -12.59
CA VAL C 164 -9.80 -35.79 -13.58
C VAL C 164 -9.73 -37.22 -14.10
N LYS C 165 -9.99 -37.38 -15.40
CA LYS C 165 -10.02 -38.68 -16.02
C LYS C 165 -8.85 -38.80 -16.99
N LEU C 166 -8.08 -39.89 -16.84
CA LEU C 166 -7.04 -40.23 -17.77
C LEU C 166 -7.59 -41.23 -18.78
N GLU C 167 -7.78 -40.77 -20.02
CA GLU C 167 -8.41 -41.56 -21.07
C GLU C 167 -7.32 -42.19 -21.95
N ASP C 168 -6.25 -41.42 -22.20
CA ASP C 168 -5.16 -41.87 -23.05
C ASP C 168 -3.83 -41.59 -22.34
N ALA C 169 -3.11 -42.66 -22.01
CA ALA C 169 -1.88 -42.58 -21.24
C ALA C 169 -0.74 -42.06 -22.12
N ILE C 170 -0.71 -42.49 -23.38
CA ILE C 170 0.34 -42.12 -24.31
C ILE C 170 0.19 -40.66 -24.72
N GLU C 171 -1.06 -40.23 -24.95
CA GLU C 171 -1.37 -38.85 -25.30
C GLU C 171 -1.01 -37.93 -24.13
N ALA C 172 -1.24 -38.41 -22.91
CA ALA C 172 -0.97 -37.65 -21.69
C ALA C 172 0.54 -37.48 -21.50
N ASP C 173 1.30 -38.57 -21.74
CA ASP C 173 2.75 -38.54 -21.67
C ASP C 173 3.30 -37.42 -22.54
N GLN C 174 2.76 -37.32 -23.76
CA GLN C 174 3.23 -36.34 -24.73
C GLN C 174 2.75 -34.94 -24.33
N THR C 175 1.53 -34.85 -23.78
CA THR C 175 0.95 -33.57 -23.42
C THR C 175 1.77 -32.91 -22.32
N PHE C 176 2.10 -33.69 -21.28
CA PHE C 176 2.85 -33.16 -20.14
C PHE C 176 4.25 -32.77 -20.58
N GLU C 177 4.87 -33.60 -21.41
CA GLU C 177 6.24 -33.41 -21.87
C GLU C 177 6.35 -32.14 -22.72
N MET C 178 5.31 -31.88 -23.52
CA MET C 178 5.29 -30.73 -24.42
C MET C 178 5.11 -29.44 -23.63
N LEU C 179 4.10 -29.42 -22.76
CA LEU C 179 3.71 -28.22 -22.02
C LEU C 179 4.74 -27.91 -20.94
N MET C 180 5.10 -28.93 -20.15
CA MET C 180 5.79 -28.71 -18.89
C MET C 180 7.28 -29.03 -19.05
N GLY C 181 7.64 -29.63 -20.18
CA GLY C 181 8.97 -30.16 -20.40
C GLY C 181 10.01 -29.07 -20.56
N ASP C 182 11.28 -29.50 -20.63
CA ASP C 182 12.43 -28.62 -20.60
C ASP C 182 12.62 -27.90 -21.93
N VAL C 183 12.12 -28.50 -23.03
CA VAL C 183 12.34 -27.96 -24.37
C VAL C 183 11.27 -26.91 -24.66
N VAL C 184 11.73 -25.69 -24.96
CA VAL C 184 10.88 -24.52 -25.13
C VAL C 184 10.14 -24.64 -26.46
N GLU C 185 10.84 -25.12 -27.49
CA GLU C 185 10.34 -25.16 -28.85
C GLU C 185 8.98 -25.86 -28.92
N ASN C 186 8.85 -27.00 -28.24
CA ASN C 186 7.63 -27.78 -28.26
C ASN C 186 6.49 -26.96 -27.67
N ARG C 187 6.83 -26.14 -26.69
CA ARG C 187 5.88 -25.30 -25.97
C ARG C 187 5.48 -24.12 -26.87
N ARG C 188 6.49 -23.47 -27.47
CA ARG C 188 6.26 -22.34 -28.36
C ARG C 188 5.42 -22.77 -29.57
N GLN C 189 5.65 -24.01 -30.04
CA GLN C 189 4.92 -24.57 -31.17
C GLN C 189 3.43 -24.69 -30.81
N PHE C 190 3.15 -25.33 -29.68
CA PHE C 190 1.80 -25.51 -29.19
C PHE C 190 1.08 -24.16 -29.10
N ILE C 191 1.80 -23.16 -28.59
CA ILE C 191 1.24 -21.82 -28.39
C ILE C 191 0.86 -21.21 -29.75
N GLU C 192 1.75 -21.37 -30.74
CA GLU C 192 1.50 -20.82 -32.06
C GLU C 192 0.34 -21.57 -32.72
N ASP C 193 0.26 -22.87 -32.48
CA ASP C 193 -0.73 -23.73 -33.12
C ASP C 193 -2.14 -23.40 -32.63
N ASN C 194 -2.27 -22.94 -31.38
CA ASN C 194 -3.55 -23.00 -30.68
C ASN C 194 -4.06 -21.64 -30.23
N ALA C 195 -3.14 -20.66 -30.10
CA ALA C 195 -3.46 -19.37 -29.48
C ALA C 195 -4.56 -18.65 -30.24
N VAL C 196 -5.59 -18.20 -29.49
CA VAL C 196 -6.69 -17.43 -30.03
C VAL C 196 -6.65 -16.04 -29.39
N TYR C 197 -6.35 -15.03 -30.21
CA TYR C 197 -6.26 -13.65 -29.74
C TYR C 197 -7.62 -12.96 -29.90
N ALA C 198 -8.12 -12.95 -31.15
CA ALA C 198 -9.40 -12.35 -31.47
C ALA C 198 -10.39 -13.46 -31.85
N ASN D 9 -18.50 -32.92 -12.71
CA ASN D 9 -18.78 -34.26 -13.30
C ASN D 9 -17.47 -34.92 -13.72
N GLU D 10 -16.97 -34.53 -14.90
CA GLU D 10 -15.88 -35.23 -15.57
C GLU D 10 -15.08 -34.23 -16.42
N ARG D 11 -13.77 -34.47 -16.49
CA ARG D 11 -12.85 -33.62 -17.23
C ARG D 11 -11.60 -34.43 -17.59
N ASN D 12 -11.27 -34.46 -18.88
CA ASN D 12 -10.12 -35.19 -19.39
C ASN D 12 -8.84 -34.44 -19.03
N ILE D 13 -7.83 -35.18 -18.56
CA ILE D 13 -6.59 -34.61 -18.05
C ILE D 13 -5.81 -33.93 -19.17
N THR D 14 -5.88 -34.48 -20.39
CA THR D 14 -5.20 -33.90 -21.55
C THR D 14 -5.82 -32.56 -21.90
N SER D 15 -7.15 -32.52 -22.00
CA SER D 15 -7.91 -31.31 -22.31
C SER D 15 -7.65 -30.23 -21.27
N GLU D 16 -7.63 -30.62 -20.00
CA GLU D 16 -7.44 -29.71 -18.88
C GLU D 16 -6.06 -29.05 -18.96
N MET D 17 -5.03 -29.85 -19.23
CA MET D 17 -3.65 -29.36 -19.22
C MET D 17 -3.44 -28.41 -20.39
N ARG D 18 -4.01 -28.75 -21.55
CA ARG D 18 -3.83 -27.94 -22.76
C ARG D 18 -4.55 -26.60 -22.60
N GLU D 19 -5.74 -26.65 -22.01
N GLU D 19 -5.75 -26.64 -22.02
CA GLU D 19 -6.60 -25.48 -21.86
CA GLU D 19 -6.57 -25.45 -21.88
C GLU D 19 -6.01 -24.52 -20.82
C GLU D 19 -5.99 -24.52 -20.82
N SER D 20 -5.63 -25.08 -19.66
CA SER D 20 -5.13 -24.31 -18.54
C SER D 20 -3.75 -23.72 -18.85
N PHE D 21 -2.89 -24.50 -19.53
CA PHE D 21 -1.55 -24.03 -19.81
C PHE D 21 -1.56 -22.96 -20.90
N LEU D 22 -2.49 -23.09 -21.86
CA LEU D 22 -2.64 -22.10 -22.92
C LEU D 22 -3.20 -20.81 -22.32
N ASP D 23 -4.13 -20.94 -21.37
CA ASP D 23 -4.73 -19.81 -20.68
C ASP D 23 -3.64 -18.98 -20.01
N TYR D 24 -2.74 -19.66 -19.30
CA TYR D 24 -1.69 -18.99 -18.55
C TYR D 24 -0.67 -18.39 -19.50
N ALA D 25 -0.23 -19.21 -20.48
CA ALA D 25 0.82 -18.87 -21.43
C ALA D 25 0.47 -17.61 -22.23
N MET D 26 -0.76 -17.59 -22.78
N MET D 26 -0.75 -17.59 -22.79
N MET D 26 -0.75 -17.59 -22.79
CA MET D 26 -1.23 -16.50 -23.61
CA MET D 26 -1.22 -16.49 -23.60
CA MET D 26 -1.22 -16.49 -23.60
C MET D 26 -1.27 -15.21 -22.79
C MET D 26 -1.26 -15.20 -22.79
C MET D 26 -1.26 -15.21 -22.78
N SER D 27 -1.69 -15.34 -21.52
CA SER D 27 -1.83 -14.21 -20.61
C SER D 27 -0.47 -13.58 -20.30
N VAL D 28 0.55 -14.44 -20.11
CA VAL D 28 1.89 -13.99 -19.78
C VAL D 28 2.48 -13.28 -20.99
N ILE D 29 2.18 -13.82 -22.17
CA ILE D 29 2.64 -13.29 -23.43
C ILE D 29 2.03 -11.91 -23.67
N VAL D 30 0.70 -11.79 -23.58
CA VAL D 30 0.01 -10.59 -24.05
C VAL D 30 -0.26 -9.61 -22.90
N ALA D 31 -0.26 -10.10 -21.65
CA ALA D 31 -0.65 -9.23 -20.54
C ALA D 31 0.31 -9.32 -19.35
N ARG D 32 1.63 -9.43 -19.62
CA ARG D 32 2.58 -9.47 -18.51
C ARG D 32 3.99 -9.13 -18.98
N ALA D 33 4.61 -10.05 -19.74
CA ALA D 33 6.06 -10.10 -19.86
C ALA D 33 6.59 -9.37 -21.10
N LEU D 34 5.70 -9.06 -22.06
CA LEU D 34 6.15 -8.51 -23.32
C LEU D 34 5.64 -7.08 -23.50
N PRO D 35 6.51 -6.15 -23.99
CA PRO D 35 6.13 -4.75 -24.16
C PRO D 35 5.40 -4.51 -25.47
N ASP D 36 4.56 -3.47 -25.50
CA ASP D 36 3.89 -3.07 -26.72
C ASP D 36 4.88 -2.35 -27.64
N VAL D 37 4.69 -2.50 -28.95
CA VAL D 37 5.57 -1.91 -29.95
C VAL D 37 5.38 -0.39 -29.99
N ARG D 38 4.21 0.09 -29.53
CA ARG D 38 3.79 1.47 -29.76
C ARG D 38 4.31 2.40 -28.66
N ASP D 39 4.19 1.98 -27.39
CA ASP D 39 4.60 2.80 -26.27
C ASP D 39 5.75 2.15 -25.50
N GLY D 40 6.03 0.88 -25.82
CA GLY D 40 7.18 0.17 -25.28
C GLY D 40 7.01 -0.23 -23.82
N LEU D 41 5.75 -0.29 -23.36
CA LEU D 41 5.48 -0.56 -21.96
C LEU D 41 4.83 -1.93 -21.79
N LYS D 42 5.00 -2.50 -20.58
CA LYS D 42 4.24 -3.65 -20.14
C LYS D 42 3.02 -3.16 -19.37
N PRO D 43 1.98 -4.00 -19.17
CA PRO D 43 0.82 -3.61 -18.36
C PRO D 43 1.14 -2.87 -17.07
N VAL D 44 2.05 -3.44 -16.27
CA VAL D 44 2.38 -2.95 -14.94
C VAL D 44 2.98 -1.54 -15.05
N HIS D 45 3.85 -1.32 -16.04
CA HIS D 45 4.52 -0.04 -16.22
C HIS D 45 3.51 1.00 -16.70
N ARG D 46 2.60 0.57 -17.58
CA ARG D 46 1.63 1.49 -18.14
C ARG D 46 0.59 1.83 -17.08
N ARG D 47 0.36 0.91 -16.14
CA ARG D 47 -0.59 1.14 -15.07
C ARG D 47 0.06 2.01 -13.98
N ILE D 48 1.38 1.92 -13.83
CA ILE D 48 2.08 2.82 -12.91
C ILE D 48 2.05 4.24 -13.45
N LEU D 49 2.39 4.40 -14.73
CA LEU D 49 2.51 5.73 -15.30
C LEU D 49 1.15 6.40 -15.42
N TYR D 50 0.12 5.60 -15.75
CA TYR D 50 -1.25 6.11 -15.82
C TYR D 50 -1.75 6.50 -14.43
N GLY D 51 -1.42 5.67 -13.44
CA GLY D 51 -1.75 5.94 -12.05
C GLY D 51 -1.19 7.28 -11.58
N LEU D 52 0.06 7.57 -11.96
CA LEU D 52 0.73 8.81 -11.62
C LEU D 52 0.00 9.98 -12.27
N ASN D 53 -0.54 9.76 -13.48
CA ASN D 53 -1.17 10.81 -14.26
C ASN D 53 -2.52 11.18 -13.67
N GLU D 54 -3.27 10.15 -13.24
CA GLU D 54 -4.63 10.30 -12.76
C GLU D 54 -4.65 11.08 -11.44
N GLN D 55 -3.65 10.84 -10.59
CA GLN D 55 -3.58 11.47 -9.28
C GLN D 55 -2.78 12.77 -9.36
N GLY D 56 -2.43 13.17 -10.59
CA GLY D 56 -1.82 14.47 -10.86
C GLY D 56 -0.45 14.61 -10.19
N MET D 57 0.34 13.53 -10.26
CA MET D 57 1.69 13.53 -9.71
C MET D 57 2.68 13.87 -10.82
N THR D 58 2.81 15.17 -11.08
CA THR D 58 3.60 15.69 -12.18
C THR D 58 4.93 16.22 -11.64
N PRO D 59 5.96 16.45 -12.49
CA PRO D 59 7.25 16.95 -12.02
C PRO D 59 7.20 18.25 -11.21
N ASP D 60 6.28 19.16 -11.59
CA ASP D 60 6.15 20.45 -10.94
C ASP D 60 5.51 20.28 -9.57
N LYS D 61 4.67 19.26 -9.43
CA LYS D 61 4.04 18.93 -8.15
C LYS D 61 5.05 18.14 -7.30
N SER D 62 4.79 18.11 -5.98
CA SER D 62 5.68 17.49 -5.02
C SER D 62 5.58 15.97 -5.12
N TYR D 63 6.62 15.28 -4.59
CA TYR D 63 6.64 13.83 -4.51
C TYR D 63 5.47 13.33 -3.66
N LYS D 64 4.94 12.15 -4.00
CA LYS D 64 3.92 11.50 -3.20
C LYS D 64 4.46 10.16 -2.69
N LYS D 65 3.84 9.65 -1.63
N LYS D 65 3.82 9.63 -1.64
CA LYS D 65 4.32 8.44 -0.96
CA LYS D 65 4.30 8.44 -0.95
C LYS D 65 4.13 7.23 -1.87
C LYS D 65 4.11 7.22 -1.85
N SER D 66 5.15 6.38 -1.89
CA SER D 66 5.19 5.22 -2.78
C SER D 66 4.10 4.21 -2.43
N ALA D 67 3.76 4.13 -1.15
CA ALA D 67 2.75 3.21 -0.66
C ALA D 67 1.37 3.61 -1.18
N ARG D 68 1.15 4.93 -1.35
CA ARG D 68 -0.11 5.48 -1.82
C ARG D 68 -0.27 5.18 -3.31
N ILE D 69 0.83 5.32 -4.05
CA ILE D 69 0.87 5.04 -5.48
C ILE D 69 0.58 3.56 -5.73
N VAL D 70 1.35 2.70 -5.06
CA VAL D 70 1.26 1.26 -5.26
C VAL D 70 -0.14 0.79 -4.87
N GLY D 71 -0.70 1.40 -3.82
CA GLY D 71 -2.06 1.11 -3.37
C GLY D 71 -3.12 1.53 -4.39
N ASP D 72 -2.93 2.70 -5.01
CA ASP D 72 -3.82 3.20 -6.04
C ASP D 72 -3.73 2.33 -7.30
N VAL D 73 -2.50 1.93 -7.67
CA VAL D 73 -2.30 1.13 -8.86
C VAL D 73 -2.87 -0.27 -8.65
N MET D 74 -2.60 -0.85 -7.48
CA MET D 74 -3.07 -2.17 -7.11
C MET D 74 -4.59 -2.21 -7.09
N GLY D 75 -5.21 -1.15 -6.57
CA GLY D 75 -6.64 -1.12 -6.33
C GLY D 75 -7.44 -0.94 -7.62
N LYS D 76 -6.91 -0.11 -8.52
CA LYS D 76 -7.64 0.31 -9.72
C LYS D 76 -7.24 -0.52 -10.94
N TYR D 77 -5.94 -0.80 -11.12
CA TYR D 77 -5.49 -1.22 -12.44
C TYR D 77 -4.82 -2.59 -12.42
N HIS D 78 -4.08 -2.92 -11.34
CA HIS D 78 -3.16 -4.05 -11.34
C HIS D 78 -3.45 -5.00 -10.18
N PRO D 79 -4.31 -6.02 -10.37
CA PRO D 79 -4.72 -6.90 -9.29
C PRO D 79 -3.68 -7.97 -8.95
N HIS D 80 -2.47 -7.51 -8.64
CA HIS D 80 -1.32 -8.36 -8.39
C HIS D 80 -0.61 -7.87 -7.13
N GLY D 81 0.51 -8.53 -6.80
N GLY D 81 0.51 -8.53 -6.80
CA GLY D 81 1.28 -8.22 -5.61
CA GLY D 81 1.28 -8.22 -5.61
C GLY D 81 1.88 -6.82 -5.65
C GLY D 81 1.88 -6.82 -5.65
N ASP D 82 2.13 -6.26 -4.46
CA ASP D 82 2.71 -4.94 -4.29
C ASP D 82 4.17 -4.97 -4.72
N SER D 83 4.85 -6.07 -4.39
CA SER D 83 6.23 -6.31 -4.73
C SER D 83 6.44 -6.11 -6.24
N SER D 84 5.60 -6.75 -7.06
CA SER D 84 5.74 -6.71 -8.50
C SER D 84 5.48 -5.31 -9.03
N ILE D 85 4.64 -4.55 -8.34
CA ILE D 85 4.29 -3.20 -8.77
C ILE D 85 5.41 -2.26 -8.33
N TYR D 86 5.77 -2.33 -7.06
CA TYR D 86 6.74 -1.42 -6.48
C TYR D 86 8.10 -1.57 -7.15
N GLU D 87 8.53 -2.83 -7.35
CA GLU D 87 9.82 -3.10 -7.96
C GLU D 87 9.85 -2.62 -9.40
N ALA D 88 8.71 -2.67 -10.08
CA ALA D 88 8.61 -2.19 -11.46
C ALA D 88 8.81 -0.68 -11.48
N MET D 89 8.20 0.01 -10.51
CA MET D 89 8.25 1.47 -10.41
C MET D 89 9.69 1.91 -10.11
N VAL D 90 10.37 1.15 -9.25
CA VAL D 90 11.72 1.47 -8.78
C VAL D 90 12.68 1.44 -9.97
N ARG D 91 12.52 0.45 -10.85
CA ARG D 91 13.35 0.31 -12.04
C ARG D 91 13.27 1.57 -12.90
N MET D 92 12.06 2.13 -13.04
CA MET D 92 11.83 3.23 -13.96
C MET D 92 12.46 4.52 -13.42
N ALA D 93 12.94 4.47 -12.17
CA ALA D 93 13.52 5.62 -11.49
C ALA D 93 15.03 5.46 -11.35
N GLN D 94 15.56 4.32 -11.81
CA GLN D 94 16.99 4.04 -11.65
C GLN D 94 17.73 4.51 -12.89
N ASP D 95 18.75 5.34 -12.68
CA ASP D 95 19.48 5.92 -13.80
C ASP D 95 20.47 4.92 -14.37
N PHE D 96 20.59 3.76 -13.72
CA PHE D 96 21.49 2.70 -14.16
C PHE D 96 20.72 1.60 -14.89
N SER D 97 19.38 1.64 -14.79
CA SER D 97 18.50 0.70 -15.49
C SER D 97 17.84 1.38 -16.69
N TYR D 98 17.35 2.60 -16.48
CA TYR D 98 16.60 3.34 -17.48
C TYR D 98 17.46 4.42 -18.14
N ARG D 99 17.56 4.34 -19.47
CA ARG D 99 18.32 5.28 -20.28
C ARG D 99 17.66 6.65 -20.22
N TYR D 100 16.32 6.64 -20.28
CA TYR D 100 15.53 7.83 -20.01
C TYR D 100 14.54 7.52 -18.88
N PRO D 101 14.93 7.71 -17.61
CA PRO D 101 14.06 7.36 -16.48
C PRO D 101 12.67 7.97 -16.62
N LEU D 102 11.65 7.18 -16.29
CA LEU D 102 10.26 7.57 -16.47
C LEU D 102 9.65 7.92 -15.13
N VAL D 103 10.39 7.69 -14.04
CA VAL D 103 9.92 7.99 -12.70
C VAL D 103 10.99 8.81 -11.98
N ASP D 104 10.55 9.83 -11.25
CA ASP D 104 11.40 10.65 -10.40
C ASP D 104 11.18 10.23 -8.95
N GLY D 105 12.22 9.65 -8.34
CA GLY D 105 12.12 9.09 -7.00
C GLY D 105 13.08 9.75 -6.03
N GLN D 106 12.57 10.09 -4.83
CA GLN D 106 13.35 10.65 -3.74
C GLN D 106 13.49 9.60 -2.64
N GLY D 107 14.73 9.39 -2.19
CA GLY D 107 15.05 8.34 -1.23
C GLY D 107 15.98 7.29 -1.83
N ASN D 108 16.07 6.14 -1.15
CA ASN D 108 16.91 5.03 -1.55
C ASN D 108 16.17 4.17 -2.57
N PHE D 109 16.59 4.29 -3.85
CA PHE D 109 15.97 3.57 -4.95
C PHE D 109 16.91 2.49 -5.48
N GLY D 110 17.90 2.10 -4.66
CA GLY D 110 18.83 1.05 -5.02
C GLY D 110 20.13 1.59 -5.61
N SER D 111 21.15 0.73 -5.64
CA SER D 111 22.44 1.06 -6.24
C SER D 111 22.82 -0.01 -7.26
N MET D 112 23.91 0.24 -8.00
N MET D 112 23.92 0.25 -7.99
CA MET D 112 24.41 -0.66 -9.03
CA MET D 112 24.43 -0.63 -9.02
C MET D 112 25.02 -1.90 -8.39
C MET D 112 25.01 -1.89 -8.39
N ASP D 113 25.23 -1.83 -7.06
CA ASP D 113 25.79 -2.94 -6.29
C ASP D 113 24.70 -3.97 -5.99
N GLY D 114 23.46 -3.65 -6.36
CA GLY D 114 22.37 -4.61 -6.32
C GLY D 114 21.65 -4.63 -4.97
N ASP D 115 21.98 -3.69 -4.09
CA ASP D 115 21.18 -3.49 -2.89
C ASP D 115 19.86 -2.88 -3.33
N GLY D 116 18.76 -3.47 -2.85
CA GLY D 116 17.43 -3.07 -3.27
C GLY D 116 17.10 -1.65 -2.84
N ALA D 117 15.94 -1.16 -3.31
CA ALA D 117 15.40 0.10 -2.84
C ALA D 117 14.88 -0.09 -1.42
N ALA D 118 14.78 1.02 -0.67
CA ALA D 118 14.10 1.02 0.62
C ALA D 118 12.66 0.54 0.41
N ALA D 119 12.07 -0.01 1.48
CA ALA D 119 10.67 -0.41 1.45
C ALA D 119 9.82 0.79 1.04
N MET D 120 8.66 0.52 0.44
CA MET D 120 7.86 1.54 -0.24
C MET D 120 7.37 2.63 0.73
N ARG D 121 7.49 2.36 2.04
CA ARG D 121 6.98 3.26 3.05
CA ARG D 121 6.99 3.24 3.07
C ARG D 121 7.97 4.38 3.32
N TYR D 122 9.22 4.21 2.89
CA TYR D 122 10.23 5.25 3.08
C TYR D 122 10.33 6.14 1.83
N THR D 123 10.07 5.56 0.65
CA THR D 123 10.36 6.27 -0.59
C THR D 123 9.15 7.08 -1.05
N GLU D 124 9.43 8.09 -1.90
CA GLU D 124 8.43 8.90 -2.57
C GLU D 124 8.78 8.95 -4.06
N ALA D 125 7.77 9.16 -4.91
CA ALA D 125 7.97 9.15 -6.35
C ALA D 125 7.04 10.15 -7.05
N ARG D 126 7.35 10.41 -8.33
CA ARG D 126 6.52 11.19 -9.24
C ARG D 126 6.99 10.94 -10.67
N MET D 127 6.39 11.67 -11.63
CA MET D 127 6.77 11.59 -13.02
C MET D 127 8.11 12.29 -13.24
N THR D 128 8.79 11.89 -14.32
CA THR D 128 9.85 12.69 -14.92
C THR D 128 9.21 13.54 -16.01
N LYS D 129 10.01 14.48 -16.54
CA LYS D 129 9.52 15.43 -17.54
C LYS D 129 9.26 14.72 -18.87
N ILE D 130 10.00 13.65 -19.14
CA ILE D 130 9.83 12.93 -20.40
C ILE D 130 8.61 12.02 -20.32
N THR D 131 8.16 11.71 -19.10
CA THR D 131 6.99 10.87 -18.90
C THR D 131 5.71 11.63 -19.29
N LEU D 132 5.79 12.96 -19.24
CA LEU D 132 4.70 13.79 -19.73
C LEU D 132 4.51 13.56 -21.23
N GLU D 133 5.60 13.23 -21.93
CA GLU D 133 5.55 13.03 -23.37
C GLU D 133 4.95 11.66 -23.69
N LEU D 134 5.08 10.71 -22.77
CA LEU D 134 4.43 9.42 -22.90
C LEU D 134 2.92 9.60 -22.82
N LEU D 135 2.48 10.60 -22.03
CA LEU D 135 1.08 10.74 -21.66
C LEU D 135 0.44 11.94 -22.35
N ARG D 136 1.23 12.71 -23.11
CA ARG D 136 0.76 13.90 -23.79
C ARG D 136 -0.46 13.56 -24.65
N ASP D 137 -1.57 14.27 -24.39
CA ASP D 137 -2.78 14.23 -25.20
C ASP D 137 -3.51 12.90 -25.03
N ILE D 138 -3.38 12.30 -23.83
CA ILE D 138 -4.02 11.02 -23.54
C ILE D 138 -5.51 11.22 -23.33
N ASN D 139 -5.89 12.44 -22.94
CA ASN D 139 -7.28 12.77 -22.60
C ASN D 139 -7.97 13.38 -23.82
N LYS D 140 -7.35 13.26 -25.00
CA LYS D 140 -7.83 13.88 -26.23
C LYS D 140 -8.24 12.81 -27.25
N ASP D 141 -8.67 11.64 -26.76
CA ASP D 141 -9.17 10.54 -27.56
C ASP D 141 -8.14 10.12 -28.62
N THR D 142 -6.86 10.07 -28.23
CA THR D 142 -5.79 9.67 -29.13
C THR D 142 -5.64 8.15 -29.09
N ILE D 143 -5.87 7.58 -27.90
CA ILE D 143 -5.77 6.14 -27.69
C ILE D 143 -7.10 5.63 -27.14
N ASP D 144 -7.34 4.32 -27.30
CA ASP D 144 -8.57 3.70 -26.85
C ASP D 144 -8.45 3.29 -25.38
N PHE D 145 -9.56 3.42 -24.65
CA PHE D 145 -9.63 3.01 -23.27
C PHE D 145 -10.42 1.72 -23.16
N ILE D 146 -10.04 0.89 -22.17
CA ILE D 146 -10.70 -0.38 -21.94
C ILE D 146 -11.03 -0.49 -20.46
N ASP D 147 -12.00 -1.37 -20.14
CA ASP D 147 -12.37 -1.66 -18.77
C ASP D 147 -11.18 -2.25 -18.03
N ASN D 148 -11.21 -2.15 -16.70
CA ASN D 148 -10.20 -2.78 -15.86
C ASN D 148 -10.73 -4.16 -15.43
N TYR D 149 -9.94 -4.85 -14.61
CA TYR D 149 -10.20 -6.23 -14.24
C TYR D 149 -11.58 -6.40 -13.61
N ASP D 150 -11.95 -5.46 -12.72
CA ASP D 150 -13.20 -5.52 -11.97
C ASP D 150 -14.32 -4.84 -12.74
N GLY D 151 -13.96 -3.91 -13.64
CA GLY D 151 -14.93 -3.23 -14.49
C GLY D 151 -15.48 -1.96 -13.87
N ASN D 152 -14.87 -1.51 -12.76
CA ASN D 152 -15.30 -0.32 -12.05
C ASN D 152 -14.39 0.86 -12.42
N GLU D 153 -13.40 0.60 -13.28
CA GLU D 153 -12.48 1.63 -13.72
C GLU D 153 -12.16 1.46 -15.20
N ARG D 154 -11.64 2.53 -15.80
CA ARG D 154 -11.18 2.53 -17.17
C ARG D 154 -9.67 2.76 -17.17
N GLU D 155 -8.98 2.12 -18.13
CA GLU D 155 -7.54 2.24 -18.24
C GLU D 155 -7.15 2.32 -19.71
N PRO D 156 -6.01 2.96 -20.05
CA PRO D 156 -5.57 3.07 -21.45
C PRO D 156 -5.03 1.73 -21.93
N SER D 157 -5.27 1.42 -23.22
CA SER D 157 -4.76 0.21 -23.82
C SER D 157 -3.31 0.41 -24.26
N VAL D 158 -2.96 1.69 -24.50
CA VAL D 158 -1.65 2.12 -24.96
C VAL D 158 -1.54 3.62 -24.70
N LEU D 159 -0.33 4.12 -24.43
CA LEU D 159 -0.16 5.55 -24.20
C LEU D 159 0.15 6.22 -25.55
N PRO D 160 -0.19 7.52 -25.72
CA PRO D 160 0.18 8.26 -26.94
C PRO D 160 1.67 8.13 -27.28
N ALA D 161 2.52 8.19 -26.25
CA ALA D 161 3.95 7.96 -26.35
C ALA D 161 4.55 8.84 -27.45
N ARG D 162 4.87 10.08 -27.10
CA ARG D 162 5.27 11.05 -28.12
C ARG D 162 6.78 10.96 -28.40
N PHE D 163 7.42 9.94 -27.83
CA PHE D 163 8.79 9.59 -28.17
C PHE D 163 8.90 8.07 -28.25
N PRO D 164 9.74 7.50 -29.15
CA PRO D 164 9.81 6.05 -29.34
C PRO D 164 10.40 5.30 -28.14
N ASN D 165 9.52 4.90 -27.22
CA ASN D 165 9.89 4.49 -25.89
C ASN D 165 10.39 3.05 -25.89
N LEU D 166 9.93 2.24 -26.85
CA LEU D 166 10.31 0.84 -26.91
C LEU D 166 11.81 0.73 -27.17
N LEU D 167 12.33 1.55 -28.08
CA LEU D 167 13.72 1.45 -28.50
C LEU D 167 14.61 2.30 -27.59
N ALA D 168 14.04 3.37 -27.03
CA ALA D 168 14.79 4.28 -26.17
C ALA D 168 15.22 3.57 -24.89
N ASN D 169 14.25 3.01 -24.17
CA ASN D 169 14.52 2.44 -22.86
C ASN D 169 14.81 0.95 -22.96
N GLY D 170 14.39 0.34 -24.08
CA GLY D 170 14.49 -1.09 -24.27
C GLY D 170 13.56 -1.86 -23.34
N ALA D 171 13.73 -3.18 -23.32
CA ALA D 171 12.93 -4.04 -22.46
C ALA D 171 13.64 -5.37 -22.32
N SER D 172 13.37 -6.07 -21.21
CA SER D 172 13.66 -7.48 -21.06
C SER D 172 12.48 -8.14 -20.36
N GLY D 173 12.12 -9.35 -20.82
CA GLY D 173 10.92 -10.01 -20.35
C GLY D 173 10.97 -11.51 -20.62
N ILE D 174 10.87 -12.30 -19.56
CA ILE D 174 10.77 -13.74 -19.66
C ILE D 174 9.28 -14.07 -19.69
N ALA D 175 8.79 -14.50 -20.86
CA ALA D 175 7.38 -14.82 -20.98
C ALA D 175 7.19 -16.34 -20.83
N VAL D 176 6.31 -16.90 -21.65
CA VAL D 176 6.17 -18.34 -21.79
C VAL D 176 6.29 -18.69 -23.28
N GLY D 177 7.11 -19.69 -23.58
CA GLY D 177 7.35 -20.12 -24.96
C GLY D 177 8.26 -19.15 -25.71
N MET D 178 8.65 -18.05 -25.07
CA MET D 178 9.44 -17.00 -25.70
C MET D 178 9.83 -15.95 -24.66
N ALA D 179 10.73 -15.04 -25.08
CA ALA D 179 11.20 -13.96 -24.25
C ALA D 179 11.53 -12.75 -25.12
N THR D 180 11.83 -11.62 -24.47
CA THR D 180 12.25 -10.42 -25.15
C THR D 180 13.45 -9.81 -24.42
N ASN D 181 14.32 -9.13 -25.17
CA ASN D 181 15.53 -8.52 -24.65
C ASN D 181 15.96 -7.47 -25.66
N ILE D 182 15.58 -6.21 -25.40
CA ILE D 182 15.76 -5.11 -26.34
C ILE D 182 16.66 -4.07 -25.67
N PRO D 183 17.80 -3.68 -26.28
CA PRO D 183 18.73 -2.77 -25.64
C PRO D 183 18.20 -1.34 -25.73
N PRO D 184 18.50 -0.45 -24.76
CA PRO D 184 18.16 0.96 -24.89
C PRO D 184 18.96 1.64 -26.00
N HIS D 185 18.45 2.79 -26.48
CA HIS D 185 19.05 3.53 -27.58
C HIS D 185 19.10 5.02 -27.25
N ASN D 186 19.75 5.79 -28.12
CA ASN D 186 19.84 7.24 -27.97
C ASN D 186 18.62 7.88 -28.61
N LEU D 187 18.01 8.84 -27.91
CA LEU D 187 16.78 9.48 -28.36
C LEU D 187 17.03 10.38 -29.57
N THR D 188 18.16 11.10 -29.58
CA THR D 188 18.47 11.97 -30.70
C THR D 188 18.61 11.12 -31.97
N GLU D 189 19.22 9.95 -31.82
CA GLU D 189 19.46 9.03 -32.92
C GLU D 189 18.13 8.48 -33.43
N LEU D 190 17.27 8.04 -32.51
CA LEU D 190 16.04 7.35 -32.86
C LEU D 190 15.11 8.27 -33.64
N ILE D 191 14.97 9.52 -33.17
CA ILE D 191 14.04 10.47 -33.75
C ILE D 191 14.53 10.87 -35.14
N ASN D 192 15.84 11.08 -35.28
CA ASN D 192 16.47 11.34 -36.56
C ASN D 192 16.18 10.20 -37.53
N GLY D 193 16.15 8.98 -36.99
CA GLY D 193 15.83 7.78 -37.74
C GLY D 193 14.37 7.77 -38.20
N VAL D 194 13.47 8.15 -37.29
CA VAL D 194 12.03 8.21 -37.55
C VAL D 194 11.75 9.30 -38.58
N LEU D 195 12.45 10.44 -38.48
CA LEU D 195 12.31 11.53 -39.43
C LEU D 195 12.75 11.07 -40.81
N SER D 196 13.86 10.33 -40.86
CA SER D 196 14.41 9.78 -42.10
C SER D 196 13.42 8.79 -42.72
N LEU D 197 12.86 7.92 -41.87
CA LEU D 197 11.91 6.92 -42.33
C LEU D 197 10.68 7.61 -42.91
N SER D 198 10.21 8.68 -42.23
CA SER D 198 9.01 9.38 -42.63
C SER D 198 9.19 10.03 -44.01
N LYS D 199 10.44 10.30 -44.38
CA LYS D 199 10.80 10.96 -45.64
C LYS D 199 11.10 9.92 -46.72
N ASN D 200 11.21 8.65 -46.33
CA ASN D 200 11.55 7.58 -47.24
C ASN D 200 10.99 6.26 -46.72
N PRO D 201 9.77 5.85 -47.13
CA PRO D 201 9.19 4.58 -46.71
C PRO D 201 9.99 3.36 -47.16
N ASP D 202 10.85 3.56 -48.18
CA ASP D 202 11.62 2.48 -48.77
C ASP D 202 13.09 2.57 -48.36
N ILE D 203 13.34 3.22 -47.21
CA ILE D 203 14.68 3.36 -46.66
C ILE D 203 15.18 2.00 -46.20
N SER D 204 16.49 1.80 -46.24
CA SER D 204 17.12 0.56 -45.80
C SER D 204 17.51 0.64 -44.33
N ILE D 205 17.65 -0.53 -43.70
CA ILE D 205 18.20 -0.66 -42.35
C ILE D 205 19.57 0.01 -42.33
N ALA D 206 20.38 -0.26 -43.37
CA ALA D 206 21.71 0.28 -43.53
C ALA D 206 21.71 1.80 -43.36
N GLU D 207 20.77 2.46 -44.04
CA GLU D 207 20.66 3.92 -44.08
C GLU D 207 20.12 4.43 -42.74
N LEU D 208 19.23 3.64 -42.11
CA LEU D 208 18.69 3.95 -40.80
C LEU D 208 19.81 3.99 -39.77
N MET D 209 20.84 3.14 -39.98
CA MET D 209 21.92 3.00 -39.01
C MET D 209 22.91 4.15 -39.12
N GLU D 210 22.70 5.05 -40.09
CA GLU D 210 23.51 6.25 -40.19
C GLU D 210 23.08 7.24 -39.11
N ASP D 211 21.80 7.15 -38.73
CA ASP D 211 21.22 7.93 -37.65
C ASP D 211 21.41 7.17 -36.34
N ILE D 212 20.99 5.90 -36.32
CA ILE D 212 21.03 5.07 -35.12
C ILE D 212 22.26 4.17 -35.18
N GLU D 213 23.34 4.63 -34.51
CA GLU D 213 24.64 3.98 -34.48
C GLU D 213 24.51 2.56 -33.93
N GLY D 214 23.71 2.41 -32.87
CA GLY D 214 23.58 1.16 -32.14
C GLY D 214 23.00 1.41 -30.75
N PRO D 215 22.96 0.39 -29.86
CA PRO D 215 22.46 0.58 -28.50
C PRO D 215 23.23 1.68 -27.76
N ASP D 216 22.51 2.37 -26.87
CA ASP D 216 23.09 3.35 -25.97
C ASP D 216 22.64 3.01 -24.57
N PHE D 217 23.56 2.51 -23.74
CA PHE D 217 23.21 2.04 -22.42
C PHE D 217 23.37 3.18 -21.42
N PRO D 218 22.52 3.25 -20.37
CA PRO D 218 22.66 4.29 -19.35
C PRO D 218 23.97 4.15 -18.57
N THR D 219 24.60 2.98 -18.68
CA THR D 219 25.80 2.66 -17.93
C THR D 219 27.03 2.90 -18.79
N ALA D 220 26.81 3.49 -19.97
CA ALA D 220 27.85 3.88 -20.92
C ALA D 220 28.60 2.64 -21.42
N GLY D 221 29.87 2.53 -21.03
CA GLY D 221 30.72 1.42 -21.43
C GLY D 221 31.07 1.46 -22.90
N LEU D 222 31.44 0.30 -23.47
CA LEU D 222 31.86 0.19 -24.85
C LEU D 222 31.12 -0.97 -25.51
N ILE D 223 30.77 -0.79 -26.79
CA ILE D 223 30.31 -1.89 -27.64
C ILE D 223 31.44 -2.24 -28.60
N LEU D 224 31.72 -3.54 -28.70
CA LEU D 224 32.77 -4.08 -29.56
C LEU D 224 32.19 -4.40 -30.94
N GLY D 225 32.54 -3.57 -31.93
CA GLY D 225 32.19 -3.83 -33.32
C GLY D 225 30.77 -3.38 -33.66
N LYS D 226 30.38 -3.63 -34.91
CA LYS D 226 29.11 -3.14 -35.45
C LYS D 226 28.35 -4.28 -36.11
N SER D 227 29.00 -5.45 -36.24
CA SER D 227 28.40 -6.61 -36.88
C SER D 227 27.28 -7.18 -36.02
N GLY D 228 27.50 -7.21 -34.70
CA GLY D 228 26.46 -7.59 -33.77
C GLY D 228 25.23 -6.69 -33.91
N ILE D 229 25.48 -5.37 -33.95
CA ILE D 229 24.40 -4.40 -34.05
C ILE D 229 23.61 -4.64 -35.33
N ARG D 230 24.33 -4.77 -36.45
N ARG D 230 24.34 -4.77 -36.45
CA ARG D 230 23.73 -4.90 -37.77
CA ARG D 230 23.77 -4.91 -37.77
C ARG D 230 22.78 -6.10 -37.82
C ARG D 230 22.79 -6.09 -37.82
N ARG D 231 23.22 -7.24 -37.28
CA ARG D 231 22.46 -8.48 -37.36
C ARG D 231 21.16 -8.37 -36.55
N ALA D 232 21.26 -7.79 -35.35
CA ALA D 232 20.12 -7.60 -34.48
C ALA D 232 19.14 -6.59 -35.08
N TYR D 233 19.68 -5.64 -35.86
CA TYR D 233 18.81 -4.66 -36.50
C TYR D 233 18.10 -5.28 -37.71
N GLU D 234 18.79 -6.23 -38.37
CA GLU D 234 18.31 -6.82 -39.61
C GLU D 234 17.24 -7.88 -39.35
N THR D 235 17.40 -8.65 -38.25
CA THR D 235 16.62 -9.86 -38.04
C THR D 235 15.88 -9.82 -36.71
N GLY D 236 16.22 -8.84 -35.85
CA GLY D 236 15.65 -8.77 -34.50
C GLY D 236 16.40 -9.66 -33.52
N ARG D 237 17.44 -10.34 -34.01
CA ARG D 237 18.23 -11.26 -33.23
C ARG D 237 19.70 -11.03 -33.52
N GLY D 238 20.49 -10.91 -32.45
CA GLY D 238 21.92 -10.64 -32.59
C GLY D 238 22.61 -10.54 -31.24
N SER D 239 23.94 -10.67 -31.26
CA SER D 239 24.75 -10.70 -30.06
C SER D 239 25.72 -9.51 -30.08
N ILE D 240 25.59 -8.64 -29.09
CA ILE D 240 26.40 -7.43 -29.00
C ILE D 240 27.25 -7.52 -27.74
N GLN D 241 28.58 -7.44 -27.91
CA GLN D 241 29.52 -7.55 -26.82
C GLN D 241 29.69 -6.17 -26.17
N MET D 242 29.35 -6.08 -24.89
CA MET D 242 29.51 -4.88 -24.07
C MET D 242 30.77 -5.05 -23.21
N ARG D 243 31.70 -4.08 -23.31
CA ARG D 243 32.94 -4.12 -22.55
C ARG D 243 32.97 -2.96 -21.57
N SER D 244 33.56 -3.19 -20.40
CA SER D 244 33.82 -2.14 -19.43
C SER D 244 34.81 -1.14 -20.03
N ARG D 245 34.78 0.09 -19.50
CA ARG D 245 35.83 1.06 -19.78
C ARG D 245 36.91 0.90 -18.71
N ALA D 246 38.04 0.33 -19.14
CA ALA D 246 39.17 0.08 -18.27
C ALA D 246 40.42 0.69 -18.90
N VAL D 247 41.28 1.28 -18.07
CA VAL D 247 42.56 1.79 -18.52
C VAL D 247 43.67 1.20 -17.64
N ILE D 248 44.88 1.15 -18.21
CA ILE D 248 46.07 0.73 -17.50
C ILE D 248 47.01 1.94 -17.40
N GLU D 249 47.34 2.31 -16.16
CA GLU D 249 48.27 3.41 -15.92
C GLU D 249 49.49 2.89 -15.18
N GLU D 250 50.68 3.29 -15.67
CA GLU D 250 51.96 3.02 -15.03
C GLU D 250 52.00 3.73 -13.68
N ARG D 251 52.71 3.12 -12.73
CA ARG D 251 52.64 3.52 -11.33
C ARG D 251 54.03 3.82 -10.79
N GLY D 252 55.05 3.66 -11.64
CA GLY D 252 56.43 3.84 -11.20
C GLY D 252 57.00 2.55 -10.62
N GLY D 253 58.32 2.38 -10.77
CA GLY D 253 59.00 1.14 -10.42
C GLY D 253 58.48 -0.05 -11.23
N GLY D 254 57.96 0.23 -12.43
CA GLY D 254 57.44 -0.78 -13.34
C GLY D 254 56.02 -1.26 -13.00
N ARG D 255 55.43 -0.67 -11.96
N ARG D 255 55.43 -0.67 -11.96
CA ARG D 255 54.13 -1.08 -11.44
CA ARG D 255 54.13 -1.09 -11.45
C ARG D 255 53.03 -0.56 -12.36
C ARG D 255 53.02 -0.57 -12.36
N GLN D 256 51.89 -1.28 -12.36
CA GLN D 256 50.72 -0.94 -13.16
C GLN D 256 49.48 -1.23 -12.33
N ARG D 257 48.33 -0.71 -12.79
CA ARG D 257 47.04 -1.02 -12.20
C ARG D 257 45.94 -0.79 -13.24
N ILE D 258 44.88 -1.61 -13.14
CA ILE D 258 43.72 -1.46 -14.01
C ILE D 258 42.66 -0.65 -13.25
N VAL D 259 42.16 0.39 -13.92
CA VAL D 259 41.11 1.23 -13.35
C VAL D 259 39.86 1.11 -14.22
N VAL D 260 38.76 0.66 -13.60
CA VAL D 260 37.49 0.45 -14.29
C VAL D 260 36.50 1.52 -13.83
N THR D 261 35.85 2.19 -14.80
CA THR D 261 35.07 3.39 -14.52
C THR D 261 33.67 3.28 -15.11
N GLU D 262 33.44 2.22 -15.90
CA GLU D 262 32.17 1.95 -16.57
C GLU D 262 32.05 0.44 -16.77
N ILE D 263 30.88 -0.11 -16.42
CA ILE D 263 30.66 -1.55 -16.47
C ILE D 263 29.50 -1.86 -17.42
N PRO D 264 29.41 -3.09 -17.98
CA PRO D 264 28.32 -3.42 -18.89
C PRO D 264 26.94 -3.27 -18.25
N PHE D 265 25.95 -3.01 -19.10
CA PHE D 265 24.56 -2.84 -18.74
C PHE D 265 24.03 -4.09 -18.03
N GLN D 266 23.26 -3.84 -16.95
CA GLN D 266 22.56 -4.86 -16.18
C GLN D 266 23.54 -5.78 -15.45
N VAL D 267 24.77 -5.30 -15.23
CA VAL D 267 25.75 -6.05 -14.45
C VAL D 267 25.79 -5.51 -13.03
N ASN D 268 25.72 -6.42 -12.06
CA ASN D 268 25.78 -6.07 -10.65
C ASN D 268 27.25 -5.88 -10.27
N LYS D 269 27.60 -4.65 -9.85
CA LYS D 269 28.97 -4.23 -9.62
C LYS D 269 29.59 -5.05 -8.50
N ALA D 270 28.90 -5.12 -7.35
CA ALA D 270 29.38 -5.85 -6.19
C ALA D 270 29.61 -7.32 -6.55
N ARG D 271 28.68 -7.87 -7.35
N ARG D 271 28.68 -7.86 -7.36
CA ARG D 271 28.70 -9.28 -7.72
CA ARG D 271 28.68 -9.26 -7.74
C ARG D 271 29.85 -9.54 -8.69
C ARG D 271 29.83 -9.54 -8.71
N MET D 272 30.16 -8.54 -9.53
CA MET D 272 31.25 -8.63 -10.48
C MET D 272 32.58 -8.64 -9.75
N ILE D 273 32.67 -7.85 -8.66
CA ILE D 273 33.90 -7.72 -7.89
C ILE D 273 34.12 -9.00 -7.10
N GLU D 274 33.03 -9.57 -6.58
CA GLU D 274 33.05 -10.83 -5.84
C GLU D 274 33.61 -11.93 -6.75
N LYS D 275 33.20 -11.92 -8.02
CA LYS D 275 33.64 -12.89 -9.01
C LYS D 275 35.13 -12.76 -9.24
N ILE D 276 35.62 -11.52 -9.35
CA ILE D 276 37.03 -11.22 -9.53
C ILE D 276 37.81 -11.74 -8.33
N ALA D 277 37.34 -11.40 -7.12
CA ALA D 277 37.98 -11.82 -5.89
C ALA D 277 37.92 -13.34 -5.74
N GLU D 278 36.87 -13.95 -6.29
CA GLU D 278 36.70 -15.40 -6.28
C GLU D 278 37.78 -16.04 -7.15
N LEU D 279 38.08 -15.40 -8.29
CA LEU D 279 39.07 -15.92 -9.22
C LEU D 279 40.48 -15.75 -8.64
N VAL D 280 40.70 -14.67 -7.88
CA VAL D 280 41.99 -14.39 -7.28
C VAL D 280 42.20 -15.31 -6.09
N ARG D 281 41.13 -15.51 -5.31
CA ARG D 281 41.19 -16.34 -4.10
C ARG D 281 41.44 -17.79 -4.46
N ASP D 282 40.84 -18.25 -5.57
CA ASP D 282 40.96 -19.62 -6.02
C ASP D 282 42.23 -19.79 -6.87
N LYS D 283 42.92 -18.66 -7.12
CA LYS D 283 44.13 -18.60 -7.94
C LYS D 283 43.82 -19.05 -9.37
N LYS D 284 42.63 -18.68 -9.85
CA LYS D 284 42.20 -19.01 -11.21
C LYS D 284 42.81 -17.99 -12.18
N ILE D 285 43.08 -16.78 -11.68
CA ILE D 285 43.78 -15.76 -12.45
C ILE D 285 45.06 -15.39 -11.70
N ASP D 286 46.10 -15.01 -12.44
CA ASP D 286 47.42 -14.75 -11.87
C ASP D 286 47.86 -13.32 -12.15
N GLY D 287 48.29 -12.62 -11.10
CA GLY D 287 48.97 -11.35 -11.23
C GLY D 287 48.31 -10.20 -10.45
N ILE D 288 47.18 -10.49 -9.81
CA ILE D 288 46.44 -9.47 -9.08
C ILE D 288 46.85 -9.48 -7.61
N THR D 289 47.17 -8.30 -7.09
CA THR D 289 47.65 -8.16 -5.72
C THR D 289 46.56 -7.60 -4.81
N ASP D 290 45.75 -6.68 -5.35
CA ASP D 290 44.75 -5.99 -4.56
C ASP D 290 43.53 -5.64 -5.42
N LEU D 291 42.36 -5.61 -4.77
CA LEU D 291 41.10 -5.30 -5.43
C LEU D 291 40.29 -4.37 -4.53
N ARG D 292 40.06 -3.14 -5.00
CA ARG D 292 39.39 -2.12 -4.21
C ARG D 292 38.27 -1.50 -5.05
N ASP D 293 37.07 -1.41 -4.44
CA ASP D 293 35.95 -0.67 -5.01
C ASP D 293 35.98 0.73 -4.43
N GLU D 294 36.64 1.66 -5.13
CA GLU D 294 36.81 3.02 -4.66
C GLU D 294 35.67 3.89 -5.18
N THR D 295 34.60 3.25 -5.63
CA THR D 295 33.39 3.93 -6.07
C THR D 295 32.92 4.88 -4.98
N SER D 296 32.77 6.15 -5.39
CA SER D 296 32.26 7.19 -4.51
C SER D 296 31.23 8.01 -5.28
N LEU D 297 30.55 8.92 -4.57
N LEU D 297 30.52 8.89 -4.56
CA LEU D 297 29.55 9.78 -5.16
CA LEU D 297 29.56 9.80 -5.15
C LEU D 297 30.24 10.87 -5.99
C LEU D 297 30.28 10.77 -6.08
N ARG D 298 31.52 11.12 -5.69
CA ARG D 298 32.29 12.17 -6.34
C ARG D 298 32.90 11.65 -7.64
N THR D 299 33.42 10.41 -7.63
CA THR D 299 34.14 9.85 -8.75
C THR D 299 33.20 9.09 -9.68
N GLY D 300 32.08 8.60 -9.14
CA GLY D 300 31.25 7.64 -9.85
C GLY D 300 31.81 6.23 -9.69
N VAL D 301 31.50 5.35 -10.65
CA VAL D 301 32.03 3.99 -10.65
C VAL D 301 33.56 4.06 -10.76
N ARG D 302 34.24 3.31 -9.89
CA ARG D 302 35.70 3.24 -9.87
C ARG D 302 36.13 1.93 -9.21
N VAL D 303 36.71 1.02 -10.00
CA VAL D 303 37.24 -0.22 -9.47
C VAL D 303 38.74 -0.30 -9.78
N VAL D 304 39.55 -0.49 -8.74
CA VAL D 304 40.99 -0.50 -8.89
C VAL D 304 41.50 -1.93 -8.69
N ILE D 305 42.21 -2.43 -9.70
CA ILE D 305 42.84 -3.76 -9.68
C ILE D 305 44.36 -3.56 -9.77
N ASP D 306 45.04 -3.72 -8.64
CA ASP D 306 46.48 -3.63 -8.55
C ASP D 306 47.12 -4.88 -9.16
N VAL D 307 48.30 -4.70 -9.76
CA VAL D 307 48.95 -5.74 -10.53
C VAL D 307 50.41 -5.88 -10.09
N ARG D 308 50.86 -7.13 -9.96
CA ARG D 308 52.22 -7.49 -9.57
C ARG D 308 53.22 -6.98 -10.61
N LYS D 309 54.48 -6.84 -10.18
CA LYS D 309 55.52 -6.20 -10.97
C LYS D 309 55.82 -7.00 -12.24
N ASP D 310 55.88 -8.33 -12.09
CA ASP D 310 56.30 -9.22 -13.17
C ASP D 310 55.19 -9.39 -14.19
N ALA D 311 53.93 -9.30 -13.72
CA ALA D 311 52.76 -9.60 -14.53
C ALA D 311 52.49 -8.48 -15.54
N ASN D 312 51.92 -8.86 -16.68
CA ASN D 312 51.54 -7.94 -17.74
C ASN D 312 50.06 -7.60 -17.59
N ALA D 313 49.78 -6.29 -17.47
CA ALA D 313 48.45 -5.80 -17.12
C ALA D 313 47.47 -6.02 -18.27
N SER D 314 47.97 -5.94 -19.50
CA SER D 314 47.16 -6.10 -20.71
C SER D 314 46.60 -7.52 -20.79
N VAL D 315 47.43 -8.49 -20.39
CA VAL D 315 47.08 -9.90 -20.43
C VAL D 315 46.05 -10.18 -19.33
N ILE D 316 46.25 -9.55 -18.16
CA ILE D 316 45.36 -9.72 -17.03
C ILE D 316 44.00 -9.11 -17.36
N LEU D 317 44.01 -7.94 -18.02
CA LEU D 317 42.79 -7.23 -18.37
C LEU D 317 41.99 -8.05 -19.38
N ASN D 318 42.68 -8.62 -20.38
CA ASN D 318 42.04 -9.42 -21.41
C ASN D 318 41.42 -10.67 -20.80
N ASN D 319 42.13 -11.29 -19.86
CA ASN D 319 41.67 -12.48 -19.15
C ASN D 319 40.46 -12.14 -18.29
N LEU D 320 40.42 -10.91 -17.76
CA LEU D 320 39.31 -10.49 -16.92
C LEU D 320 38.05 -10.34 -17.76
N TYR D 321 38.21 -9.99 -19.04
CA TYR D 321 37.08 -9.85 -19.94
C TYR D 321 36.42 -11.21 -20.21
N LYS D 322 37.26 -12.25 -20.35
N LYS D 322 37.26 -12.25 -20.35
CA LYS D 322 36.81 -13.59 -20.69
CA LYS D 322 36.81 -13.59 -20.69
C LYS D 322 36.16 -14.26 -19.48
C LYS D 322 36.19 -14.29 -19.49
N GLN D 323 36.74 -14.02 -18.29
CA GLN D 323 36.44 -14.81 -17.11
C GLN D 323 35.39 -14.15 -16.21
N THR D 324 35.20 -12.84 -16.36
CA THR D 324 34.26 -12.13 -15.50
C THR D 324 33.22 -11.40 -16.34
N PRO D 325 32.15 -10.85 -15.72
CA PRO D 325 31.22 -9.97 -16.42
C PRO D 325 31.82 -8.61 -16.82
N LEU D 326 33.14 -8.47 -16.75
CA LEU D 326 33.80 -7.23 -17.14
C LEU D 326 33.53 -6.97 -18.63
N GLN D 327 33.53 -8.05 -19.42
CA GLN D 327 32.91 -8.05 -20.74
C GLN D 327 31.70 -8.99 -20.71
N THR D 328 30.57 -8.48 -21.17
CA THR D 328 29.30 -9.20 -21.15
C THR D 328 28.65 -9.04 -22.51
N SER D 329 27.98 -10.10 -23.00
CA SER D 329 27.18 -9.98 -24.21
C SER D 329 25.76 -9.59 -23.85
N PHE D 330 25.15 -8.75 -24.69
CA PHE D 330 23.72 -8.50 -24.69
C PHE D 330 23.11 -9.25 -25.86
N GLY D 331 22.32 -10.29 -25.55
CA GLY D 331 21.68 -11.10 -26.55
C GLY D 331 20.34 -10.50 -26.97
N VAL D 332 20.36 -9.76 -28.08
CA VAL D 332 19.20 -9.04 -28.56
C VAL D 332 18.20 -10.05 -29.13
N ASN D 333 16.92 -9.89 -28.72
CA ASN D 333 15.82 -10.72 -29.16
C ASN D 333 14.56 -9.86 -29.15
N MET D 334 14.23 -9.29 -30.33
CA MET D 334 13.31 -8.16 -30.37
C MET D 334 11.87 -8.62 -30.57
N ILE D 335 11.27 -9.17 -29.51
CA ILE D 335 9.89 -9.59 -29.56
C ILE D 335 9.02 -8.57 -28.82
N ALA D 336 8.15 -7.90 -29.59
CA ALA D 336 7.20 -6.95 -29.03
C ALA D 336 5.80 -7.35 -29.46
N LEU D 337 4.80 -6.75 -28.81
CA LEU D 337 3.41 -6.96 -29.19
C LEU D 337 3.06 -6.04 -30.36
N VAL D 338 2.56 -6.66 -31.43
CA VAL D 338 2.06 -5.92 -32.59
C VAL D 338 0.62 -6.37 -32.83
N ASN D 339 -0.31 -5.44 -32.62
CA ASN D 339 -1.74 -5.69 -32.78
C ASN D 339 -2.18 -6.81 -31.84
N GLY D 340 -1.54 -6.90 -30.67
CA GLY D 340 -1.92 -7.81 -29.60
C GLY D 340 -1.28 -9.19 -29.71
N ARG D 341 -0.30 -9.33 -30.61
CA ARG D 341 0.33 -10.62 -30.85
C ARG D 341 1.85 -10.48 -30.75
N PRO D 342 2.56 -11.51 -30.22
CA PRO D 342 4.01 -11.47 -30.08
C PRO D 342 4.66 -11.61 -31.44
N LYS D 343 5.54 -10.66 -31.76
CA LYS D 343 6.17 -10.63 -33.07
C LYS D 343 7.64 -10.29 -32.89
N LEU D 344 8.51 -11.12 -33.49
CA LEU D 344 9.93 -10.80 -33.60
C LEU D 344 10.08 -9.79 -34.72
N ILE D 345 10.57 -8.59 -34.37
CA ILE D 345 10.62 -7.47 -35.30
C ILE D 345 12.08 -7.07 -35.51
N ASN D 346 12.35 -6.41 -36.64
CA ASN D 346 13.63 -5.81 -36.94
C ASN D 346 13.54 -4.32 -36.60
N LEU D 347 14.65 -3.60 -36.78
CA LEU D 347 14.75 -2.20 -36.40
C LEU D 347 13.74 -1.35 -37.19
N LYS D 348 13.57 -1.67 -38.48
CA LYS D 348 12.68 -0.89 -39.34
C LYS D 348 11.23 -1.09 -38.92
N GLU D 349 10.83 -2.36 -38.72
CA GLU D 349 9.47 -2.70 -38.30
C GLU D 349 9.08 -1.87 -37.08
N ALA D 350 9.97 -1.87 -36.07
CA ALA D 350 9.72 -1.21 -34.80
C ALA D 350 9.50 0.28 -34.99
N LEU D 351 10.30 0.89 -35.88
CA LEU D 351 10.22 2.31 -36.16
C LEU D 351 8.94 2.62 -36.94
N VAL D 352 8.59 1.71 -37.86
CA VAL D 352 7.45 1.87 -38.75
C VAL D 352 6.16 1.82 -37.93
N HIS D 353 6.07 0.80 -37.05
CA HIS D 353 4.91 0.61 -36.20
C HIS D 353 4.70 1.86 -35.32
N TYR D 354 5.81 2.44 -34.86
CA TYR D 354 5.78 3.62 -34.03
C TYR D 354 5.29 4.83 -34.82
N LEU D 355 5.79 4.99 -36.05
CA LEU D 355 5.46 6.16 -36.86
C LEU D 355 3.96 6.17 -37.14
N GLU D 356 3.43 4.99 -37.48
CA GLU D 356 2.01 4.79 -37.74
C GLU D 356 1.22 5.11 -36.48
N HIS D 357 1.79 4.78 -35.32
CA HIS D 357 1.16 5.03 -34.04
C HIS D 357 1.05 6.53 -33.81
N GLN D 358 2.10 7.27 -34.18
CA GLN D 358 2.16 8.71 -34.02
C GLN D 358 1.17 9.39 -34.96
N LYS D 359 1.15 8.94 -36.22
CA LYS D 359 0.23 9.46 -37.24
C LYS D 359 -1.21 9.35 -36.74
N THR D 360 -1.56 8.19 -36.16
CA THR D 360 -2.90 7.95 -35.63
C THR D 360 -3.18 8.90 -34.47
N VAL D 361 -2.21 9.00 -33.55
CA VAL D 361 -2.35 9.83 -32.36
C VAL D 361 -2.59 11.28 -32.78
N VAL D 362 -1.78 11.76 -33.74
CA VAL D 362 -1.85 13.14 -34.19
C VAL D 362 -3.14 13.38 -34.96
N ARG D 363 -3.57 12.39 -35.77
CA ARG D 363 -4.78 12.47 -36.55
C ARG D 363 -6.01 12.46 -35.63
N ARG D 364 -5.97 11.59 -34.61
CA ARG D 364 -7.07 11.48 -33.67
C ARG D 364 -7.13 12.72 -32.77
N ARG D 365 -5.95 13.30 -32.46
CA ARG D 365 -5.90 14.48 -31.61
C ARG D 365 -6.51 15.66 -32.35
N THR D 366 -6.20 15.75 -33.65
CA THR D 366 -6.68 16.83 -34.49
C THR D 366 -8.19 16.74 -34.65
N GLN D 367 -8.68 15.51 -34.86
CA GLN D 367 -10.11 15.24 -35.00
C GLN D 367 -10.84 15.62 -33.72
N TYR D 368 -10.22 15.31 -32.56
CA TYR D 368 -10.80 15.62 -31.27
C TYR D 368 -10.86 17.13 -31.08
N ASN D 369 -9.76 17.83 -31.45
CA ASN D 369 -9.66 19.27 -31.27
C ASN D 369 -10.71 19.96 -32.15
N LEU D 370 -10.94 19.42 -33.36
CA LEU D 370 -11.88 19.98 -34.30
C LEU D 370 -13.31 19.79 -33.80
N ARG D 371 -13.56 18.65 -33.13
CA ARG D 371 -14.85 18.33 -32.56
C ARG D 371 -15.18 19.30 -31.43
N LYS D 372 -14.20 19.52 -30.54
CA LYS D 372 -14.39 20.34 -29.35
C LYS D 372 -14.53 21.81 -29.75
N ALA D 373 -13.70 22.27 -30.70
CA ALA D 373 -13.67 23.65 -31.13
C ALA D 373 -14.98 24.04 -31.81
N LYS D 374 -15.58 23.09 -32.54
CA LYS D 374 -16.83 23.34 -33.25
C LYS D 374 -17.99 23.34 -32.28
N ASP D 375 -17.89 22.52 -31.23
CA ASP D 375 -18.88 22.51 -30.16
C ASP D 375 -18.86 23.85 -29.44
N ARG D 376 -17.65 24.35 -29.16
CA ARG D 376 -17.43 25.58 -28.43
C ARG D 376 -17.85 26.78 -29.29
N ALA D 377 -17.66 26.66 -30.61
CA ALA D 377 -18.09 27.69 -31.55
C ALA D 377 -19.61 27.80 -31.56
N HIS D 378 -20.27 26.63 -31.55
CA HIS D 378 -21.72 26.53 -31.56
C HIS D 378 -22.30 27.27 -30.36
N ILE D 379 -21.62 27.10 -29.22
CA ILE D 379 -22.04 27.67 -27.94
C ILE D 379 -21.85 29.18 -27.97
N LEU D 380 -20.68 29.62 -28.49
CA LEU D 380 -20.32 31.04 -28.51
C LEU D 380 -21.26 31.80 -29.45
N GLU D 381 -21.70 31.13 -30.51
CA GLU D 381 -22.62 31.71 -31.48
C GLU D 381 -23.96 31.99 -30.81
N GLY D 382 -24.37 31.06 -29.93
CA GLY D 382 -25.60 31.19 -29.16
C GLY D 382 -25.51 32.33 -28.16
N LEU D 383 -24.34 32.46 -27.52
CA LEU D 383 -24.08 33.51 -26.54
C LEU D 383 -24.03 34.86 -27.24
N ARG D 384 -23.48 34.88 -28.47
CA ARG D 384 -23.37 36.10 -29.25
C ARG D 384 -24.76 36.63 -29.61
N ILE D 385 -25.63 35.71 -30.04
CA ILE D 385 -27.02 36.03 -30.33
C ILE D 385 -27.67 36.61 -29.08
N ALA D 386 -27.38 35.99 -27.92
CA ALA D 386 -28.03 36.34 -26.66
C ALA D 386 -27.62 37.74 -26.18
N LEU D 387 -26.34 38.07 -26.31
CA LEU D 387 -25.81 39.33 -25.80
C LEU D 387 -26.20 40.48 -26.73
N ASP D 388 -26.36 40.19 -28.03
CA ASP D 388 -26.70 41.19 -29.03
C ASP D 388 -28.16 41.61 -28.89
N HIS D 389 -28.99 40.72 -28.36
CA HIS D 389 -30.41 40.97 -28.22
C HIS D 389 -30.84 40.68 -26.79
N ILE D 390 -30.07 41.21 -25.83
CA ILE D 390 -30.19 40.81 -24.43
C ILE D 390 -31.56 41.19 -23.88
N ASP D 391 -32.07 42.37 -24.26
CA ASP D 391 -33.35 42.88 -23.79
C ASP D 391 -34.47 41.90 -24.14
N GLU D 392 -34.39 41.29 -25.32
CA GLU D 392 -35.39 40.36 -25.82
C GLU D 392 -35.25 39.03 -25.10
N ILE D 393 -34.00 38.68 -24.76
CA ILE D 393 -33.68 37.42 -24.11
C ILE D 393 -34.22 37.45 -22.68
N ILE D 394 -33.97 38.55 -21.96
CA ILE D 394 -34.46 38.73 -20.61
C ILE D 394 -35.97 38.57 -20.59
N SER D 395 -36.66 39.32 -21.47
CA SER D 395 -38.11 39.37 -21.56
C SER D 395 -38.68 37.97 -21.81
N THR D 396 -38.01 37.22 -22.71
CA THR D 396 -38.39 35.86 -23.08
C THR D 396 -38.30 34.92 -21.88
N ILE D 397 -37.25 35.09 -21.07
CA ILE D 397 -37.04 34.24 -19.91
C ILE D 397 -38.02 34.61 -18.81
N ARG D 398 -38.26 35.93 -18.62
CA ARG D 398 -39.09 36.42 -17.54
C ARG D 398 -40.56 36.03 -17.74
N GLU D 399 -40.97 35.91 -19.01
CA GLU D 399 -42.36 35.61 -19.31
C GLU D 399 -42.62 34.11 -19.19
N SER D 400 -41.56 33.36 -18.86
CA SER D 400 -41.60 31.90 -18.81
C SER D 400 -41.82 31.41 -17.39
N ASP D 401 -42.79 30.51 -17.22
CA ASP D 401 -43.25 30.07 -15.91
C ASP D 401 -42.28 29.05 -15.32
N THR D 402 -41.69 28.22 -16.18
CA THR D 402 -40.67 27.26 -15.78
C THR D 402 -39.42 27.48 -16.63
N ASP D 403 -38.36 26.73 -16.31
CA ASP D 403 -37.12 26.75 -17.07
C ASP D 403 -37.35 26.09 -18.43
N LYS D 404 -38.28 25.12 -18.48
CA LYS D 404 -38.56 24.34 -19.67
C LYS D 404 -39.21 25.22 -20.72
N VAL D 405 -40.11 26.11 -20.30
CA VAL D 405 -40.81 27.02 -21.18
C VAL D 405 -39.81 28.01 -21.79
N ALA D 406 -38.90 28.52 -20.95
CA ALA D 406 -37.87 29.46 -21.37
C ALA D 406 -37.01 28.81 -22.45
N MET D 407 -36.69 27.52 -22.25
CA MET D 407 -35.90 26.73 -23.17
C MET D 407 -36.53 26.75 -24.56
N GLU D 408 -37.84 26.46 -24.60
CA GLU D 408 -38.59 26.29 -25.84
C GLU D 408 -38.77 27.65 -26.54
N SER D 409 -39.02 28.69 -25.74
CA SER D 409 -39.28 30.02 -26.25
C SER D 409 -38.03 30.61 -26.90
N LEU D 410 -36.87 30.35 -26.30
CA LEU D 410 -35.60 30.82 -26.83
C LEU D 410 -35.28 30.14 -28.15
N GLN D 411 -35.56 28.83 -28.24
CA GLN D 411 -35.27 28.04 -29.42
C GLN D 411 -36.17 28.48 -30.57
N GLN D 412 -37.44 28.74 -30.26
CA GLN D 412 -38.42 29.12 -31.26
C GLN D 412 -38.11 30.53 -31.77
N ARG D 413 -37.96 31.48 -30.83
CA ARG D 413 -37.86 32.89 -31.17
C ARG D 413 -36.56 33.16 -31.92
N PHE D 414 -35.44 32.65 -31.39
CA PHE D 414 -34.14 33.06 -31.88
C PHE D 414 -33.49 31.96 -32.72
N LYS D 415 -34.28 30.93 -33.07
CA LYS D 415 -33.83 29.84 -33.93
C LYS D 415 -32.54 29.24 -33.37
N LEU D 416 -32.57 28.96 -32.06
CA LEU D 416 -31.41 28.45 -31.35
C LEU D 416 -31.53 26.94 -31.18
N SER D 417 -30.38 26.26 -31.09
CA SER D 417 -30.33 24.85 -30.75
C SER D 417 -30.57 24.69 -29.25
N GLU D 418 -30.76 23.43 -28.83
CA GLU D 418 -31.03 23.10 -27.44
C GLU D 418 -29.81 23.43 -26.57
N LYS D 419 -28.61 23.13 -27.09
CA LYS D 419 -27.37 23.38 -26.38
C LYS D 419 -27.13 24.88 -26.22
N GLN D 420 -27.47 25.65 -27.27
CA GLN D 420 -27.34 27.09 -27.26
C GLN D 420 -28.28 27.70 -26.22
N ALA D 421 -29.49 27.14 -26.13
CA ALA D 421 -30.53 27.64 -25.23
C ALA D 421 -30.13 27.39 -23.78
N GLN D 422 -29.51 26.24 -23.52
CA GLN D 422 -29.04 25.87 -22.19
C GLN D 422 -27.92 26.82 -21.74
N ALA D 423 -27.03 27.17 -22.67
CA ALA D 423 -25.86 27.98 -22.33
C ALA D 423 -26.30 29.40 -21.96
N ILE D 424 -27.37 29.87 -22.62
CA ILE D 424 -27.92 31.19 -22.39
C ILE D 424 -28.58 31.25 -21.00
N LEU D 425 -29.25 30.16 -20.63
CA LEU D 425 -29.92 30.09 -19.33
C LEU D 425 -28.88 29.94 -18.21
N ASP D 426 -27.71 29.41 -18.58
CA ASP D 426 -26.65 29.12 -17.61
C ASP D 426 -25.73 30.32 -17.47
N MET D 427 -26.06 31.42 -18.18
CA MET D 427 -25.22 32.60 -18.28
C MET D 427 -25.40 33.46 -17.03
N ARG D 428 -24.28 33.95 -16.48
CA ARG D 428 -24.28 34.78 -15.28
C ARG D 428 -24.52 36.24 -15.67
N LEU D 429 -25.07 37.00 -14.73
CA LEU D 429 -25.40 38.41 -14.94
C LEU D 429 -24.12 39.22 -15.20
N ARG D 430 -22.98 38.73 -14.71
CA ARG D 430 -21.72 39.44 -14.81
C ARG D 430 -21.23 39.46 -16.26
N ARG D 431 -21.88 38.66 -17.11
CA ARG D 431 -21.51 38.55 -18.51
C ARG D 431 -22.08 39.73 -19.31
N LEU D 432 -22.98 40.50 -18.68
CA LEU D 432 -23.68 41.57 -19.38
C LEU D 432 -22.87 42.86 -19.31
N THR D 433 -21.73 42.83 -18.60
CA THR D 433 -20.86 43.99 -18.46
C THR D 433 -20.06 44.18 -19.75
N GLY D 434 -19.35 45.32 -19.83
CA GLY D 434 -18.76 45.82 -21.07
C GLY D 434 -17.67 44.92 -21.64
N LEU D 435 -16.78 44.43 -20.78
CA LEU D 435 -15.56 43.76 -21.20
C LEU D 435 -15.88 42.38 -21.79
N GLU D 436 -16.96 41.77 -21.32
CA GLU D 436 -17.22 40.35 -21.54
C GLU D 436 -17.66 40.05 -22.97
N ARG D 437 -18.38 40.98 -23.61
CA ARG D 437 -18.89 40.80 -24.96
CA ARG D 437 -18.89 40.80 -24.96
C ARG D 437 -17.72 40.75 -25.94
N ASP D 438 -16.72 41.61 -25.72
CA ASP D 438 -15.52 41.64 -26.54
C ASP D 438 -14.71 40.36 -26.29
N LYS D 439 -14.83 39.81 -25.07
CA LYS D 439 -14.16 38.59 -24.68
C LYS D 439 -14.72 37.41 -25.47
N ILE D 440 -16.05 37.36 -25.59
CA ILE D 440 -16.73 36.26 -26.27
C ILE D 440 -16.40 36.33 -27.76
N GLU D 441 -16.33 37.55 -28.29
CA GLU D 441 -16.04 37.78 -29.70
C GLU D 441 -14.59 37.38 -30.00
N ALA D 442 -13.66 37.79 -29.12
CA ALA D 442 -12.25 37.51 -29.30
C ALA D 442 -11.98 36.01 -29.20
N GLU D 443 -12.70 35.34 -28.29
CA GLU D 443 -12.58 33.89 -28.12
C GLU D 443 -13.10 33.19 -29.37
N TYR D 444 -14.19 33.72 -29.94
CA TYR D 444 -14.87 33.09 -31.06
C TYR D 444 -14.09 33.30 -32.36
N ASN D 445 -13.39 34.44 -32.45
CA ASN D 445 -12.68 34.79 -33.67
C ASN D 445 -11.44 33.92 -33.83
N GLU D 446 -10.69 33.75 -32.74
N GLU D 446 -10.69 33.77 -32.73
CA GLU D 446 -9.46 32.96 -32.76
CA GLU D 446 -9.46 32.97 -32.71
C GLU D 446 -9.79 31.47 -32.85
C GLU D 446 -9.80 31.49 -32.86
N LEU D 447 -11.00 31.11 -32.41
CA LEU D 447 -11.51 29.75 -32.51
C LEU D 447 -11.73 29.39 -33.98
N LEU D 448 -12.29 30.33 -34.76
CA LEU D 448 -12.53 30.12 -36.17
C LEU D 448 -11.20 29.93 -36.90
N ASN D 449 -10.17 30.65 -36.45
CA ASN D 449 -8.82 30.52 -36.98
C ASN D 449 -8.30 29.11 -36.70
N TYR D 450 -8.51 28.64 -35.46
CA TYR D 450 -8.05 27.34 -35.00
C TYR D 450 -8.73 26.21 -35.77
N ILE D 451 -10.01 26.39 -36.09
CA ILE D 451 -10.82 25.37 -36.75
C ILE D 451 -10.29 25.12 -38.15
N SER D 452 -9.88 26.20 -38.84
CA SER D 452 -9.41 26.10 -40.22
C SER D 452 -8.02 25.49 -40.27
N GLU D 453 -7.21 25.76 -39.23
CA GLU D 453 -5.87 25.21 -39.10
C GLU D 453 -5.94 23.69 -38.94
N LEU D 454 -6.97 23.22 -38.21
CA LEU D 454 -7.15 21.81 -37.92
C LEU D 454 -7.65 21.09 -39.17
N GLU D 455 -8.45 21.80 -39.97
CA GLU D 455 -9.02 21.29 -41.20
C GLU D 455 -7.92 21.12 -42.25
N THR D 456 -6.94 22.02 -42.25
CA THR D 456 -5.81 21.99 -43.15
C THR D 456 -4.97 20.74 -42.87
N ILE D 457 -4.94 20.33 -41.60
CA ILE D 457 -4.20 19.16 -41.17
C ILE D 457 -4.92 17.90 -41.65
N LEU D 458 -6.25 17.90 -41.55
CA LEU D 458 -7.05 16.74 -41.89
C LEU D 458 -7.27 16.66 -43.40
N ALA D 459 -7.00 17.77 -44.11
CA ALA D 459 -7.22 17.81 -45.54
C ALA D 459 -6.07 17.15 -46.28
N ASP D 460 -4.85 17.32 -45.75
CA ASP D 460 -3.65 16.85 -46.42
C ASP D 460 -2.82 15.99 -45.46
N GLU D 461 -2.59 14.74 -45.87
CA GLU D 461 -1.79 13.80 -45.10
C GLU D 461 -0.35 14.31 -45.01
N GLU D 462 0.05 15.12 -46.00
CA GLU D 462 1.38 15.70 -46.04
C GLU D 462 1.53 16.72 -44.92
N VAL D 463 0.46 17.47 -44.64
CA VAL D 463 0.45 18.45 -43.56
C VAL D 463 0.50 17.72 -42.22
N LEU D 464 -0.29 16.63 -42.09
CA LEU D 464 -0.38 15.87 -40.86
C LEU D 464 0.98 15.24 -40.53
N LEU D 465 1.67 14.74 -41.56
CA LEU D 465 2.92 14.03 -41.39
C LEU D 465 4.02 15.02 -40.98
N GLN D 466 3.96 16.24 -41.52
CA GLN D 466 4.89 17.28 -41.15
C GLN D 466 4.67 17.68 -39.69
N LEU D 467 3.41 17.64 -39.24
CA LEU D 467 3.09 17.97 -37.86
C LEU D 467 3.76 16.96 -36.92
N VAL D 468 3.69 15.68 -37.27
CA VAL D 468 4.32 14.59 -36.53
C VAL D 468 5.82 14.87 -36.44
N ARG D 469 6.42 15.21 -37.59
CA ARG D 469 7.84 15.49 -37.71
C ARG D 469 8.25 16.56 -36.70
N ASP D 470 7.51 17.67 -36.72
CA ASP D 470 7.85 18.88 -35.98
C ASP D 470 7.76 18.65 -34.48
N GLU D 471 6.79 17.82 -34.05
CA GLU D 471 6.58 17.54 -32.64
C GLU D 471 7.70 16.63 -32.11
N LEU D 472 8.14 15.68 -32.95
CA LEU D 472 9.25 14.79 -32.63
C LEU D 472 10.55 15.58 -32.56
N THR D 473 10.64 16.62 -33.41
CA THR D 473 11.81 17.47 -33.49
C THR D 473 11.94 18.31 -32.22
N GLU D 474 10.80 18.75 -31.70
CA GLU D 474 10.73 19.51 -30.46
C GLU D 474 11.07 18.62 -29.27
N ILE D 475 10.68 17.34 -29.35
CA ILE D 475 10.96 16.39 -28.30
C ILE D 475 12.43 15.98 -28.36
N ARG D 476 13.01 16.03 -29.56
CA ARG D 476 14.40 15.68 -29.76
C ARG D 476 15.30 16.78 -29.17
N ASP D 477 14.93 18.04 -29.41
CA ASP D 477 15.73 19.17 -28.99
C ASP D 477 15.71 19.30 -27.47
N ARG D 478 14.58 18.94 -26.85
CA ARG D 478 14.40 19.16 -25.42
C ARG D 478 14.96 17.99 -24.61
N PHE D 479 14.83 16.77 -25.13
CA PHE D 479 15.08 15.56 -24.33
C PHE D 479 16.24 14.75 -24.90
N GLY D 480 16.72 15.13 -26.09
CA GLY D 480 17.87 14.48 -26.69
C GLY D 480 19.15 14.77 -25.90
N ASP D 481 20.05 13.79 -25.84
CA ASP D 481 21.31 13.93 -25.12
C ASP D 481 22.42 13.20 -25.88
N ASP D 482 23.63 13.23 -25.30
CA ASP D 482 24.80 12.65 -25.94
C ASP D 482 24.74 11.12 -25.85
N ARG D 483 25.44 10.48 -26.79
CA ARG D 483 25.73 9.05 -26.75
C ARG D 483 26.67 8.78 -25.59
N ARG D 484 26.40 7.71 -24.83
CA ARG D 484 27.19 7.36 -23.67
C ARG D 484 28.06 6.14 -24.00
N THR D 485 27.42 5.12 -24.59
CA THR D 485 28.09 3.90 -24.99
C THR D 485 28.89 4.14 -26.28
N GLU D 486 30.20 4.00 -26.17
CA GLU D 486 31.10 4.17 -27.31
C GLU D 486 31.19 2.85 -28.07
N ILE D 487 30.86 2.91 -29.36
CA ILE D 487 30.97 1.76 -30.24
C ILE D 487 32.34 1.82 -30.92
N GLN D 488 33.23 0.91 -30.50
CA GLN D 488 34.55 0.80 -31.10
C GLN D 488 34.46 -0.09 -32.34
N LEU D 489 34.94 0.43 -33.47
CA LEU D 489 35.00 -0.31 -34.73
C LEU D 489 36.44 -0.74 -35.01
MN MN G . 12.82 4.89 11.20
MN MN G . 11.29 5.89 12.38
NA NA H . 45.44 8.58 10.39
C1 GOL I . -19.31 -12.81 18.03
O1 GOL I . -18.76 -13.93 18.74
C2 GOL I . -20.42 -13.23 17.10
O2 GOL I . -20.07 -14.43 16.42
C3 GOL I . -20.81 -12.16 16.11
O3 GOL I . -22.05 -11.53 16.45
MN MN J . -3.41 -16.50 -6.16
S SO4 K . -23.60 27.95 -9.22
S SO4 K . -25.66 28.38 -9.05
O1 SO4 K . -23.26 28.93 -10.20
O1 SO4 K . -24.89 29.34 -9.80
O2 SO4 K . -25.01 27.65 -9.31
O2 SO4 K . -27.05 28.55 -9.34
O3 SO4 K . -22.85 26.74 -9.45
O3 SO4 K . -25.24 27.05 -9.42
O4 SO4 K . -23.30 28.45 -7.90
O4 SO4 K . -25.43 28.58 -7.65
O1 JHN L . 6.09 -13.49 4.73
O1 JHN L . 11.01 -8.72 4.73
C1 JHN L . 7.28 -13.29 4.99
C1 JHN L . 10.76 -9.90 4.96
C2 JHN L . 8.21 -14.22 5.56
C2 JHN L . 11.70 -10.91 5.36
C3 JHN L . 9.51 -13.85 5.80
C3 JHN L . 11.29 -12.21 5.60
C4 JHN L . 9.97 -12.57 5.49
C4 JHN L . 9.95 -12.57 5.44
N1 JHN L . 11.24 -12.10 5.69
N1 JHN L . 9.44 -13.83 5.63
C5 JHN L . 11.55 -10.84 5.34
C5 JHN L . 8.14 -14.06 5.44
C6 JHN L . 10.58 -9.90 4.76
C6 JHN L . 7.20 -13.01 5.02
O2 JHN L . 10.80 -8.73 4.44
O2 JHN L . 5.99 -13.17 4.83
N2 JHN L . 9.31 -10.47 4.61
N2 JHN L . 7.80 -11.78 4.85
C7 JHN L . 8.15 -9.77 4.06
C7 JHN L . 7.11 -10.56 4.44
C8 JHN L . 7.72 -8.56 4.90
C8 JHN L . 6.43 -10.67 3.08
N3 JHN L . 6.72 -7.75 4.21
N3 JHN L . 5.73 -9.42 2.73
C9 JHN L . 7.37 -6.74 3.37
C9 JHN L . 4.64 -9.17 3.67
C10 JHN L . 6.33 -6.00 2.55
C10 JHN L . 4.00 -7.82 3.38
C11 JHN L . 5.28 -5.35 3.45
C11 JHN L . 3.49 -7.75 1.95
C12 JHN L . 4.71 -6.38 4.41
C12 JHN L . 4.59 -8.15 0.98
C13 JHN L . 5.81 -7.11 5.15
C13 JHN L . 5.21 -9.49 1.37
N4 JHN L . 4.21 -4.75 2.64
N4 JHN L . 3.03 -6.39 1.65
C14 JHN L . 4.58 -3.46 2.03
C14 JHN L . 1.58 -6.20 1.73
C15 JHN L . 3.38 -2.62 1.69
C15 JHN L . 1.12 -4.88 1.17
C16 JHN L . 2.30 -3.16 1.07
C16 JHN L . 1.66 -3.71 1.59
C17 JHN L . 1.21 -2.34 0.78
C17 JHN L . 1.21 -2.52 1.03
C18 JHN L . -0.01 -2.89 0.09
C18 JHN L . 1.77 -1.19 1.47
C19 JHN L . -0.86 -1.80 -0.55
C19 JHN L . 1.07 0.01 0.85
C20 JHN L . -0.36 -0.39 -0.40
C20 JHN L . -0.29 -0.30 0.32
O3 JHN L . 0.25 -0.14 0.89
O3 JHN L . -0.26 -1.46 -0.56
C21 JHN L . 1.28 -1.01 1.14
C21 JHN L . 0.23 -2.58 0.05
C22 JHN L . 2.41 -0.53 1.77
C22 JHN L . -0.25 -3.81 -0.34
N5 JHN L . 3.43 -1.32 2.04
N5 JHN L . 0.18 -4.94 0.20
C23 JHN L . 7.06 -10.87 4.11
C23 JHN L . 8.27 -9.53 4.41
N6 JHN L . 7.76 -12.02 4.70
N6 JHN L . 9.45 -10.32 4.81
C24 JHN L . 9.04 -11.72 4.95
C24 JHN L . 9.11 -11.59 5.05
#